data_7ZLZ
#
_entry.id   7ZLZ
#
_cell.length_a   137.435
_cell.length_b   68.998
_cell.length_c   144.653
_cell.angle_alpha   90.000
_cell.angle_beta   94.568
_cell.angle_gamma   90.000
#
_symmetry.space_group_name_H-M   'C 1 2 1'
#
loop_
_entity.id
_entity.type
_entity.pdbx_description
1 polymer 'Steroid C26-monooxygenase'
2 non-polymer 'ethyl 1-(2-morpholin-4-ylethyl)-5-pyridin-4-yl-indole-2-carboxylate'
3 non-polymer 'PROTOPORPHYRIN IX CONTAINING FE'
4 non-polymer 'SULFATE ION'
5 water water
#
_entity_poly.entity_id   1
_entity_poly.type   'polypeptide(L)'
_entity_poly.pdbx_seq_one_letter_code
;NGPSPNLPPGFDFTDPAIYAERLPVAEFAELRSAAPIWWNGQDPGKGGGFHDGGFWAITKLNDVKEISRHSDVFSSYENG
VIPRFKNDIAREDIEVQRFVMLNMDAPHHTRLRKIISRGFTPRAVGRLHDELQERAQKIAAEAAAAGSGDFVEQVSCELP
LQAIAGLLGVPQEDRGKLFHWSNEMTGNEDPEYAHIDPKASSAELIGYAMKMAEEKAKNPADDIVTQLIQADIDGEKLSD
DEFGFFVVMLAVAGNETTRNSITQGMMAFAEHPDQWELYKKVRPETAADEIVRWATPVTAFQRTALRDYELSGVQIKKGQ
RVVMFYRSANFDEEVFQDPFTFNILRNPNPHVGFGGTGAHYCIGANLARMTINLIFNAVADHMPDLKPISAPERLRSGWL
NGIKHWQVDYTGRCPVAH
;
_entity_poly.pdbx_strand_id   A,B,C
#
loop_
_chem_comp.id
_chem_comp.type
_chem_comp.name
_chem_comp.formula
HEM non-polymer 'PROTOPORPHYRIN IX CONTAINING FE' 'C34 H32 Fe N4 O4'
JFC non-polymer 'ethyl 1-(2-morpholin-4-ylethyl)-5-pyridin-4-yl-indole-2-carboxylate' 'C22 H25 N3 O3'
SO4 non-polymer 'SULFATE ION' 'O4 S -2'
#
# COMPACT_ATOMS: atom_id res chain seq x y z
N GLY A 2 -33.76 27.92 -46.77
CA GLY A 2 -33.54 27.49 -48.14
C GLY A 2 -33.55 25.99 -48.32
N PRO A 3 -33.00 25.50 -49.43
CA PRO A 3 -33.02 24.05 -49.67
C PRO A 3 -32.09 23.31 -48.73
N SER A 4 -32.34 22.01 -48.59
CA SER A 4 -31.49 21.16 -47.78
C SER A 4 -30.15 20.94 -48.48
N PRO A 5 -29.10 20.65 -47.71
CA PRO A 5 -27.80 20.41 -48.34
C PRO A 5 -27.83 19.14 -49.17
N ASN A 6 -27.05 19.15 -50.25
CA ASN A 6 -26.97 18.02 -51.17
C ASN A 6 -25.99 17.01 -50.58
N LEU A 7 -26.51 16.17 -49.69
CA LEU A 7 -25.76 15.11 -49.04
C LEU A 7 -26.48 13.79 -49.20
N PRO A 8 -25.76 12.67 -49.18
CA PRO A 8 -26.44 11.37 -49.23
C PRO A 8 -27.40 11.22 -48.04
N PRO A 9 -28.52 10.54 -48.24
CA PRO A 9 -29.44 10.33 -47.11
C PRO A 9 -28.74 9.59 -45.98
N GLY A 10 -28.95 10.08 -44.76
CA GLY A 10 -28.36 9.47 -43.58
C GLY A 10 -26.88 9.73 -43.38
N PHE A 11 -26.26 10.57 -44.22
CA PHE A 11 -24.86 10.94 -44.02
C PHE A 11 -24.62 11.39 -42.57
N ASP A 12 -23.53 10.94 -41.99
CA ASP A 12 -23.15 11.29 -40.61
C ASP A 12 -21.68 11.69 -40.63
N PHE A 13 -21.41 12.95 -40.35
CA PHE A 13 -20.07 13.48 -40.47
C PHE A 13 -19.12 12.92 -39.42
N THR A 14 -19.61 12.14 -38.45
CA THR A 14 -18.74 11.45 -37.50
C THR A 14 -18.55 9.96 -37.83
N ASP A 15 -19.02 9.53 -38.99
CA ASP A 15 -18.94 8.13 -39.44
C ASP A 15 -17.49 7.71 -39.65
N PRO A 16 -16.95 6.80 -38.83
CA PRO A 16 -15.56 6.35 -39.04
C PRO A 16 -15.35 5.75 -40.41
N ALA A 17 -16.37 5.14 -41.01
CA ALA A 17 -16.21 4.49 -42.31
C ALA A 17 -15.88 5.50 -43.39
N ILE A 18 -16.27 6.75 -43.21
CA ILE A 18 -15.86 7.80 -44.13
C ILE A 18 -14.35 8.02 -44.02
N TYR A 19 -13.89 8.33 -42.81
CA TYR A 19 -12.51 8.77 -42.59
C TYR A 19 -11.51 7.65 -42.86
N ALA A 20 -11.93 6.38 -42.77
CA ALA A 20 -11.04 5.31 -43.19
C ALA A 20 -10.66 5.43 -44.66
N GLU A 21 -11.48 6.10 -45.45
CA GLU A 21 -11.27 6.24 -46.90
C GLU A 21 -10.84 7.63 -47.33
N ARG A 22 -11.38 8.67 -46.72
CA ARG A 22 -11.23 10.01 -47.26
C ARG A 22 -11.64 11.03 -46.21
N LEU A 23 -11.22 12.28 -46.41
CA LEU A 23 -11.83 13.38 -45.70
C LEU A 23 -13.03 13.90 -46.48
N PRO A 24 -14.18 14.11 -45.86
CA PRO A 24 -15.39 14.52 -46.64
C PRO A 24 -15.38 16.01 -46.94
N VAL A 25 -14.41 16.41 -47.75
CA VAL A 25 -14.15 17.84 -47.97
C VAL A 25 -15.28 18.48 -48.78
N ALA A 26 -15.82 17.78 -49.77
CA ALA A 26 -16.92 18.35 -50.54
C ALA A 26 -18.18 18.45 -49.68
N GLU A 27 -18.39 17.49 -48.78
CA GLU A 27 -19.58 17.52 -47.95
C GLU A 27 -19.52 18.68 -46.97
N PHE A 28 -18.37 18.88 -46.34
CA PHE A 28 -18.21 20.05 -45.49
C PHE A 28 -18.44 21.35 -46.26
N ALA A 29 -17.87 21.46 -47.46
CA ALA A 29 -18.05 22.70 -48.23
C ALA A 29 -19.53 22.91 -48.57
N GLU A 30 -20.25 21.81 -48.80
CA GLU A 30 -21.69 21.93 -49.08
C GLU A 30 -22.44 22.48 -47.87
N LEU A 31 -22.09 22.03 -46.66
CA LEU A 31 -22.75 22.57 -45.48
C LEU A 31 -22.41 24.06 -45.30
N ARG A 32 -21.14 24.43 -45.48
CA ARG A 32 -20.76 25.83 -45.31
C ARG A 32 -21.58 26.71 -46.24
N SER A 33 -21.83 26.24 -47.46
CA SER A 33 -22.59 27.04 -48.43
C SER A 33 -24.09 26.99 -48.17
N ALA A 34 -24.64 25.80 -47.95
CA ALA A 34 -26.09 25.65 -47.94
C ALA A 34 -26.71 25.46 -46.55
N ALA A 35 -25.93 25.07 -45.55
CA ALA A 35 -26.48 24.89 -44.21
C ALA A 35 -25.38 24.90 -43.16
N PRO A 36 -24.80 26.07 -42.85
CA PRO A 36 -23.57 26.08 -42.04
C PRO A 36 -23.75 25.52 -40.64
N ILE A 37 -24.95 25.61 -40.07
CA ILE A 37 -25.32 24.90 -38.85
C ILE A 37 -26.43 23.95 -39.23
N TRP A 38 -26.18 22.65 -39.12
CA TRP A 38 -27.05 21.64 -39.73
C TRP A 38 -27.24 20.49 -38.77
N TRP A 39 -28.48 20.07 -38.60
CA TRP A 39 -28.77 18.96 -37.70
C TRP A 39 -28.39 17.66 -38.40
N ASN A 40 -27.46 16.91 -37.78
CA ASN A 40 -26.98 15.64 -38.35
C ASN A 40 -27.67 14.56 -37.52
N GLY A 41 -28.75 14.03 -38.07
CA GLY A 41 -29.47 12.98 -37.39
C GLY A 41 -28.69 11.68 -37.32
N GLN A 42 -28.94 10.91 -36.26
CA GLN A 42 -28.31 9.61 -36.09
C GLN A 42 -29.36 8.57 -35.74
N ASP A 43 -29.34 7.47 -36.45
CA ASP A 43 -30.34 6.43 -36.26
C ASP A 43 -30.12 5.72 -34.93
N PRO A 44 -31.15 5.05 -34.43
CA PRO A 44 -31.01 4.39 -33.12
C PRO A 44 -29.82 3.42 -33.10
N GLY A 45 -28.98 3.56 -32.09
CA GLY A 45 -27.83 2.71 -31.95
C GLY A 45 -26.63 3.06 -32.80
N LYS A 46 -26.70 4.11 -33.62
CA LYS A 46 -25.63 4.44 -34.55
C LYS A 46 -24.97 5.78 -34.22
N GLY A 47 -25.07 6.22 -32.99
CA GLY A 47 -24.57 7.50 -32.56
C GLY A 47 -23.19 7.49 -31.94
N GLY A 48 -22.45 6.40 -32.09
CA GLY A 48 -21.08 6.36 -31.57
C GLY A 48 -20.99 6.53 -30.07
N GLY A 49 -21.95 6.01 -29.34
CA GLY A 49 -21.95 6.06 -27.88
C GLY A 49 -22.92 7.07 -27.30
N PHE A 50 -23.50 7.93 -28.14
CA PHE A 50 -24.48 8.93 -27.74
C PHE A 50 -25.83 8.60 -28.34
N HIS A 51 -26.89 8.71 -27.54
CA HIS A 51 -28.20 8.17 -27.85
C HIS A 51 -29.27 9.24 -27.76
N ASP A 52 -29.03 10.37 -28.46
CA ASP A 52 -29.86 11.56 -28.33
C ASP A 52 -30.43 12.01 -29.67
N GLY A 53 -30.32 11.21 -30.71
CA GLY A 53 -30.95 11.48 -31.97
C GLY A 53 -30.08 12.20 -32.97
N GLY A 54 -28.99 12.80 -32.54
CA GLY A 54 -28.08 13.47 -33.46
C GLY A 54 -27.42 14.64 -32.75
N PHE A 55 -26.88 15.53 -33.57
CA PHE A 55 -26.12 16.66 -33.09
C PHE A 55 -26.15 17.76 -34.13
N TRP A 56 -25.76 18.97 -33.70
CA TRP A 56 -25.61 20.10 -34.62
C TRP A 56 -24.20 20.10 -35.20
N ALA A 57 -24.10 20.01 -36.53
CA ALA A 57 -22.83 20.12 -37.23
C ALA A 57 -22.47 21.60 -37.36
N ILE A 58 -21.31 21.98 -36.81
CA ILE A 58 -20.84 23.37 -36.81
C ILE A 58 -19.68 23.44 -37.79
N THR A 59 -19.86 24.19 -38.90
CA THR A 59 -18.94 24.14 -40.02
C THR A 59 -18.20 25.44 -40.26
N LYS A 60 -18.58 26.54 -39.64
CA LYS A 60 -17.95 27.83 -39.86
C LYS A 60 -17.02 28.18 -38.71
N LEU A 61 -15.89 28.80 -39.06
CA LEU A 61 -14.87 29.13 -38.06
C LEU A 61 -15.40 30.10 -37.00
N ASN A 62 -16.15 31.12 -37.40
CA ASN A 62 -16.68 32.03 -36.38
C ASN A 62 -17.62 31.34 -35.38
N ASP A 63 -18.40 30.36 -35.84
CA ASP A 63 -19.25 29.61 -34.93
C ASP A 63 -18.43 28.70 -34.02
N VAL A 64 -17.41 28.08 -34.56
CA VAL A 64 -16.50 27.28 -33.73
C VAL A 64 -15.88 28.15 -32.63
N LYS A 65 -15.47 29.38 -32.98
CA LYS A 65 -14.88 30.24 -31.97
C LYS A 65 -15.92 30.65 -30.93
N GLU A 66 -17.14 30.97 -31.38
CA GLU A 66 -18.17 31.43 -30.45
C GLU A 66 -18.50 30.34 -29.43
N ILE A 67 -18.67 29.10 -29.92
CA ILE A 67 -18.90 27.98 -29.00
C ILE A 67 -17.72 27.83 -28.04
N SER A 68 -16.50 27.91 -28.56
CA SER A 68 -15.32 27.68 -27.73
C SER A 68 -15.13 28.74 -26.66
N ARG A 69 -15.46 30.01 -26.98
N ARG A 69 -15.48 30.00 -26.96
CA ARG A 69 -15.36 31.07 -26.00
CA ARG A 69 -15.35 31.09 -26.01
C ARG A 69 -16.42 30.94 -24.90
C ARG A 69 -16.48 31.12 -24.98
N HIS A 70 -17.64 30.53 -25.29
CA HIS A 70 -18.77 30.48 -24.37
C HIS A 70 -18.83 29.12 -23.68
N SER A 71 -17.74 28.78 -22.97
CA SER A 71 -17.68 27.52 -22.25
C SER A 71 -18.63 27.51 -21.06
N ASP A 72 -19.14 28.67 -20.65
CA ASP A 72 -20.17 28.70 -19.61
C ASP A 72 -21.46 28.05 -20.10
N VAL A 73 -21.75 28.15 -21.40
CA VAL A 73 -22.92 27.51 -21.99
C VAL A 73 -22.59 26.16 -22.60
N PHE A 74 -21.49 26.06 -23.33
CA PHE A 74 -21.19 24.86 -24.10
C PHE A 74 -20.19 24.04 -23.30
N SER A 75 -20.70 22.98 -22.68
CA SER A 75 -19.93 22.22 -21.70
C SER A 75 -19.11 21.10 -22.35
N SER A 76 -17.89 20.93 -21.84
CA SER A 76 -17.07 19.77 -22.15
C SER A 76 -17.41 18.59 -21.26
N TYR A 77 -17.78 18.86 -20.02
CA TYR A 77 -17.94 17.80 -19.02
C TYR A 77 -19.19 16.96 -19.31
N GLU A 78 -20.25 17.58 -19.80
N GLU A 78 -20.26 17.56 -19.81
CA GLU A 78 -21.56 16.93 -19.79
CA GLU A 78 -21.56 16.88 -19.72
C GLU A 78 -21.55 15.62 -20.55
C GLU A 78 -21.57 15.60 -20.54
N ASN A 79 -20.98 15.62 -21.74
CA ASN A 79 -20.89 14.43 -22.56
C ASN A 79 -19.47 14.15 -23.04
N GLY A 80 -18.45 14.82 -22.49
CA GLY A 80 -17.09 14.73 -22.97
C GLY A 80 -17.03 15.48 -24.30
N VAL A 81 -15.83 15.54 -24.86
CA VAL A 81 -15.59 16.26 -26.10
C VAL A 81 -15.29 15.34 -27.28
N ILE A 82 -15.10 14.04 -27.06
CA ILE A 82 -14.95 13.09 -28.17
C ILE A 82 -16.33 12.80 -28.73
N PRO A 83 -16.57 13.01 -30.04
CA PRO A 83 -17.94 12.87 -30.57
C PRO A 83 -18.24 11.50 -31.15
N ARG A 84 -17.31 10.55 -31.05
CA ARG A 84 -17.56 9.23 -31.62
C ARG A 84 -16.70 8.18 -30.96
N PHE A 85 -17.35 7.15 -30.43
CA PHE A 85 -16.77 5.92 -29.95
C PHE A 85 -17.44 4.76 -30.67
N LYS A 86 -17.03 3.54 -30.36
CA LYS A 86 -17.80 2.38 -30.79
C LYS A 86 -19.26 2.56 -30.38
N ASN A 87 -20.17 2.10 -31.24
CA ASN A 87 -21.60 2.32 -30.98
C ASN A 87 -22.07 1.66 -29.67
N ASP A 88 -21.35 0.67 -29.16
CA ASP A 88 -21.79 -0.06 -27.98
C ASP A 88 -21.04 0.33 -26.72
N ILE A 89 -20.27 1.42 -26.75
CA ILE A 89 -19.54 1.82 -25.56
C ILE A 89 -20.52 2.08 -24.42
N ALA A 90 -20.15 1.63 -23.22
CA ALA A 90 -20.99 1.84 -22.06
C ALA A 90 -20.91 3.31 -21.62
N ARG A 91 -22.03 3.86 -21.19
CA ARG A 91 -22.02 5.24 -20.72
C ARG A 91 -20.97 5.46 -19.63
N GLU A 92 -20.76 4.48 -18.77
CA GLU A 92 -19.78 4.65 -17.71
C GLU A 92 -18.37 4.85 -18.28
N ASP A 93 -18.05 4.21 -19.40
CA ASP A 93 -16.74 4.38 -20.02
C ASP A 93 -16.58 5.73 -20.73
N ILE A 94 -17.68 6.41 -21.04
CA ILE A 94 -17.57 7.81 -21.46
C ILE A 94 -17.35 8.70 -20.23
N GLU A 95 -18.12 8.48 -19.17
CA GLU A 95 -18.05 9.37 -18.01
C GLU A 95 -16.72 9.24 -17.27
N VAL A 96 -16.06 8.08 -17.35
CA VAL A 96 -14.76 7.96 -16.69
C VAL A 96 -13.76 8.94 -17.33
N GLN A 97 -14.02 9.38 -18.55
CA GLN A 97 -13.12 10.33 -19.20
C GLN A 97 -13.23 11.72 -18.63
N ARG A 98 -14.20 11.97 -17.75
CA ARG A 98 -14.30 13.26 -17.10
C ARG A 98 -13.17 13.50 -16.11
N PHE A 99 -12.35 12.49 -15.82
CA PHE A 99 -11.23 12.69 -14.92
C PHE A 99 -10.00 13.29 -15.59
N VAL A 100 -10.03 13.54 -16.91
CA VAL A 100 -8.95 14.29 -17.55
C VAL A 100 -9.41 15.73 -17.78
N MET A 101 -8.45 16.66 -17.66
N MET A 101 -8.47 16.67 -17.68
CA MET A 101 -8.74 18.08 -17.77
CA MET A 101 -8.83 18.08 -17.72
C MET A 101 -9.56 18.42 -18.99
C MET A 101 -9.56 18.47 -19.01
N LEU A 102 -9.33 17.73 -20.10
CA LEU A 102 -10.03 18.04 -21.36
C LEU A 102 -11.56 17.98 -21.21
N ASN A 103 -12.05 17.08 -20.33
CA ASN A 103 -13.47 16.83 -20.17
C ASN A 103 -14.04 17.41 -18.88
N MET A 104 -13.46 18.51 -18.41
CA MET A 104 -13.91 19.19 -17.20
C MET A 104 -14.36 20.60 -17.55
N ASP A 105 -15.31 21.10 -16.77
CA ASP A 105 -15.71 22.49 -16.82
C ASP A 105 -15.15 23.23 -15.63
N ALA A 106 -15.23 24.56 -15.70
CA ALA A 106 -14.97 25.40 -14.55
C ALA A 106 -15.97 25.08 -13.44
N PRO A 107 -15.56 25.18 -12.17
CA PRO A 107 -14.23 25.60 -11.69
C PRO A 107 -13.17 24.52 -11.61
N HIS A 108 -13.56 23.24 -11.71
CA HIS A 108 -12.56 22.17 -11.63
C HIS A 108 -11.50 22.33 -12.74
N HIS A 109 -11.94 22.62 -13.97
CA HIS A 109 -10.99 22.80 -15.06
C HIS A 109 -10.08 23.99 -14.80
N THR A 110 -10.63 25.06 -14.24
CA THR A 110 -9.85 26.26 -14.00
C THR A 110 -8.71 25.99 -13.03
N ARG A 111 -9.00 25.30 -11.93
CA ARG A 111 -7.95 24.93 -10.98
C ARG A 111 -6.88 24.06 -11.65
N LEU A 112 -7.30 23.00 -12.34
N LEU A 112 -7.31 23.00 -12.34
CA LEU A 112 -6.32 22.07 -12.89
CA LEU A 112 -6.39 22.04 -12.93
C LEU A 112 -5.51 22.71 -14.01
C LEU A 112 -5.53 22.71 -14.00
N ARG A 113 -6.15 23.54 -14.84
CA ARG A 113 -5.40 24.23 -15.89
C ARG A 113 -4.33 25.14 -15.28
N LYS A 114 -4.66 25.86 -14.22
CA LYS A 114 -3.68 26.74 -13.58
C LYS A 114 -2.46 25.93 -13.11
N ILE A 115 -2.70 24.82 -12.42
CA ILE A 115 -1.57 24.01 -11.96
C ILE A 115 -0.75 23.51 -13.14
N ILE A 116 -1.43 22.93 -14.14
CA ILE A 116 -0.74 22.29 -15.24
C ILE A 116 0.02 23.30 -16.08
N SER A 117 -0.42 24.56 -16.07
N SER A 117 -0.41 24.55 -16.07
CA SER A 117 0.30 25.59 -16.82
CA SER A 117 0.29 25.58 -16.82
C SER A 117 1.73 25.74 -16.35
C SER A 117 1.73 25.76 -16.34
N ARG A 118 2.05 25.32 -15.11
CA ARG A 118 3.44 25.35 -14.66
C ARG A 118 4.31 24.48 -15.55
N GLY A 119 3.73 23.45 -16.15
CA GLY A 119 4.46 22.51 -16.98
C GLY A 119 4.56 22.89 -18.43
N PHE A 120 3.92 24.00 -18.83
CA PHE A 120 3.92 24.40 -20.22
C PHE A 120 4.27 25.86 -20.37
N THR A 121 5.07 26.36 -19.42
CA THR A 121 5.59 27.71 -19.57
C THR A 121 6.45 27.75 -20.84
N PRO A 122 6.61 28.93 -21.44
CA PRO A 122 7.53 29.02 -22.59
C PRO A 122 8.93 28.58 -22.24
N ARG A 123 9.41 28.87 -21.03
CA ARG A 123 10.75 28.41 -20.66
C ARG A 123 10.81 26.89 -20.59
N ALA A 124 9.81 26.26 -19.98
CA ALA A 124 9.80 24.79 -19.92
C ALA A 124 9.82 24.17 -21.30
N VAL A 125 9.03 24.71 -22.23
CA VAL A 125 8.99 24.17 -23.58
C VAL A 125 10.29 24.46 -24.31
N GLY A 126 10.80 25.69 -24.17
CA GLY A 126 12.04 26.03 -24.84
C GLY A 126 13.22 25.21 -24.34
N ARG A 127 13.16 24.76 -23.10
CA ARG A 127 14.23 23.91 -22.56
C ARG A 127 14.35 22.59 -23.30
N LEU A 128 13.31 22.20 -24.04
CA LEU A 128 13.36 20.96 -24.82
C LEU A 128 13.93 21.17 -26.21
N HIS A 129 14.17 22.41 -26.61
CA HIS A 129 14.48 22.70 -28.01
C HIS A 129 15.71 21.95 -28.49
N ASP A 130 16.80 21.99 -27.71
CA ASP A 130 18.06 21.42 -28.20
C ASP A 130 18.00 19.90 -28.28
N GLU A 131 17.45 19.24 -27.24
CA GLU A 131 17.33 17.78 -27.30
C GLU A 131 16.37 17.31 -28.41
N LEU A 132 15.28 18.04 -28.63
CA LEU A 132 14.36 17.64 -29.68
C LEU A 132 14.94 17.91 -31.05
N GLN A 133 15.75 18.96 -31.18
CA GLN A 133 16.44 19.20 -32.44
C GLN A 133 17.46 18.09 -32.72
N GLU A 134 18.21 17.68 -31.70
CA GLU A 134 19.14 16.56 -31.88
C GLU A 134 18.40 15.29 -32.30
N ARG A 135 17.30 14.98 -31.60
CA ARG A 135 16.56 13.77 -31.90
C ARG A 135 15.96 13.83 -33.30
N ALA A 136 15.51 15.01 -33.72
CA ALA A 136 14.92 15.13 -35.06
C ALA A 136 15.96 14.86 -36.14
N GLN A 137 17.17 15.40 -35.98
CA GLN A 137 18.22 15.15 -36.96
C GLN A 137 18.56 13.65 -37.03
N LYS A 138 18.62 12.99 -35.89
CA LYS A 138 18.93 11.57 -35.88
C LYS A 138 17.81 10.76 -36.54
N ILE A 139 16.57 11.11 -36.25
CA ILE A 139 15.44 10.37 -36.83
C ILE A 139 15.50 10.47 -38.36
N ALA A 140 15.75 11.66 -38.89
CA ALA A 140 15.77 11.83 -40.33
C ALA A 140 16.99 11.16 -40.95
N ALA A 141 18.12 11.22 -40.27
CA ALA A 141 19.32 10.55 -40.78
C ALA A 141 19.13 9.04 -40.83
N GLU A 142 18.53 8.46 -39.77
CA GLU A 142 18.32 7.02 -39.75
C GLU A 142 17.32 6.61 -40.82
N ALA A 143 16.28 7.42 -41.04
CA ALA A 143 15.32 7.09 -42.09
C ALA A 143 15.98 7.16 -43.47
N ALA A 144 16.69 8.24 -43.75
CA ALA A 144 17.37 8.38 -45.02
C ALA A 144 18.29 7.19 -45.27
N ALA A 145 19.01 6.75 -44.26
CA ALA A 145 19.91 5.61 -44.39
C ALA A 145 19.19 4.32 -44.73
N ALA A 146 17.89 4.22 -44.46
CA ALA A 146 17.14 3.01 -44.78
C ALA A 146 16.69 2.98 -46.24
N GLY A 147 16.84 4.08 -46.97
CA GLY A 147 16.51 4.10 -48.38
C GLY A 147 15.04 4.41 -48.63
N SER A 148 14.17 3.52 -48.19
CA SER A 148 12.74 3.69 -48.33
C SER A 148 12.06 3.04 -47.14
N GLY A 149 10.79 3.41 -46.93
CA GLY A 149 10.05 2.79 -45.85
C GLY A 149 8.80 3.58 -45.54
N ASP A 150 8.25 3.28 -44.36
CA ASP A 150 6.99 3.89 -43.92
C ASP A 150 7.29 5.23 -43.25
N PHE A 151 6.97 6.32 -43.95
CA PHE A 151 7.24 7.66 -43.43
C PHE A 151 6.54 7.87 -42.09
N VAL A 152 5.34 7.32 -41.90
CA VAL A 152 4.62 7.49 -40.64
C VAL A 152 5.43 6.92 -39.49
N GLU A 153 6.02 5.73 -39.68
CA GLU A 153 6.71 5.05 -38.61
C GLU A 153 8.14 5.52 -38.44
N GLN A 154 8.83 5.85 -39.55
CA GLN A 154 10.25 6.18 -39.46
C GLN A 154 10.53 7.66 -39.35
N VAL A 155 9.54 8.53 -39.62
CA VAL A 155 9.74 9.97 -39.51
C VAL A 155 8.74 10.63 -38.56
N SER A 156 7.47 10.26 -38.62
CA SER A 156 6.45 11.03 -37.92
C SER A 156 6.24 10.61 -36.46
N CYS A 157 6.45 9.33 -36.13
N CYS A 157 6.41 9.35 -36.09
CA CYS A 157 5.97 8.80 -34.86
CA CYS A 157 5.87 8.96 -34.79
C CYS A 157 6.83 9.21 -33.67
C CYS A 157 6.82 9.14 -33.61
N GLU A 158 8.15 9.12 -33.82
CA GLU A 158 9.02 9.13 -32.65
C GLU A 158 9.12 10.51 -32.00
N LEU A 159 9.27 11.58 -32.78
CA LEU A 159 9.56 12.87 -32.16
C LEU A 159 8.44 13.36 -31.25
N PRO A 160 7.16 13.25 -31.61
CA PRO A 160 6.11 13.65 -30.65
C PRO A 160 6.20 12.86 -29.34
N LEU A 161 6.47 11.57 -29.42
CA LEU A 161 6.59 10.76 -28.20
C LEU A 161 7.81 11.19 -27.40
N GLN A 162 8.92 11.53 -28.05
CA GLN A 162 10.09 11.98 -27.31
C GLN A 162 9.85 13.35 -26.67
N ALA A 163 8.95 14.14 -27.24
CA ALA A 163 8.60 15.41 -26.65
C ALA A 163 7.81 15.21 -25.36
N ILE A 164 6.88 14.27 -25.35
CA ILE A 164 6.15 13.96 -24.10
C ILE A 164 7.11 13.42 -23.06
N ALA A 165 7.96 12.49 -23.46
CA ALA A 165 8.92 11.91 -22.51
C ALA A 165 9.85 12.97 -21.94
N GLY A 166 10.32 13.89 -22.78
CA GLY A 166 11.25 14.90 -22.29
C GLY A 166 10.58 15.91 -21.39
N LEU A 167 9.36 16.29 -21.72
CA LEU A 167 8.61 17.17 -20.83
C LEU A 167 8.42 16.52 -19.46
N LEU A 168 8.10 15.24 -19.43
CA LEU A 168 7.81 14.55 -18.18
C LEU A 168 9.05 14.06 -17.45
N GLY A 169 10.22 14.13 -18.08
CA GLY A 169 11.43 13.58 -17.50
C GLY A 169 11.41 12.08 -17.35
N VAL A 170 10.84 11.37 -18.33
CA VAL A 170 10.75 9.92 -18.24
C VAL A 170 12.11 9.31 -18.56
N PRO A 171 12.66 8.46 -17.70
CA PRO A 171 13.95 7.85 -18.00
C PRO A 171 13.92 7.09 -19.32
N GLN A 172 15.08 6.99 -19.96
CA GLN A 172 15.14 6.39 -21.29
C GLN A 172 14.74 4.92 -21.26
N GLU A 173 15.05 4.20 -20.19
CA GLU A 173 14.69 2.79 -20.13
C GLU A 173 13.18 2.58 -19.97
N ASP A 174 12.43 3.63 -19.61
CA ASP A 174 10.98 3.53 -19.51
C ASP A 174 10.25 4.05 -20.74
N ARG A 175 10.96 4.73 -21.64
CA ARG A 175 10.28 5.37 -22.76
C ARG A 175 9.64 4.36 -23.70
N GLY A 176 10.22 3.18 -23.82
CA GLY A 176 9.56 2.12 -24.58
C GLY A 176 8.20 1.75 -24.03
N LYS A 177 8.10 1.60 -22.71
CA LYS A 177 6.81 1.30 -22.08
C LYS A 177 5.85 2.46 -22.24
N LEU A 178 6.32 3.69 -21.98
CA LEU A 178 5.46 4.85 -22.15
C LEU A 178 4.89 4.95 -23.57
N PHE A 179 5.74 4.75 -24.59
CA PHE A 179 5.29 4.88 -25.98
C PHE A 179 4.27 3.79 -26.31
N HIS A 180 4.49 2.58 -25.79
CA HIS A 180 3.52 1.51 -26.00
C HIS A 180 2.15 1.89 -25.41
N TRP A 181 2.14 2.30 -24.15
CA TRP A 181 0.87 2.69 -23.53
C TRP A 181 0.20 3.82 -24.33
N SER A 182 0.96 4.83 -24.71
N SER A 182 0.97 4.83 -24.71
CA SER A 182 0.41 5.94 -25.49
CA SER A 182 0.41 5.94 -25.49
C SER A 182 -0.20 5.45 -26.80
C SER A 182 -0.20 5.45 -26.80
N ASN A 183 0.48 4.52 -27.49
CA ASN A 183 -0.02 4.06 -28.78
C ASN A 183 -1.24 3.17 -28.63
N GLU A 184 -1.50 2.63 -27.43
CA GLU A 184 -2.68 1.79 -27.21
C GLU A 184 -3.93 2.59 -26.81
N MET A 185 -3.88 3.91 -26.87
N MET A 185 -3.86 3.91 -26.84
CA MET A 185 -4.96 4.74 -26.35
CA MET A 185 -4.98 4.72 -26.36
C MET A 185 -5.97 5.17 -27.40
C MET A 185 -6.02 4.96 -27.43
N THR A 186 -5.60 5.14 -28.68
CA THR A 186 -6.52 5.52 -29.74
C THR A 186 -6.45 4.54 -30.91
N GLY A 187 -7.49 4.59 -31.76
CA GLY A 187 -7.54 3.82 -32.98
C GLY A 187 -8.29 2.51 -32.87
N ASN A 188 -8.93 2.23 -31.73
CA ASN A 188 -9.48 0.89 -31.50
C ASN A 188 -10.69 0.56 -32.38
N GLU A 189 -11.21 1.53 -33.13
CA GLU A 189 -12.24 1.22 -34.12
C GLU A 189 -11.67 0.85 -35.48
N ASP A 190 -10.34 0.92 -35.66
CA ASP A 190 -9.70 0.48 -36.90
C ASP A 190 -9.34 -1.00 -36.79
N PRO A 191 -9.62 -1.79 -37.83
CA PRO A 191 -9.31 -3.24 -37.74
C PRO A 191 -7.86 -3.52 -37.38
N GLU A 192 -6.92 -2.66 -37.80
CA GLU A 192 -5.51 -2.89 -37.49
C GLU A 192 -5.26 -2.82 -35.98
N TYR A 193 -6.08 -2.05 -35.25
CA TYR A 193 -5.89 -1.88 -33.81
C TYR A 193 -7.05 -2.48 -33.01
N ALA A 194 -7.78 -3.43 -33.58
CA ALA A 194 -8.97 -3.94 -32.91
C ALA A 194 -8.65 -4.62 -31.58
N HIS A 195 -7.42 -5.03 -31.35
CA HIS A 195 -7.06 -5.72 -30.13
C HIS A 195 -6.48 -4.84 -29.04
N ILE A 196 -6.30 -3.54 -29.29
CA ILE A 196 -5.77 -2.68 -28.23
C ILE A 196 -6.84 -2.53 -27.16
N ASP A 197 -6.39 -2.26 -25.93
CA ASP A 197 -7.23 -2.23 -24.74
C ASP A 197 -6.94 -0.91 -24.03
N PRO A 198 -7.61 0.18 -24.45
CA PRO A 198 -7.26 1.50 -23.90
C PRO A 198 -7.58 1.64 -22.44
N LYS A 199 -8.57 0.92 -21.93
CA LYS A 199 -8.86 0.97 -20.50
C LYS A 199 -7.70 0.37 -19.71
N ALA A 200 -7.23 -0.81 -20.14
CA ALA A 200 -6.07 -1.42 -19.49
C ALA A 200 -4.83 -0.55 -19.63
N SER A 201 -4.62 0.05 -20.81
CA SER A 201 -3.48 0.94 -20.97
C SER A 201 -3.58 2.16 -20.08
N SER A 202 -4.77 2.75 -20.00
CA SER A 202 -4.96 3.89 -19.11
C SER A 202 -4.58 3.52 -17.68
N ALA A 203 -5.08 2.37 -17.20
CA ALA A 203 -4.79 1.94 -15.83
C ALA A 203 -3.30 1.72 -15.62
N GLU A 204 -2.62 1.15 -16.61
CA GLU A 204 -1.19 0.93 -16.46
C GLU A 204 -0.43 2.26 -16.46
N LEU A 205 -0.89 3.23 -17.25
N LEU A 205 -0.88 3.21 -17.29
CA LEU A 205 -0.20 4.51 -17.30
CA LEU A 205 -0.23 4.52 -17.31
C LEU A 205 -0.42 5.31 -16.01
C LEU A 205 -0.40 5.23 -15.97
N ILE A 206 -1.62 5.23 -15.43
CA ILE A 206 -1.87 5.89 -14.16
C ILE A 206 -0.99 5.29 -13.06
N GLY A 207 -0.95 3.96 -12.99
CA GLY A 207 -0.07 3.31 -12.00
C GLY A 207 1.38 3.70 -12.17
N TYR A 208 1.86 3.71 -13.42
CA TYR A 208 3.23 4.15 -13.64
C TYR A 208 3.41 5.60 -13.22
N ALA A 209 2.45 6.45 -13.58
CA ALA A 209 2.57 7.87 -13.31
C ALA A 209 2.48 8.18 -11.82
N MET A 210 1.66 7.43 -11.08
CA MET A 210 1.60 7.66 -9.63
C MET A 210 2.90 7.27 -8.96
N LYS A 211 3.53 6.20 -9.42
CA LYS A 211 4.87 5.85 -8.92
C LYS A 211 5.88 6.95 -9.22
N MET A 212 5.81 7.53 -10.42
CA MET A 212 6.72 8.62 -10.74
C MET A 212 6.46 9.83 -9.85
N ALA A 213 5.19 10.14 -9.57
CA ALA A 213 4.90 11.28 -8.71
C ALA A 213 5.50 11.08 -7.31
N GLU A 214 5.34 9.88 -6.76
CA GLU A 214 5.90 9.60 -5.44
C GLU A 214 7.41 9.74 -5.45
N GLU A 215 8.07 9.15 -6.46
CA GLU A 215 9.52 9.17 -6.50
C GLU A 215 10.07 10.59 -6.73
N LYS A 216 9.41 11.37 -7.59
CA LYS A 216 9.94 12.69 -7.92
C LYS A 216 9.65 13.74 -6.86
N ALA A 217 8.71 13.48 -5.95
CA ALA A 217 8.61 14.32 -4.75
C ALA A 217 9.84 14.14 -3.86
N LYS A 218 10.35 12.90 -3.78
CA LYS A 218 11.50 12.62 -2.95
C LYS A 218 12.74 13.35 -3.46
N ASN A 219 12.93 13.44 -4.77
CA ASN A 219 14.07 14.15 -5.36
C ASN A 219 13.59 14.97 -6.54
N PRO A 220 13.48 16.29 -6.38
CA PRO A 220 13.13 17.14 -7.52
C PRO A 220 14.17 17.07 -8.63
N ALA A 221 13.71 17.15 -9.87
CA ALA A 221 14.57 17.08 -11.05
C ALA A 221 14.25 18.24 -11.99
N ASP A 222 14.93 18.26 -13.13
CA ASP A 222 14.74 19.33 -14.12
C ASP A 222 13.55 19.03 -15.02
N ASP A 223 12.43 18.62 -14.42
CA ASP A 223 11.22 18.28 -15.13
C ASP A 223 10.12 19.27 -14.77
N ILE A 224 8.96 19.10 -15.39
CA ILE A 224 7.77 19.81 -14.95
C ILE A 224 7.07 19.07 -13.82
N VAL A 225 7.41 17.79 -13.62
CA VAL A 225 6.70 16.98 -12.64
C VAL A 225 6.84 17.59 -11.24
N THR A 226 8.03 18.10 -10.92
CA THR A 226 8.25 18.73 -9.63
C THR A 226 7.36 19.94 -9.44
N GLN A 227 7.21 20.76 -10.49
CA GLN A 227 6.36 21.93 -10.37
C GLN A 227 4.90 21.54 -10.22
N LEU A 228 4.49 20.40 -10.78
CA LEU A 228 3.08 20.01 -10.76
C LEU A 228 2.65 19.51 -9.39
N ILE A 229 3.49 18.72 -8.73
CA ILE A 229 3.10 18.04 -7.49
C ILE A 229 3.56 18.81 -6.26
N GLN A 230 3.98 20.05 -6.42
CA GLN A 230 4.42 20.85 -5.29
C GLN A 230 3.41 21.96 -5.00
N ALA A 231 2.96 22.02 -3.74
CA ALA A 231 1.93 22.97 -3.34
C ALA A 231 2.43 24.40 -3.48
N ASP A 232 1.56 25.27 -4.00
CA ASP A 232 1.84 26.70 -4.04
C ASP A 232 1.52 27.30 -2.67
N ILE A 233 1.46 28.63 -2.60
CA ILE A 233 1.17 29.29 -1.32
C ILE A 233 -0.20 28.87 -0.80
N ASP A 234 -1.16 28.66 -1.70
CA ASP A 234 -2.51 28.25 -1.33
C ASP A 234 -2.68 26.73 -1.32
N GLY A 235 -1.57 25.98 -1.33
CA GLY A 235 -1.65 24.54 -1.21
C GLY A 235 -2.10 23.80 -2.44
N GLU A 236 -2.05 24.44 -3.62
CA GLU A 236 -2.57 23.84 -4.85
C GLU A 236 -1.47 23.06 -5.55
N LYS A 237 -1.81 21.84 -5.96
CA LYS A 237 -0.87 20.91 -6.58
C LYS A 237 -1.70 19.76 -7.10
N LEU A 238 -1.11 19.00 -8.03
CA LEU A 238 -1.70 17.73 -8.44
C LEU A 238 -1.47 16.65 -7.38
N SER A 239 -2.54 16.00 -6.96
CA SER A 239 -2.42 14.77 -6.22
C SER A 239 -1.74 13.75 -7.12
N ASP A 240 -1.32 12.64 -6.52
CA ASP A 240 -0.65 11.61 -7.33
C ASP A 240 -1.56 11.08 -8.43
N ASP A 241 -2.83 10.83 -8.11
CA ASP A 241 -3.77 10.33 -9.11
C ASP A 241 -4.14 11.42 -10.11
N GLU A 242 -4.22 12.69 -9.69
CA GLU A 242 -4.38 13.76 -10.67
C GLU A 242 -3.20 13.82 -11.65
N PHE A 243 -1.97 13.66 -11.14
CA PHE A 243 -0.82 13.57 -12.03
C PHE A 243 -0.97 12.41 -12.99
N GLY A 244 -1.48 11.28 -12.49
CA GLY A 244 -1.71 10.14 -13.35
C GLY A 244 -2.67 10.46 -14.49
N PHE A 245 -3.80 11.09 -14.16
CA PHE A 245 -4.76 11.44 -15.21
C PHE A 245 -4.22 12.51 -16.17
N PHE A 246 -3.33 13.38 -15.69
CA PHE A 246 -2.62 14.29 -16.57
C PHE A 246 -1.70 13.53 -17.54
N VAL A 247 -0.97 12.53 -17.04
CA VAL A 247 -0.09 11.77 -17.93
C VAL A 247 -0.90 11.02 -18.99
N VAL A 248 -2.01 10.39 -18.56
CA VAL A 248 -2.91 9.75 -19.52
C VAL A 248 -3.34 10.76 -20.57
N MET A 249 -3.70 11.96 -20.12
N MET A 249 -3.74 11.95 -20.11
CA MET A 249 -4.15 12.96 -21.08
CA MET A 249 -4.13 13.01 -21.01
C MET A 249 -3.03 13.39 -22.03
C MET A 249 -3.02 13.31 -22.01
N LEU A 250 -1.82 13.58 -21.50
CA LEU A 250 -0.70 13.95 -22.37
C LEU A 250 -0.38 12.83 -23.37
N ALA A 251 -0.38 11.58 -22.89
CA ALA A 251 -0.03 10.47 -23.75
C ALA A 251 -0.92 10.43 -24.98
N VAL A 252 -2.18 10.85 -24.84
CA VAL A 252 -3.07 10.93 -25.97
C VAL A 252 -2.91 12.26 -26.71
N ALA A 253 -2.91 13.36 -25.93
CA ALA A 253 -3.09 14.68 -26.52
C ALA A 253 -1.95 15.03 -27.45
N GLY A 254 -0.72 14.62 -27.10
CA GLY A 254 0.47 15.06 -27.81
C GLY A 254 1.10 14.03 -28.72
N ASN A 255 0.45 12.90 -28.94
CA ASN A 255 1.07 11.80 -29.68
C ASN A 255 0.55 11.80 -31.11
N GLU A 256 -0.61 11.21 -31.35
CA GLU A 256 -1.04 11.03 -32.74
C GLU A 256 -1.46 12.35 -33.39
N THR A 257 -1.76 13.37 -32.60
CA THR A 257 -2.00 14.70 -33.16
C THR A 257 -0.78 15.22 -33.93
N THR A 258 0.34 15.42 -33.24
CA THR A 258 1.52 15.94 -33.90
C THR A 258 2.00 14.97 -34.99
N ARG A 259 1.94 13.67 -34.72
CA ARG A 259 2.32 12.69 -35.72
C ARG A 259 1.58 12.95 -37.04
N ASN A 260 0.27 13.11 -36.96
CA ASN A 260 -0.51 13.25 -38.18
C ASN A 260 -0.29 14.61 -38.84
N SER A 261 0.06 15.63 -38.05
N SER A 261 0.10 15.63 -38.07
CA SER A 261 0.50 16.88 -38.66
CA SER A 261 0.48 16.88 -38.70
C SER A 261 1.71 16.64 -39.54
C SER A 261 1.76 16.73 -39.51
N ILE A 262 2.70 15.93 -39.01
CA ILE A 262 3.93 15.67 -39.77
C ILE A 262 3.63 14.87 -41.04
N THR A 263 2.92 13.75 -40.92
CA THR A 263 2.63 12.93 -42.08
C THR A 263 1.83 13.70 -43.14
N GLN A 264 0.76 14.37 -42.72
CA GLN A 264 -0.04 15.14 -43.70
C GLN A 264 0.64 16.42 -44.14
N GLY A 265 1.49 17.01 -43.31
CA GLY A 265 2.31 18.11 -43.80
C GLY A 265 3.21 17.68 -44.95
N MET A 266 3.83 16.50 -44.83
CA MET A 266 4.72 16.02 -45.88
C MET A 266 3.89 15.58 -47.09
N MET A 267 2.71 15.02 -46.88
CA MET A 267 1.79 14.71 -47.98
C MET A 267 1.47 16.01 -48.74
N ALA A 268 1.24 17.11 -48.01
CA ALA A 268 0.99 18.39 -48.68
C ALA A 268 2.20 18.83 -49.50
N PHE A 269 3.39 18.73 -48.91
CA PHE A 269 4.59 19.09 -49.65
C PHE A 269 4.75 18.23 -50.91
N ALA A 270 4.44 16.93 -50.80
CA ALA A 270 4.54 16.06 -51.96
C ALA A 270 3.59 16.51 -53.06
N GLU A 271 2.44 17.04 -52.71
CA GLU A 271 1.45 17.48 -53.68
C GLU A 271 1.69 18.90 -54.18
N HIS A 272 2.55 19.66 -53.51
CA HIS A 272 2.81 21.07 -53.81
C HIS A 272 4.31 21.29 -53.88
N PRO A 273 4.96 20.78 -54.92
CA PRO A 273 6.44 20.86 -54.98
C PRO A 273 6.98 22.26 -54.85
N ASP A 274 6.26 23.27 -55.35
CA ASP A 274 6.74 24.65 -55.23
C ASP A 274 6.84 25.07 -53.77
N GLN A 275 5.86 24.68 -52.96
CA GLN A 275 5.94 24.96 -51.54
C GLN A 275 7.09 24.22 -50.87
N TRP A 276 7.37 22.99 -51.31
CA TRP A 276 8.49 22.23 -50.76
C TRP A 276 9.83 22.87 -51.15
N GLU A 277 9.96 23.35 -52.39
CA GLU A 277 11.18 24.05 -52.75
C GLU A 277 11.34 25.33 -51.93
N LEU A 278 10.26 26.08 -51.73
CA LEU A 278 10.38 27.30 -50.94
C LEU A 278 10.72 26.97 -49.49
N TYR A 279 10.16 25.88 -48.95
CA TYR A 279 10.48 25.53 -47.57
C TYR A 279 11.96 25.21 -47.42
N LYS A 280 12.46 24.32 -48.29
CA LYS A 280 13.88 23.93 -48.18
C LYS A 280 14.80 25.13 -48.25
N LYS A 281 14.42 26.16 -49.03
CA LYS A 281 15.28 27.32 -49.18
C LYS A 281 15.18 28.27 -47.99
N VAL A 282 13.97 28.53 -47.52
CA VAL A 282 13.75 29.58 -46.52
C VAL A 282 13.53 28.99 -45.13
N ARG A 283 13.04 27.76 -45.06
CA ARG A 283 12.67 27.12 -43.80
C ARG A 283 11.77 28.00 -42.95
N PRO A 284 10.66 28.52 -43.48
CA PRO A 284 9.83 29.47 -42.71
C PRO A 284 9.01 28.74 -41.66
N GLU A 285 9.06 29.24 -40.41
CA GLU A 285 8.34 28.60 -39.32
C GLU A 285 6.85 28.85 -39.41
N THR A 286 6.39 29.75 -40.27
CA THR A 286 4.96 29.82 -40.57
C THR A 286 4.44 28.54 -41.19
N ALA A 287 5.33 27.72 -41.75
CA ALA A 287 4.92 26.43 -42.31
C ALA A 287 4.24 25.55 -41.27
N ALA A 288 4.65 25.62 -40.01
CA ALA A 288 4.06 24.74 -39.01
C ALA A 288 2.56 25.01 -38.87
N ASP A 289 2.16 26.28 -38.87
CA ASP A 289 0.73 26.58 -38.71
C ASP A 289 -0.04 26.23 -39.96
N GLU A 290 0.55 26.44 -41.15
CA GLU A 290 -0.14 26.00 -42.36
C GLU A 290 -0.23 24.49 -42.40
N ILE A 291 0.79 23.79 -41.89
CA ILE A 291 0.74 22.33 -41.83
C ILE A 291 -0.36 21.87 -40.87
N VAL A 292 -0.48 22.52 -39.71
CA VAL A 292 -1.57 22.15 -38.78
C VAL A 292 -2.96 22.47 -39.37
N ARG A 293 -3.09 23.64 -40.00
CA ARG A 293 -4.36 23.96 -40.66
C ARG A 293 -4.71 22.91 -41.70
N TRP A 294 -3.74 22.56 -42.55
CA TRP A 294 -3.99 21.62 -43.62
C TRP A 294 -4.25 20.22 -43.09
N ALA A 295 -3.52 19.83 -42.04
CA ALA A 295 -3.65 18.47 -41.50
C ALA A 295 -4.85 18.29 -40.57
N THR A 296 -5.26 19.35 -39.92
CA THR A 296 -6.32 19.33 -38.89
C THR A 296 -6.42 17.96 -38.22
N PRO A 297 -5.42 17.60 -37.40
CA PRO A 297 -5.38 16.22 -36.88
C PRO A 297 -6.61 15.84 -36.06
N VAL A 298 -7.17 16.77 -35.29
CA VAL A 298 -8.46 16.57 -34.65
C VAL A 298 -9.51 17.10 -35.61
N THR A 299 -10.25 16.20 -36.22
CA THR A 299 -11.31 16.61 -37.14
C THR A 299 -12.38 17.41 -36.42
N ALA A 300 -12.73 16.97 -35.20
CA ALA A 300 -13.86 17.57 -34.50
C ALA A 300 -13.79 17.25 -33.03
N PHE A 301 -14.23 18.19 -32.19
CA PHE A 301 -14.59 17.96 -30.80
C PHE A 301 -16.00 18.51 -30.59
N GLN A 302 -16.69 17.96 -29.58
CA GLN A 302 -18.05 18.40 -29.31
C GLN A 302 -18.14 19.14 -27.98
N ARG A 303 -19.27 19.81 -27.82
CA ARG A 303 -19.73 20.38 -26.57
C ARG A 303 -21.22 20.09 -26.43
N THR A 304 -21.76 20.34 -25.23
CA THR A 304 -23.17 20.12 -24.93
C THR A 304 -23.75 21.40 -24.33
N ALA A 305 -24.88 21.85 -24.85
CA ALA A 305 -25.47 23.09 -24.36
C ALA A 305 -26.06 22.86 -22.97
N LEU A 306 -25.70 23.73 -22.04
CA LEU A 306 -26.24 23.71 -20.69
C LEU A 306 -27.53 24.53 -20.57
N ARG A 307 -27.81 25.40 -21.53
CA ARG A 307 -29.04 26.16 -21.60
C ARG A 307 -29.32 26.40 -23.07
N ASP A 308 -30.56 26.79 -23.38
CA ASP A 308 -30.88 27.24 -24.72
C ASP A 308 -29.94 28.37 -25.13
N TYR A 309 -29.50 28.34 -26.39
CA TYR A 309 -28.56 29.31 -26.90
C TYR A 309 -28.82 29.49 -28.39
N GLU A 310 -28.90 30.75 -28.82
CA GLU A 310 -29.09 31.07 -30.23
C GLU A 310 -27.73 31.34 -30.87
N LEU A 311 -27.36 30.53 -31.86
CA LEU A 311 -26.06 30.59 -32.51
C LEU A 311 -26.29 30.86 -34.00
N SER A 312 -25.91 32.03 -34.45
CA SER A 312 -26.00 32.39 -35.85
C SER A 312 -27.40 32.09 -36.40
N GLY A 313 -28.42 32.51 -35.63
CA GLY A 313 -29.79 32.37 -36.05
C GLY A 313 -30.39 31.00 -35.83
N VAL A 314 -29.66 30.06 -35.24
CA VAL A 314 -30.15 28.70 -35.03
C VAL A 314 -30.32 28.50 -33.52
N GLN A 315 -31.47 27.95 -33.15
CA GLN A 315 -31.83 27.76 -31.75
C GLN A 315 -31.23 26.44 -31.28
N ILE A 316 -30.10 26.52 -30.58
CA ILE A 316 -29.59 25.35 -29.87
C ILE A 316 -30.37 25.20 -28.57
N LYS A 317 -30.81 23.99 -28.29
CA LYS A 317 -31.61 23.72 -27.11
C LYS A 317 -30.79 23.00 -26.03
N LYS A 318 -31.11 23.32 -24.78
CA LYS A 318 -30.45 22.73 -23.64
C LYS A 318 -30.35 21.22 -23.80
N GLY A 319 -29.15 20.69 -23.54
CA GLY A 319 -28.91 19.27 -23.64
C GLY A 319 -28.43 18.78 -24.99
N GLN A 320 -28.55 19.58 -26.03
CA GLN A 320 -28.14 19.14 -27.36
C GLN A 320 -26.62 19.23 -27.52
N ARG A 321 -26.08 18.34 -28.32
CA ARG A 321 -24.66 18.37 -28.62
C ARG A 321 -24.39 19.22 -29.85
N VAL A 322 -23.29 19.97 -29.82
CA VAL A 322 -22.78 20.64 -31.00
C VAL A 322 -21.40 20.07 -31.30
N VAL A 323 -21.15 19.75 -32.56
CA VAL A 323 -19.86 19.17 -32.95
C VAL A 323 -19.11 20.19 -33.78
N MET A 324 -17.94 20.63 -33.31
CA MET A 324 -17.15 21.68 -33.96
C MET A 324 -16.23 20.98 -34.98
N PHE A 325 -16.54 21.09 -36.26
CA PHE A 325 -15.73 20.46 -37.30
C PHE A 325 -14.59 21.40 -37.65
N TYR A 326 -13.50 21.24 -36.92
CA TYR A 326 -12.31 22.04 -37.20
C TYR A 326 -11.86 21.86 -38.64
N ARG A 327 -12.08 20.67 -39.21
CA ARG A 327 -11.68 20.41 -40.60
C ARG A 327 -12.49 21.26 -41.58
N SER A 328 -13.72 21.61 -41.25
CA SER A 328 -14.47 22.54 -42.10
C SER A 328 -14.02 23.97 -41.85
N ALA A 329 -13.91 24.35 -40.57
CA ALA A 329 -13.59 25.73 -40.22
C ALA A 329 -12.23 26.17 -40.72
N ASN A 330 -11.29 25.24 -40.82
CA ASN A 330 -9.94 25.57 -41.26
C ASN A 330 -9.87 25.83 -42.75
N PHE A 331 -10.98 25.63 -43.47
CA PHE A 331 -11.08 25.92 -44.89
C PHE A 331 -12.25 26.85 -45.15
N ASP A 332 -12.60 27.68 -44.16
CA ASP A 332 -13.73 28.59 -44.24
C ASP A 332 -13.38 29.75 -45.15
N GLU A 333 -14.08 29.84 -46.29
CA GLU A 333 -13.78 30.87 -47.29
C GLU A 333 -13.97 32.29 -46.77
N GLU A 334 -14.77 32.50 -45.73
CA GLU A 334 -14.94 33.85 -45.22
C GLU A 334 -13.77 34.30 -44.35
N VAL A 335 -12.95 33.38 -43.88
CA VAL A 335 -11.83 33.71 -43.01
C VAL A 335 -10.50 33.64 -43.74
N PHE A 336 -10.31 32.66 -44.60
CA PHE A 336 -9.05 32.41 -45.26
C PHE A 336 -9.11 32.81 -46.72
N GLN A 337 -8.08 33.51 -47.18
CA GLN A 337 -7.93 33.81 -48.60
C GLN A 337 -7.41 32.57 -49.31
N ASP A 338 -8.24 32.00 -50.19
CA ASP A 338 -7.86 30.80 -50.90
C ASP A 338 -7.57 29.70 -49.90
N PRO A 339 -8.59 29.25 -49.15
CA PRO A 339 -8.34 28.19 -48.15
C PRO A 339 -7.76 26.91 -48.73
N PHE A 340 -8.06 26.60 -50.00
CA PHE A 340 -7.59 25.35 -50.59
C PHE A 340 -6.26 25.51 -51.30
N THR A 341 -5.57 26.64 -51.11
CA THR A 341 -4.17 26.79 -51.44
C THR A 341 -3.32 26.49 -50.20
N PHE A 342 -2.36 25.58 -50.35
CA PHE A 342 -1.36 25.30 -49.32
C PHE A 342 -0.29 26.36 -49.43
N ASN A 343 -0.19 27.24 -48.45
CA ASN A 343 0.72 28.38 -48.48
C ASN A 343 1.48 28.47 -47.16
N ILE A 344 2.74 28.04 -47.17
CA ILE A 344 3.53 27.97 -45.94
C ILE A 344 3.92 29.33 -45.41
N LEU A 345 3.67 30.39 -46.15
CA LEU A 345 3.91 31.75 -45.66
C LEU A 345 2.64 32.45 -45.17
N ARG A 346 1.49 31.76 -45.16
CA ARG A 346 0.24 32.36 -44.73
C ARG A 346 0.39 33.01 -43.37
N ASN A 347 0.03 34.30 -43.29
CA ASN A 347 0.31 35.12 -42.12
C ASN A 347 -0.53 36.38 -42.12
N PRO A 348 -1.42 36.57 -41.14
CA PRO A 348 -1.69 35.70 -39.99
C PRO A 348 -2.41 34.43 -40.42
N ASN A 349 -2.39 33.38 -39.58
CA ASN A 349 -3.01 32.09 -39.90
C ASN A 349 -3.90 31.75 -38.72
N PRO A 350 -5.14 32.25 -38.70
CA PRO A 350 -6.03 32.06 -37.56
C PRO A 350 -6.80 30.74 -37.58
N HIS A 351 -6.09 29.64 -37.88
CA HIS A 351 -6.71 28.32 -37.91
C HIS A 351 -7.12 27.88 -36.51
N VAL A 352 -8.01 26.91 -36.45
CA VAL A 352 -8.53 26.34 -35.22
C VAL A 352 -8.11 24.86 -35.13
N GLY A 353 -6.98 24.54 -35.72
CA GLY A 353 -6.42 23.21 -35.54
C GLY A 353 -6.15 22.88 -34.07
N PHE A 354 -5.83 23.89 -33.26
CA PHE A 354 -5.57 23.77 -31.83
C PHE A 354 -6.81 24.13 -31.03
N GLY A 355 -7.96 24.20 -31.69
CA GLY A 355 -9.22 24.58 -31.09
C GLY A 355 -9.52 26.05 -31.30
N GLY A 356 -10.72 26.41 -30.89
CA GLY A 356 -11.05 27.83 -30.81
C GLY A 356 -10.47 28.44 -29.54
N THR A 357 -10.07 29.69 -29.65
CA THR A 357 -9.63 30.43 -28.47
C THR A 357 -10.65 30.28 -27.35
N GLY A 358 -10.17 30.01 -26.14
CA GLY A 358 -11.04 29.81 -25.00
C GLY A 358 -10.33 28.98 -23.96
N ALA A 359 -11.13 28.53 -22.97
CA ALA A 359 -10.56 27.93 -21.76
C ALA A 359 -9.75 26.67 -22.05
N HIS A 360 -10.14 25.90 -23.06
CA HIS A 360 -9.50 24.62 -23.32
C HIS A 360 -8.46 24.68 -24.47
N TYR A 361 -8.07 25.88 -24.89
CA TYR A 361 -7.16 25.99 -26.04
C TYR A 361 -5.91 25.15 -25.80
N CYS A 362 -5.48 24.46 -26.84
CA CYS A 362 -4.41 23.49 -26.71
C CYS A 362 -3.21 24.05 -25.96
N ILE A 363 -2.90 23.46 -24.81
CA ILE A 363 -1.80 23.97 -24.01
C ILE A 363 -0.46 23.59 -24.64
N GLY A 364 -0.46 22.57 -25.48
CA GLY A 364 0.76 22.14 -26.14
C GLY A 364 0.98 22.72 -27.52
N ALA A 365 0.26 23.78 -27.86
CA ALA A 365 0.29 24.31 -29.23
C ALA A 365 1.71 24.69 -29.65
N ASN A 366 2.42 25.43 -28.80
CA ASN A 366 3.77 25.85 -29.19
C ASN A 366 4.78 24.71 -29.12
N LEU A 367 4.61 23.76 -28.21
CA LEU A 367 5.44 22.56 -28.26
C LEU A 367 5.19 21.79 -29.54
N ALA A 368 3.93 21.73 -29.98
CA ALA A 368 3.60 21.07 -31.24
C ALA A 368 4.27 21.79 -32.42
N ARG A 369 4.15 23.12 -32.47
CA ARG A 369 4.76 23.86 -33.58
C ARG A 369 6.28 23.70 -33.62
N MET A 370 6.92 23.68 -32.46
CA MET A 370 8.36 23.50 -32.42
C MET A 370 8.72 22.11 -32.92
N THR A 371 7.98 21.09 -32.48
CA THR A 371 8.23 19.73 -32.94
C THR A 371 8.15 19.65 -34.46
N ILE A 372 7.11 20.26 -35.02
CA ILE A 372 6.91 20.25 -36.46
C ILE A 372 8.06 20.97 -37.15
N ASN A 373 8.42 22.14 -36.65
CA ASN A 373 9.49 22.88 -37.32
C ASN A 373 10.83 22.12 -37.24
N LEU A 374 11.10 21.47 -36.12
CA LEU A 374 12.37 20.77 -36.00
C LEU A 374 12.40 19.55 -36.92
N ILE A 375 11.29 18.80 -37.01
CA ILE A 375 11.35 17.59 -37.84
C ILE A 375 11.38 17.95 -39.33
N PHE A 376 10.66 18.99 -39.74
CA PHE A 376 10.70 19.32 -41.18
C PHE A 376 12.06 19.93 -41.58
N ASN A 377 12.73 20.67 -40.69
CA ASN A 377 14.11 21.06 -40.97
C ASN A 377 14.98 19.82 -41.15
N ALA A 378 14.80 18.82 -40.26
CA ALA A 378 15.61 17.60 -40.35
C ALA A 378 15.31 16.84 -41.63
N VAL A 379 14.03 16.80 -42.01
CA VAL A 379 13.68 16.15 -43.27
C VAL A 379 14.31 16.89 -44.43
N ALA A 380 14.27 18.21 -44.40
CA ALA A 380 14.86 18.98 -45.49
C ALA A 380 16.37 18.80 -45.51
N ASP A 381 17.00 18.64 -44.34
CA ASP A 381 18.45 18.48 -44.29
C ASP A 381 18.88 17.12 -44.82
N HIS A 382 18.10 16.07 -44.56
CA HIS A 382 18.61 14.71 -44.73
C HIS A 382 17.95 13.95 -45.86
N MET A 383 16.74 14.33 -46.27
N MET A 383 16.74 14.33 -46.26
CA MET A 383 16.04 13.65 -47.37
CA MET A 383 16.01 13.66 -47.35
C MET A 383 15.26 14.68 -48.18
C MET A 383 15.25 14.71 -48.14
N PRO A 384 15.95 15.69 -48.72
CA PRO A 384 15.24 16.76 -49.43
C PRO A 384 14.50 16.30 -50.67
N ASP A 385 14.84 15.14 -51.21
CA ASP A 385 14.28 14.69 -52.49
C ASP A 385 13.35 13.48 -52.32
N LEU A 386 12.78 13.30 -51.14
N LEU A 386 12.78 13.30 -51.14
CA LEU A 386 11.90 12.15 -50.94
CA LEU A 386 11.89 12.18 -50.93
C LEU A 386 10.68 12.25 -51.84
C LEU A 386 10.67 12.26 -51.85
N LYS A 387 10.18 11.09 -52.25
CA LYS A 387 9.05 10.99 -53.16
C LYS A 387 8.16 9.86 -52.66
N PRO A 388 6.85 10.06 -52.65
CA PRO A 388 5.96 8.97 -52.21
C PRO A 388 6.04 7.78 -53.14
N ILE A 389 5.89 6.59 -52.57
CA ILE A 389 5.83 5.35 -53.33
C ILE A 389 4.38 4.96 -53.61
N SER A 390 3.50 5.10 -52.63
CA SER A 390 2.13 4.64 -52.76
C SER A 390 1.21 5.47 -51.86
N ALA A 391 -0.09 5.29 -52.04
CA ALA A 391 -1.06 6.15 -51.37
C ALA A 391 -1.04 5.93 -49.85
N PRO A 392 -1.31 6.98 -49.08
CA PRO A 392 -1.44 6.79 -47.62
C PRO A 392 -2.61 5.88 -47.27
N GLU A 393 -2.46 5.12 -46.18
CA GLU A 393 -3.56 4.38 -45.60
C GLU A 393 -4.15 5.21 -44.45
N ARG A 394 -5.45 5.41 -44.49
CA ARG A 394 -6.09 6.29 -43.51
C ARG A 394 -6.64 5.52 -42.31
N LEU A 395 -6.83 6.25 -41.21
CA LEU A 395 -7.29 5.63 -39.97
C LEU A 395 -8.81 5.68 -39.86
N ARG A 396 -9.41 4.55 -39.50
N ARG A 396 -9.42 4.55 -39.52
CA ARG A 396 -10.83 4.48 -39.23
CA ARG A 396 -10.85 4.50 -39.26
C ARG A 396 -11.11 5.12 -37.88
C ARG A 396 -11.12 5.11 -37.90
N SER A 397 -11.54 6.37 -37.90
CA SER A 397 -11.89 7.08 -36.70
C SER A 397 -12.96 8.10 -37.06
N GLY A 398 -13.81 8.40 -36.05
CA GLY A 398 -14.84 9.41 -36.27
C GLY A 398 -14.48 10.82 -35.87
N TRP A 399 -13.31 11.05 -35.32
CA TRP A 399 -12.88 12.36 -34.84
C TRP A 399 -11.41 12.64 -35.03
N LEU A 400 -10.56 11.62 -35.13
N LEU A 400 -10.57 11.61 -35.13
CA LEU A 400 -9.14 11.78 -35.39
CA LEU A 400 -9.14 11.77 -35.40
C LEU A 400 -8.88 11.55 -36.87
C LEU A 400 -8.91 11.57 -36.88
N ASN A 401 -8.12 12.46 -37.47
CA ASN A 401 -7.77 12.39 -38.89
C ASN A 401 -6.37 11.81 -38.97
N GLY A 402 -6.29 10.49 -39.16
CA GLY A 402 -5.06 9.75 -38.98
C GLY A 402 -4.56 9.11 -40.26
N ILE A 403 -3.24 9.02 -40.37
CA ILE A 403 -2.58 8.23 -41.41
C ILE A 403 -1.81 7.10 -40.72
N LYS A 404 -2.18 5.86 -41.00
CA LYS A 404 -1.52 4.72 -40.39
C LYS A 404 -0.18 4.42 -41.05
N HIS A 405 -0.11 4.52 -42.38
CA HIS A 405 1.04 4.06 -43.16
C HIS A 405 1.15 4.90 -44.41
N TRP A 406 2.40 5.17 -44.83
CA TRP A 406 2.66 5.89 -46.07
C TRP A 406 4.05 5.52 -46.57
N GLN A 407 4.11 4.72 -47.64
CA GLN A 407 5.41 4.27 -48.17
C GLN A 407 6.07 5.37 -48.97
N VAL A 408 7.33 5.64 -48.64
CA VAL A 408 8.07 6.74 -49.25
C VAL A 408 9.47 6.26 -49.63
N ASP A 409 9.99 6.79 -50.71
CA ASP A 409 11.37 6.55 -51.14
C ASP A 409 12.17 7.77 -50.68
N TYR A 410 12.91 7.63 -49.61
CA TYR A 410 13.69 8.74 -49.08
C TYR A 410 14.79 9.15 -50.05
N THR A 411 15.21 8.22 -50.93
CA THR A 411 16.24 8.52 -51.93
C THR A 411 15.68 9.41 -53.02
N GLY A 412 14.48 9.11 -53.52
CA GLY A 412 13.90 9.84 -54.64
C GLY A 412 14.33 9.29 -55.98
N SER B 4 20.60 -23.87 3.35
CA SER B 4 19.50 -23.84 4.32
C SER B 4 19.06 -22.39 4.55
N PRO B 5 17.75 -22.16 4.61
CA PRO B 5 17.26 -20.78 4.75
C PRO B 5 17.63 -20.19 6.09
N ASN B 6 17.79 -18.87 6.12
CA ASN B 6 18.22 -18.15 7.31
C ASN B 6 17.01 -17.94 8.24
N LEU B 7 16.69 -18.97 9.00
CA LEU B 7 15.56 -18.97 9.91
C LEU B 7 15.99 -19.40 11.29
N PRO B 8 15.30 -18.96 12.33
CA PRO B 8 15.60 -19.45 13.69
C PRO B 8 15.39 -20.95 13.76
N PRO B 9 16.21 -21.67 14.52
CA PRO B 9 16.03 -23.12 14.63
C PRO B 9 14.63 -23.48 15.12
N GLY B 10 14.06 -24.51 14.49
CA GLY B 10 12.75 -24.99 14.88
C GLY B 10 11.59 -24.14 14.43
N PHE B 11 11.82 -23.17 13.55
CA PHE B 11 10.74 -22.30 13.09
C PHE B 11 9.68 -23.11 12.36
N ASP B 12 8.41 -22.81 12.65
CA ASP B 12 7.28 -23.56 12.10
C ASP B 12 6.26 -22.57 11.57
N PHE B 13 6.10 -22.52 10.24
CA PHE B 13 5.25 -21.53 9.61
C PHE B 13 3.76 -21.73 9.89
N THR B 14 3.36 -22.83 10.52
CA THR B 14 1.98 -23.02 10.92
C THR B 14 1.76 -22.71 12.42
N ASP B 15 2.78 -22.20 13.10
CA ASP B 15 2.68 -21.90 14.52
C ASP B 15 1.61 -20.82 14.73
N PRO B 16 0.51 -21.12 15.42
CA PRO B 16 -0.50 -20.08 15.66
C PRO B 16 0.04 -18.87 16.43
N ALA B 17 1.07 -19.05 17.25
CA ALA B 17 1.62 -17.93 18.00
C ALA B 17 2.23 -16.88 17.08
N ILE B 18 2.77 -17.30 15.95
CA ILE B 18 3.27 -16.33 14.97
C ILE B 18 2.15 -15.40 14.53
N TYR B 19 1.05 -15.97 14.06
CA TYR B 19 -0.01 -15.16 13.44
C TYR B 19 -0.81 -14.36 14.46
N ALA B 20 -0.73 -14.72 15.74
CA ALA B 20 -1.32 -13.87 16.77
C ALA B 20 -0.60 -12.52 16.87
N GLU B 21 0.64 -12.43 16.37
CA GLU B 21 1.43 -11.21 16.42
C GLU B 21 1.59 -10.53 15.07
N ARG B 22 1.82 -11.31 14.01
CA ARG B 22 2.23 -10.74 12.74
C ARG B 22 2.03 -11.77 11.64
N LEU B 23 2.03 -11.28 10.41
CA LEU B 23 2.25 -12.19 9.28
C LEU B 23 3.75 -12.32 9.04
N PRO B 24 4.28 -13.53 8.94
CA PRO B 24 5.74 -13.69 8.82
C PRO B 24 6.22 -13.40 7.40
N VAL B 25 6.04 -12.15 6.98
CA VAL B 25 6.33 -11.76 5.60
C VAL B 25 7.80 -11.99 5.28
N ALA B 26 8.69 -11.48 6.13
CA ALA B 26 10.11 -11.61 5.85
C ALA B 26 10.55 -13.07 5.80
N GLU B 27 10.02 -13.90 6.71
CA GLU B 27 10.41 -15.31 6.69
C GLU B 27 9.92 -16.01 5.43
N PHE B 28 8.70 -15.70 4.98
CA PHE B 28 8.24 -16.22 3.70
C PHE B 28 9.17 -15.76 2.58
N ALA B 29 9.53 -14.47 2.58
CA ALA B 29 10.44 -13.96 1.57
C ALA B 29 11.76 -14.70 1.59
N GLU B 30 12.23 -15.08 2.78
CA GLU B 30 13.50 -15.80 2.86
C GLU B 30 13.39 -17.21 2.27
N LEU B 31 12.25 -17.89 2.48
CA LEU B 31 12.07 -19.19 1.85
C LEU B 31 12.02 -19.06 0.32
N ARG B 32 11.23 -18.09 -0.20
CA ARG B 32 11.18 -17.90 -1.64
C ARG B 32 12.57 -17.66 -2.23
N SER B 33 13.46 -17.04 -1.47
CA SER B 33 14.80 -16.74 -1.97
C SER B 33 15.75 -17.92 -1.87
N ALA B 34 15.73 -18.63 -0.73
CA ALA B 34 16.76 -19.61 -0.42
C ALA B 34 16.29 -21.06 -0.43
N ALA B 35 14.99 -21.31 -0.26
CA ALA B 35 14.47 -22.67 -0.26
C ALA B 35 12.97 -22.64 -0.52
N PRO B 36 12.55 -22.42 -1.76
CA PRO B 36 11.11 -22.21 -2.03
C PRO B 36 10.24 -23.41 -1.71
N ILE B 37 10.80 -24.62 -1.76
CA ILE B 37 10.15 -25.82 -1.22
C ILE B 37 11.04 -26.32 -0.09
N TRP B 38 10.57 -26.21 1.14
CA TRP B 38 11.40 -26.40 2.32
C TRP B 38 10.72 -27.32 3.33
N TRP B 39 11.46 -28.30 3.83
CA TRP B 39 10.92 -29.20 4.84
C TRP B 39 10.77 -28.45 6.16
N ASN B 40 9.53 -28.37 6.64
CA ASN B 40 9.20 -27.67 7.88
C ASN B 40 9.04 -28.74 8.97
N GLY B 41 10.14 -29.06 9.64
CA GLY B 41 10.11 -30.09 10.67
C GLY B 41 9.26 -29.67 11.86
N GLN B 42 8.58 -30.65 12.45
CA GLN B 42 7.73 -30.45 13.61
C GLN B 42 8.06 -31.50 14.67
N ASP B 43 8.37 -31.04 15.88
CA ASP B 43 8.69 -31.95 16.96
C ASP B 43 7.47 -32.83 17.31
N PRO B 44 7.70 -33.95 17.98
CA PRO B 44 6.58 -34.80 18.39
C PRO B 44 5.59 -34.04 19.26
N GLY B 45 4.31 -34.24 18.98
CA GLY B 45 3.27 -33.54 19.70
C GLY B 45 3.13 -32.06 19.39
N LYS B 46 3.84 -31.56 18.39
CA LYS B 46 3.81 -30.14 18.04
C LYS B 46 3.49 -29.97 16.57
N GLY B 47 2.63 -30.85 16.03
CA GLY B 47 2.29 -30.81 14.62
C GLY B 47 0.86 -30.35 14.38
N GLY B 48 0.28 -29.68 15.36
CA GLY B 48 -1.07 -29.19 15.18
C GLY B 48 -2.10 -30.27 14.87
N GLY B 49 -1.92 -31.46 15.44
CA GLY B 49 -2.83 -32.55 15.24
C GLY B 49 -2.35 -33.59 14.25
N PHE B 50 -1.27 -33.32 13.53
CA PHE B 50 -0.66 -34.27 12.62
C PHE B 50 0.65 -34.77 13.20
N HIS B 51 0.90 -36.07 13.04
CA HIS B 51 2.04 -36.70 13.71
C HIS B 51 2.94 -37.39 12.71
N ASP B 52 3.42 -36.63 11.72
CA ASP B 52 4.29 -37.16 10.69
C ASP B 52 5.69 -36.54 10.69
N GLY B 53 5.99 -35.68 11.67
CA GLY B 53 7.29 -35.05 11.75
C GLY B 53 7.42 -33.73 11.02
N GLY B 54 6.47 -33.36 10.18
CA GLY B 54 6.50 -32.07 9.52
C GLY B 54 5.79 -32.11 8.18
N PHE B 55 6.16 -31.18 7.32
CA PHE B 55 5.48 -31.00 6.05
C PHE B 55 6.38 -30.19 5.12
N TRP B 56 5.99 -30.14 3.85
CA TRP B 56 6.69 -29.35 2.86
C TRP B 56 6.05 -27.96 2.78
N ALA B 57 6.82 -26.94 3.12
CA ALA B 57 6.36 -25.56 2.96
C ALA B 57 6.45 -25.15 1.50
N ILE B 58 5.32 -24.79 0.90
CA ILE B 58 5.23 -24.40 -0.50
C ILE B 58 5.02 -22.89 -0.54
N THR B 59 5.98 -22.17 -1.11
CA THR B 59 6.00 -20.72 -1.04
C THR B 59 5.87 -20.00 -2.37
N LYS B 60 5.98 -20.71 -3.49
CA LYS B 60 5.96 -20.06 -4.80
C LYS B 60 4.60 -20.26 -5.48
N LEU B 61 4.14 -19.24 -6.19
CA LEU B 61 2.79 -19.26 -6.73
C LEU B 61 2.60 -20.39 -7.75
N ASN B 62 3.56 -20.57 -8.67
CA ASN B 62 3.41 -21.64 -9.66
C ASN B 62 3.34 -23.01 -8.99
N ASP B 63 4.13 -23.22 -7.94
CA ASP B 63 4.07 -24.48 -7.22
C ASP B 63 2.70 -24.69 -6.57
N VAL B 64 2.13 -23.63 -6.01
CA VAL B 64 0.77 -23.72 -5.46
C VAL B 64 -0.21 -24.13 -6.55
N LYS B 65 -0.11 -23.48 -7.72
CA LYS B 65 -1.01 -23.81 -8.82
C LYS B 65 -0.82 -25.25 -9.27
N GLU B 66 0.43 -25.72 -9.36
CA GLU B 66 0.68 -27.07 -9.80
C GLU B 66 0.07 -28.08 -8.83
N ILE B 67 0.20 -27.84 -7.52
CA ILE B 67 -0.42 -28.73 -6.55
C ILE B 67 -1.94 -28.68 -6.69
N SER B 68 -2.49 -27.48 -6.83
CA SER B 68 -3.94 -27.34 -6.88
C SER B 68 -4.52 -28.03 -8.12
N ARG B 69 -3.82 -27.96 -9.26
CA ARG B 69 -4.34 -28.57 -10.47
C ARG B 69 -4.29 -30.09 -10.40
N HIS B 70 -3.18 -30.64 -9.92
CA HIS B 70 -3.01 -32.10 -9.85
C HIS B 70 -3.63 -32.66 -8.57
N SER B 71 -4.95 -32.47 -8.47
CA SER B 71 -5.71 -33.04 -7.35
C SER B 71 -5.71 -34.56 -7.36
N ASP B 72 -5.46 -35.18 -8.52
CA ASP B 72 -5.37 -36.64 -8.58
C ASP B 72 -4.18 -37.17 -7.81
N VAL B 73 -3.20 -36.33 -7.51
CA VAL B 73 -2.02 -36.71 -6.74
C VAL B 73 -2.02 -36.10 -5.35
N PHE B 74 -2.31 -34.80 -5.25
CA PHE B 74 -2.30 -34.09 -3.98
C PHE B 74 -3.72 -34.07 -3.44
N SER B 75 -3.95 -34.85 -2.39
CA SER B 75 -5.29 -35.14 -1.91
C SER B 75 -5.76 -34.16 -0.83
N SER B 76 -7.04 -33.81 -0.91
CA SER B 76 -7.70 -33.05 0.14
C SER B 76 -8.35 -33.94 1.19
N TYR B 77 -8.63 -35.20 0.86
CA TYR B 77 -9.38 -36.11 1.72
C TYR B 77 -8.49 -36.83 2.71
N GLU B 78 -7.23 -37.06 2.37
N GLU B 78 -7.23 -37.06 2.37
CA GLU B 78 -6.38 -37.93 3.18
CA GLU B 78 -6.37 -37.93 3.18
C GLU B 78 -6.16 -37.34 4.57
C GLU B 78 -6.15 -37.34 4.57
N ASN B 79 -5.79 -36.05 4.63
CA ASN B 79 -5.52 -35.39 5.91
C ASN B 79 -6.31 -34.10 6.10
N GLY B 80 -7.31 -33.85 5.27
CA GLY B 80 -7.98 -32.57 5.29
C GLY B 80 -7.08 -31.47 4.77
N VAL B 81 -7.62 -30.27 4.59
CA VAL B 81 -6.85 -29.16 4.05
C VAL B 81 -6.46 -28.13 5.10
N ILE B 82 -6.93 -28.26 6.33
CA ILE B 82 -6.49 -27.36 7.41
C ILE B 82 -5.17 -27.88 7.95
N PRO B 83 -4.11 -27.08 7.95
CA PRO B 83 -2.79 -27.57 8.37
C PRO B 83 -2.46 -27.36 9.84
N ARG B 84 -3.42 -26.92 10.67
CA ARG B 84 -3.12 -26.67 12.08
C ARG B 84 -4.40 -26.69 12.89
N PHE B 85 -4.44 -27.58 13.87
CA PHE B 85 -5.42 -27.56 14.95
C PHE B 85 -4.66 -27.45 16.28
N LYS B 86 -5.38 -27.63 17.39
CA LYS B 86 -4.70 -27.82 18.66
C LYS B 86 -3.88 -29.10 18.60
N ASN B 87 -2.71 -29.08 19.24
CA ASN B 87 -1.80 -30.22 19.14
C ASN B 87 -2.40 -31.52 19.65
N ASP B 88 -3.44 -31.45 20.49
CA ASP B 88 -4.02 -32.64 21.11
C ASP B 88 -5.38 -33.01 20.49
N ILE B 89 -5.69 -32.47 19.30
CA ILE B 89 -6.95 -32.82 18.66
C ILE B 89 -6.94 -34.30 18.29
N ALA B 90 -8.06 -34.97 18.55
CA ALA B 90 -8.18 -36.38 18.19
C ALA B 90 -8.22 -36.54 16.68
N ARG B 91 -7.61 -37.63 16.19
CA ARG B 91 -7.66 -37.91 14.76
C ARG B 91 -9.10 -37.94 14.26
N GLU B 92 -10.01 -38.50 15.06
CA GLU B 92 -11.40 -38.62 14.62
C GLU B 92 -12.03 -37.26 14.36
N ASP B 93 -11.63 -36.24 15.14
CA ASP B 93 -12.13 -34.89 14.90
C ASP B 93 -11.58 -34.30 13.60
N ILE B 94 -10.43 -34.79 13.11
CA ILE B 94 -9.94 -34.35 11.82
C ILE B 94 -10.67 -35.06 10.69
N GLU B 95 -10.92 -36.35 10.84
CA GLU B 95 -11.55 -37.12 9.78
C GLU B 95 -13.03 -36.80 9.63
N VAL B 96 -13.67 -36.25 10.66
CA VAL B 96 -15.07 -35.87 10.54
C VAL B 96 -15.22 -34.67 9.62
N GLN B 97 -14.12 -33.94 9.37
CA GLN B 97 -14.16 -32.85 8.41
C GLN B 97 -14.31 -33.35 6.98
N ARG B 98 -14.09 -34.65 6.76
CA ARG B 98 -14.25 -35.25 5.45
C ARG B 98 -15.70 -35.22 4.95
N PHE B 99 -16.65 -34.90 5.83
CA PHE B 99 -18.05 -34.87 5.45
C PHE B 99 -18.45 -33.58 4.74
N VAL B 100 -17.55 -32.60 4.63
CA VAL B 100 -17.83 -31.38 3.88
C VAL B 100 -17.09 -31.45 2.54
N MET B 101 -17.66 -30.78 1.54
CA MET B 101 -17.12 -30.84 0.18
C MET B 101 -15.63 -30.51 0.12
N LEU B 102 -15.18 -29.56 0.93
CA LEU B 102 -13.82 -29.06 0.83
C LEU B 102 -12.79 -30.16 1.08
N ASN B 103 -13.13 -31.16 1.90
CA ASN B 103 -12.20 -32.22 2.28
C ASN B 103 -12.55 -33.56 1.62
N MET B 104 -13.01 -33.50 0.39
N MET B 104 -13.01 -33.50 0.39
CA MET B 104 -13.29 -34.70 -0.39
CA MET B 104 -13.30 -34.70 -0.40
C MET B 104 -12.47 -34.70 -1.67
C MET B 104 -12.46 -34.71 -1.67
N ASP B 105 -12.33 -35.90 -2.25
CA ASP B 105 -11.65 -36.09 -3.52
C ASP B 105 -12.63 -36.62 -4.55
N ALA B 106 -12.25 -36.56 -5.82
CA ALA B 106 -13.05 -37.16 -6.86
C ALA B 106 -13.12 -38.68 -6.63
N PRO B 107 -14.23 -39.33 -7.02
CA PRO B 107 -15.42 -38.74 -7.66
C PRO B 107 -16.40 -38.10 -6.68
N HIS B 108 -16.27 -38.42 -5.38
CA HIS B 108 -17.18 -37.88 -4.37
C HIS B 108 -17.27 -36.36 -4.48
N HIS B 109 -16.12 -35.68 -4.55
CA HIS B 109 -16.13 -34.23 -4.65
C HIS B 109 -16.80 -33.77 -5.92
N THR B 110 -16.50 -34.43 -7.05
CA THR B 110 -17.02 -34.00 -8.33
C THR B 110 -18.54 -34.01 -8.33
N ARG B 111 -19.14 -35.04 -7.72
CA ARG B 111 -20.59 -35.12 -7.66
C ARG B 111 -21.16 -33.95 -6.86
N LEU B 112 -20.71 -33.81 -5.60
CA LEU B 112 -21.25 -32.77 -4.73
C LEU B 112 -20.99 -31.38 -5.30
N ARG B 113 -19.79 -31.15 -5.86
CA ARG B 113 -19.49 -29.83 -6.40
C ARG B 113 -20.45 -29.48 -7.55
N LYS B 114 -20.79 -30.47 -8.38
CA LYS B 114 -21.66 -30.17 -9.52
C LYS B 114 -23.07 -29.79 -9.05
N ILE B 115 -23.57 -30.47 -8.01
CA ILE B 115 -24.90 -30.13 -7.49
C ILE B 115 -24.87 -28.76 -6.82
N ILE B 116 -23.86 -28.50 -5.98
CA ILE B 116 -23.82 -27.25 -5.23
C ILE B 116 -23.61 -26.04 -6.14
N SER B 117 -23.03 -26.23 -7.32
N SER B 117 -23.03 -26.24 -7.33
CA SER B 117 -22.87 -25.12 -8.25
CA SER B 117 -22.88 -25.13 -8.26
C SER B 117 -24.21 -24.50 -8.65
C SER B 117 -24.21 -24.49 -8.62
N ARG B 118 -25.33 -25.19 -8.39
CA ARG B 118 -26.64 -24.59 -8.66
C ARG B 118 -26.84 -23.32 -7.84
N GLY B 119 -26.22 -23.24 -6.66
CA GLY B 119 -26.38 -22.11 -5.78
C GLY B 119 -25.42 -20.98 -5.99
N PHE B 120 -24.47 -21.10 -6.93
CA PHE B 120 -23.53 -20.04 -7.21
C PHE B 120 -23.53 -19.65 -8.69
N THR B 121 -24.63 -19.89 -9.40
CA THR B 121 -24.78 -19.40 -10.75
C THR B 121 -24.79 -17.88 -10.76
N PRO B 122 -24.54 -17.27 -11.93
CA PRO B 122 -24.62 -15.80 -11.99
C PRO B 122 -26.01 -15.30 -11.65
N ARG B 123 -27.03 -16.09 -11.93
CA ARG B 123 -28.40 -15.73 -11.53
C ARG B 123 -28.54 -15.75 -10.01
N ALA B 124 -28.03 -16.80 -9.36
CA ALA B 124 -28.12 -16.89 -7.91
C ALA B 124 -27.35 -15.77 -7.23
N VAL B 125 -26.12 -15.51 -7.69
CA VAL B 125 -25.32 -14.43 -7.12
C VAL B 125 -25.94 -13.08 -7.43
N GLY B 126 -26.25 -12.83 -8.71
CA GLY B 126 -26.77 -11.53 -9.09
C GLY B 126 -28.06 -11.15 -8.39
N ARG B 127 -28.91 -12.14 -8.10
N ARG B 127 -28.92 -12.13 -8.10
CA ARG B 127 -30.17 -11.85 -7.42
CA ARG B 127 -30.18 -11.84 -7.43
C ARG B 127 -29.97 -11.29 -6.02
C ARG B 127 -29.98 -11.31 -6.02
N LEU B 128 -28.78 -11.44 -5.45
CA LEU B 128 -28.48 -10.92 -4.13
C LEU B 128 -27.95 -9.49 -4.17
N HIS B 129 -27.63 -8.96 -5.36
CA HIS B 129 -26.96 -7.67 -5.43
C HIS B 129 -27.78 -6.58 -4.77
N ASP B 130 -29.06 -6.47 -5.14
CA ASP B 130 -29.87 -5.35 -4.67
C ASP B 130 -30.00 -5.36 -3.14
N GLU B 131 -30.24 -6.53 -2.54
CA GLU B 131 -30.41 -6.58 -1.08
C GLU B 131 -29.07 -6.36 -0.37
N LEU B 132 -27.98 -6.86 -0.94
CA LEU B 132 -26.67 -6.68 -0.30
C LEU B 132 -26.20 -5.24 -0.45
N GLN B 133 -26.49 -4.60 -1.60
CA GLN B 133 -26.18 -3.20 -1.74
C GLN B 133 -26.94 -2.37 -0.72
N GLU B 134 -28.23 -2.67 -0.54
CA GLU B 134 -29.03 -1.94 0.44
C GLU B 134 -28.46 -2.08 1.84
N ARG B 135 -28.05 -3.29 2.22
CA ARG B 135 -27.55 -3.47 3.57
C ARG B 135 -26.15 -2.88 3.73
N ALA B 136 -25.32 -2.97 2.67
CA ALA B 136 -24.00 -2.37 2.74
C ALA B 136 -24.11 -0.87 3.03
N GLN B 137 -25.00 -0.17 2.31
CA GLN B 137 -25.16 1.25 2.55
C GLN B 137 -25.68 1.52 3.96
N LYS B 138 -26.59 0.68 4.42
CA LYS B 138 -27.11 0.85 5.78
CA LYS B 138 -27.11 0.83 5.78
C LYS B 138 -26.03 0.59 6.82
N ILE B 139 -25.21 -0.44 6.62
CA ILE B 139 -24.11 -0.72 7.54
C ILE B 139 -23.17 0.47 7.60
N ALA B 140 -22.76 0.98 6.43
CA ALA B 140 -21.84 2.11 6.41
C ALA B 140 -22.46 3.34 7.03
N ALA B 141 -23.75 3.59 6.73
CA ALA B 141 -24.44 4.73 7.33
C ALA B 141 -24.49 4.60 8.84
N GLU B 142 -24.79 3.40 9.34
CA GLU B 142 -24.87 3.20 10.78
C GLU B 142 -23.51 3.36 11.45
N ALA B 143 -22.45 2.90 10.79
CA ALA B 143 -21.10 3.11 11.33
C ALA B 143 -20.77 4.59 11.35
N ALA B 144 -21.10 5.32 10.29
CA ALA B 144 -20.79 6.75 10.24
C ALA B 144 -21.55 7.53 11.32
N ALA B 145 -22.80 7.15 11.58
CA ALA B 145 -23.56 7.79 12.63
C ALA B 145 -23.00 7.48 14.02
N ALA B 146 -22.29 6.36 14.17
CA ALA B 146 -21.66 6.02 15.44
C ALA B 146 -20.39 6.82 15.68
N GLY B 147 -19.81 7.41 14.64
CA GLY B 147 -18.61 8.22 14.77
C GLY B 147 -17.31 7.45 14.82
N SER B 148 -17.24 6.43 15.67
CA SER B 148 -16.05 5.61 15.79
C SER B 148 -16.46 4.29 16.45
N GLY B 149 -15.56 3.33 16.42
CA GLY B 149 -15.83 2.03 17.00
C GLY B 149 -14.95 0.96 16.38
N ASP B 150 -15.35 -0.28 16.59
CA ASP B 150 -14.59 -1.44 16.11
C ASP B 150 -14.96 -1.72 14.66
N PHE B 151 -14.03 -1.44 13.73
CA PHE B 151 -14.32 -1.61 12.32
C PHE B 151 -14.73 -3.05 11.99
N VAL B 152 -14.12 -4.02 12.67
CA VAL B 152 -14.42 -5.41 12.33
C VAL B 152 -15.88 -5.73 12.61
N GLU B 153 -16.39 -5.30 13.78
CA GLU B 153 -17.76 -5.62 14.12
CA GLU B 153 -17.76 -5.62 14.13
C GLU B 153 -18.76 -4.74 13.39
N GLN B 154 -18.41 -3.46 13.17
CA GLN B 154 -19.39 -2.51 12.64
C GLN B 154 -19.37 -2.37 11.11
N VAL B 155 -18.36 -2.88 10.43
CA VAL B 155 -18.30 -2.71 8.98
C VAL B 155 -18.04 -4.05 8.29
N SER B 156 -17.19 -4.88 8.89
CA SER B 156 -16.71 -6.06 8.19
C SER B 156 -17.59 -7.28 8.42
N CYS B 157 -18.26 -7.35 9.57
N CYS B 157 -18.25 -7.34 9.58
CA CYS B 157 -18.81 -8.62 10.03
CA CYS B 157 -18.82 -8.60 10.06
C CYS B 157 -20.14 -8.96 9.35
C CYS B 157 -20.13 -8.95 9.36
N GLU B 158 -21.06 -8.00 9.28
CA GLU B 158 -22.44 -8.35 8.96
C GLU B 158 -22.62 -8.74 7.49
N LEU B 159 -22.04 -7.97 6.56
CA LEU B 159 -22.38 -8.19 5.15
C LEU B 159 -22.06 -9.61 4.69
N PRO B 160 -20.88 -10.18 4.96
CA PRO B 160 -20.64 -11.57 4.51
C PRO B 160 -21.67 -12.54 5.08
N LEU B 161 -22.10 -12.34 6.32
CA LEU B 161 -23.09 -13.23 6.91
C LEU B 161 -24.46 -13.03 6.28
N GLN B 162 -24.79 -11.80 5.88
CA GLN B 162 -26.04 -11.57 5.18
C GLN B 162 -26.00 -12.12 3.76
N ALA B 163 -24.81 -12.18 3.14
CA ALA B 163 -24.69 -12.87 1.87
C ALA B 163 -25.04 -14.34 2.04
N ILE B 164 -24.53 -14.98 3.09
CA ILE B 164 -24.84 -16.39 3.35
C ILE B 164 -26.33 -16.55 3.61
N ALA B 165 -26.89 -15.71 4.49
CA ALA B 165 -28.31 -15.81 4.82
C ALA B 165 -29.18 -15.56 3.58
N GLY B 166 -28.84 -14.55 2.78
CA GLY B 166 -29.59 -14.31 1.56
C GLY B 166 -29.53 -15.46 0.59
N LEU B 167 -28.34 -16.03 0.40
CA LEU B 167 -28.19 -17.16 -0.51
C LEU B 167 -29.09 -18.32 -0.10
N LEU B 168 -29.15 -18.64 1.19
CA LEU B 168 -29.96 -19.77 1.67
C LEU B 168 -31.41 -19.38 1.97
N GLY B 169 -31.78 -18.12 1.79
CA GLY B 169 -33.14 -17.70 2.09
C GLY B 169 -33.51 -17.84 3.56
N VAL B 170 -32.60 -17.49 4.44
CA VAL B 170 -32.86 -17.67 5.88
C VAL B 170 -33.80 -16.56 6.35
N PRO B 171 -34.90 -16.90 7.00
CA PRO B 171 -35.81 -15.85 7.49
C PRO B 171 -35.11 -14.88 8.45
N GLN B 172 -35.52 -13.62 8.38
CA GLN B 172 -34.91 -12.59 9.21
C GLN B 172 -34.90 -13.00 10.68
N GLU B 173 -35.93 -13.70 11.14
CA GLU B 173 -36.06 -14.05 12.55
C GLU B 173 -35.03 -15.07 13.01
N ASP B 174 -34.39 -15.76 12.07
CA ASP B 174 -33.42 -16.80 12.40
C ASP B 174 -31.98 -16.39 12.12
N ARG B 175 -31.76 -15.18 11.59
CA ARG B 175 -30.41 -14.80 11.18
C ARG B 175 -29.52 -14.50 12.39
N GLY B 176 -30.09 -13.94 13.46
CA GLY B 176 -29.33 -13.72 14.68
C GLY B 176 -28.71 -15.00 15.20
N LYS B 177 -29.52 -16.04 15.36
CA LYS B 177 -28.98 -17.29 15.89
C LYS B 177 -28.07 -17.96 14.87
N LEU B 178 -28.42 -17.90 13.58
CA LEU B 178 -27.55 -18.48 12.57
C LEU B 178 -26.17 -17.79 12.55
N PHE B 179 -26.16 -16.46 12.60
CA PHE B 179 -24.89 -15.75 12.64
C PHE B 179 -24.11 -16.11 13.90
N HIS B 180 -24.82 -16.34 15.01
CA HIS B 180 -24.14 -16.68 16.27
C HIS B 180 -23.40 -18.01 16.14
N TRP B 181 -24.10 -19.06 15.69
CA TRP B 181 -23.44 -20.35 15.51
C TRP B 181 -22.31 -20.26 14.48
N SER B 182 -22.52 -19.48 13.42
CA SER B 182 -21.50 -19.39 12.39
C SER B 182 -20.22 -18.78 12.93
N ASN B 183 -20.35 -17.71 13.73
CA ASN B 183 -19.15 -17.07 14.28
C ASN B 183 -18.46 -17.97 15.31
N GLU B 184 -19.22 -18.80 16.00
CA GLU B 184 -18.65 -19.67 17.01
C GLU B 184 -17.91 -20.85 16.40
N MET B 185 -17.97 -21.01 15.08
CA MET B 185 -17.18 -22.04 14.40
C MET B 185 -15.74 -21.59 14.16
N THR B 186 -15.39 -20.35 14.51
CA THR B 186 -14.12 -19.76 14.14
C THR B 186 -13.38 -19.23 15.35
N GLY B 187 -12.05 -19.30 15.28
CA GLY B 187 -11.20 -18.67 16.27
C GLY B 187 -11.09 -19.35 17.60
N ASN B 188 -11.46 -20.63 17.69
CA ASN B 188 -11.44 -21.33 18.97
CA ASN B 188 -11.44 -21.35 18.96
C ASN B 188 -10.03 -21.56 19.51
N GLU B 189 -8.99 -21.34 18.71
CA GLU B 189 -7.63 -21.49 19.19
C GLU B 189 -7.04 -20.18 19.71
N ASP B 190 -7.82 -19.11 19.76
CA ASP B 190 -7.41 -17.83 20.26
C ASP B 190 -7.95 -17.64 21.69
N PRO B 191 -7.17 -17.10 22.65
CA PRO B 191 -7.65 -17.05 24.03
C PRO B 191 -9.00 -16.34 24.18
N GLU B 192 -9.34 -15.47 23.24
CA GLU B 192 -10.58 -14.71 23.38
C GLU B 192 -11.81 -15.58 23.14
N TYR B 193 -11.67 -16.70 22.44
CA TYR B 193 -12.80 -17.59 22.16
C TYR B 193 -12.58 -19.01 22.66
N ALA B 194 -11.57 -19.24 23.50
CA ALA B 194 -11.24 -20.59 23.93
C ALA B 194 -12.34 -21.23 24.77
N HIS B 195 -13.26 -20.43 25.30
CA HIS B 195 -14.36 -20.95 26.10
C HIS B 195 -15.50 -21.51 25.25
N ILE B 196 -15.53 -21.19 23.95
CA ILE B 196 -16.64 -21.56 23.08
C ILE B 196 -16.47 -23.00 22.62
N ASP B 197 -17.59 -23.73 22.56
CA ASP B 197 -17.62 -25.11 22.07
C ASP B 197 -18.03 -25.07 20.60
N PRO B 198 -17.09 -25.26 19.66
CA PRO B 198 -17.49 -25.21 18.23
C PRO B 198 -18.31 -26.42 17.81
N LYS B 199 -18.12 -27.58 18.47
CA LYS B 199 -18.87 -28.77 18.10
C LYS B 199 -20.36 -28.56 18.33
N ALA B 200 -20.73 -27.85 19.40
CA ALA B 200 -22.14 -27.58 19.66
C ALA B 200 -22.73 -26.66 18.59
N SER B 201 -22.01 -25.61 18.22
CA SER B 201 -22.53 -24.69 17.21
C SER B 201 -22.71 -25.40 15.87
N SER B 202 -21.78 -26.29 15.51
CA SER B 202 -21.95 -27.06 14.28
C SER B 202 -23.21 -27.92 14.34
N ALA B 203 -23.46 -28.57 15.47
CA ALA B 203 -24.67 -29.38 15.58
C ALA B 203 -25.93 -28.51 15.48
N GLU B 204 -25.86 -27.27 15.93
CA GLU B 204 -27.03 -26.38 15.80
C GLU B 204 -27.25 -26.00 14.34
N LEU B 205 -26.18 -25.64 13.63
CA LEU B 205 -26.31 -25.32 12.21
C LEU B 205 -26.84 -26.52 11.43
N ILE B 206 -26.28 -27.71 11.69
CA ILE B 206 -26.76 -28.92 11.04
C ILE B 206 -28.24 -29.12 11.32
N GLY B 207 -28.62 -29.04 12.60
CA GLY B 207 -30.01 -29.23 12.97
C GLY B 207 -30.94 -28.24 12.29
N TYR B 208 -30.55 -26.97 12.26
CA TYR B 208 -31.36 -25.96 11.59
C TYR B 208 -31.46 -26.26 10.10
N ALA B 209 -30.36 -26.75 9.51
CA ALA B 209 -30.36 -27.02 8.07
C ALA B 209 -31.36 -28.11 7.71
N MET B 210 -31.35 -29.22 8.45
CA MET B 210 -32.32 -30.28 8.18
C MET B 210 -33.76 -29.76 8.25
N LYS B 211 -34.08 -28.98 9.28
CA LYS B 211 -35.43 -28.45 9.38
C LYS B 211 -35.76 -27.56 8.18
N MET B 212 -34.77 -26.82 7.67
CA MET B 212 -35.01 -26.01 6.48
C MET B 212 -35.21 -26.87 5.24
N ALA B 213 -34.45 -27.96 5.12
CA ALA B 213 -34.56 -28.84 3.96
C ALA B 213 -35.88 -29.59 3.96
N GLU B 214 -36.42 -29.93 5.13
CA GLU B 214 -37.71 -30.60 5.18
C GLU B 214 -38.86 -29.62 4.96
N GLU B 215 -38.70 -28.37 5.40
N GLU B 215 -38.70 -28.37 5.40
CA GLU B 215 -39.74 -27.38 5.14
CA GLU B 215 -39.74 -27.38 5.14
C GLU B 215 -39.79 -26.99 3.67
C GLU B 215 -39.79 -26.99 3.67
N LYS B 216 -38.62 -26.89 3.03
CA LYS B 216 -38.58 -26.54 1.61
C LYS B 216 -38.94 -27.71 0.71
N ALA B 217 -38.75 -28.95 1.16
CA ALA B 217 -39.27 -30.09 0.43
C ALA B 217 -40.80 -30.12 0.47
N LYS B 218 -41.38 -29.59 1.55
CA LYS B 218 -42.82 -29.48 1.67
C LYS B 218 -43.34 -28.34 0.80
N ASN B 219 -42.64 -27.20 0.79
CA ASN B 219 -43.05 -25.99 0.06
C ASN B 219 -41.92 -25.61 -0.88
N PRO B 220 -41.86 -26.22 -2.07
CA PRO B 220 -40.83 -25.82 -3.05
C PRO B 220 -41.08 -24.41 -3.56
N ALA B 221 -40.00 -23.64 -3.65
CA ALA B 221 -40.06 -22.27 -4.16
C ALA B 221 -38.94 -22.03 -5.17
N ASP B 222 -38.75 -20.77 -5.56
CA ASP B 222 -37.69 -20.40 -6.49
C ASP B 222 -36.50 -19.82 -5.73
N ASP B 223 -35.83 -20.71 -4.99
CA ASP B 223 -34.66 -20.35 -4.22
C ASP B 223 -33.59 -21.43 -4.42
N ILE B 224 -32.44 -21.23 -3.78
CA ILE B 224 -31.32 -22.15 -3.94
C ILE B 224 -31.57 -23.45 -3.17
N VAL B 225 -32.17 -23.37 -1.99
CA VAL B 225 -32.38 -24.57 -1.18
C VAL B 225 -33.23 -25.58 -1.94
N THR B 226 -34.26 -25.10 -2.64
CA THR B 226 -35.14 -26.01 -3.38
C THR B 226 -34.37 -26.71 -4.49
N GLN B 227 -33.56 -25.96 -5.25
CA GLN B 227 -32.81 -26.56 -6.34
C GLN B 227 -31.80 -27.59 -5.85
N LEU B 228 -31.25 -27.39 -4.64
CA LEU B 228 -30.23 -28.30 -4.15
C LEU B 228 -30.83 -29.63 -3.71
N ILE B 229 -32.06 -29.61 -3.17
CA ILE B 229 -32.68 -30.84 -2.67
C ILE B 229 -33.60 -31.49 -3.68
N GLN B 230 -33.81 -30.87 -4.84
CA GLN B 230 -34.58 -31.46 -5.93
C GLN B 230 -33.65 -32.17 -6.91
N ALA B 231 -34.23 -33.09 -7.68
CA ALA B 231 -33.45 -33.89 -8.61
C ALA B 231 -33.40 -33.24 -9.99
N ASP B 232 -32.24 -33.31 -10.62
CA ASP B 232 -32.06 -32.75 -11.96
C ASP B 232 -32.57 -33.75 -13.01
N ILE B 233 -32.20 -33.54 -14.27
CA ILE B 233 -32.65 -34.41 -15.35
C ILE B 233 -32.21 -35.85 -15.08
N ASP B 234 -31.05 -36.05 -14.44
CA ASP B 234 -30.52 -37.37 -14.16
C ASP B 234 -30.71 -37.77 -12.69
N GLY B 235 -31.57 -37.08 -11.97
CA GLY B 235 -31.88 -37.47 -10.60
C GLY B 235 -30.78 -37.25 -9.59
N GLU B 236 -29.99 -36.18 -9.75
CA GLU B 236 -28.91 -35.87 -8.83
C GLU B 236 -29.37 -34.79 -7.86
N LYS B 237 -29.24 -35.06 -6.56
CA LYS B 237 -29.77 -34.18 -5.53
C LYS B 237 -28.92 -34.28 -4.28
N LEU B 238 -28.98 -33.22 -3.47
CA LEU B 238 -28.36 -33.26 -2.15
C LEU B 238 -29.25 -34.02 -1.17
N SER B 239 -28.68 -34.95 -0.44
CA SER B 239 -29.37 -35.54 0.69
C SER B 239 -29.59 -34.48 1.76
N ASP B 240 -30.50 -34.77 2.69
CA ASP B 240 -30.69 -33.84 3.81
C ASP B 240 -29.43 -33.76 4.67
N ASP B 241 -28.71 -34.88 4.84
CA ASP B 241 -27.42 -34.83 5.52
C ASP B 241 -26.43 -33.99 4.72
N GLU B 242 -26.32 -34.23 3.41
CA GLU B 242 -25.38 -33.47 2.60
C GLU B 242 -25.73 -31.98 2.59
N PHE B 243 -27.02 -31.66 2.62
CA PHE B 243 -27.41 -30.26 2.76
C PHE B 243 -26.94 -29.69 4.11
N GLY B 244 -27.02 -30.49 5.17
CA GLY B 244 -26.51 -30.03 6.45
C GLY B 244 -25.03 -29.69 6.39
N PHE B 245 -24.22 -30.62 5.89
CA PHE B 245 -22.79 -30.37 5.77
C PHE B 245 -22.50 -29.26 4.77
N PHE B 246 -23.39 -29.02 3.82
CA PHE B 246 -23.25 -27.86 2.95
C PHE B 246 -23.45 -26.56 3.74
N VAL B 247 -24.50 -26.51 4.55
CA VAL B 247 -24.78 -25.29 5.32
C VAL B 247 -23.65 -25.00 6.29
N VAL B 248 -23.18 -26.03 7.01
CA VAL B 248 -22.06 -25.82 7.93
C VAL B 248 -20.83 -25.33 7.17
N MET B 249 -20.49 -25.99 6.06
CA MET B 249 -19.34 -25.54 5.28
C MET B 249 -19.52 -24.10 4.86
N LEU B 250 -20.72 -23.73 4.42
CA LEU B 250 -20.98 -22.34 4.01
C LEU B 250 -20.77 -21.38 5.17
N ALA B 251 -21.27 -21.73 6.35
CA ALA B 251 -21.16 -20.85 7.51
C ALA B 251 -19.73 -20.48 7.82
N VAL B 252 -18.79 -21.40 7.58
CA VAL B 252 -17.38 -21.11 7.78
C VAL B 252 -16.73 -20.53 6.52
N ALA B 253 -17.09 -21.09 5.35
CA ALA B 253 -16.38 -20.74 4.13
C ALA B 253 -16.55 -19.28 3.78
N GLY B 254 -17.78 -18.75 3.93
CA GLY B 254 -18.08 -17.41 3.45
C GLY B 254 -18.13 -16.34 4.51
N ASN B 255 -17.74 -16.66 5.74
CA ASN B 255 -17.87 -15.74 6.85
C ASN B 255 -16.56 -14.99 7.08
N GLU B 256 -15.63 -15.60 7.84
CA GLU B 256 -14.43 -14.87 8.23
C GLU B 256 -13.52 -14.61 7.05
N THR B 257 -13.66 -15.38 5.97
CA THR B 257 -12.86 -15.12 4.76
C THR B 257 -13.15 -13.72 4.21
N THR B 258 -14.40 -13.47 3.81
CA THR B 258 -14.73 -12.15 3.26
C THR B 258 -14.54 -11.06 4.33
N ARG B 259 -14.94 -11.35 5.56
CA ARG B 259 -14.78 -10.38 6.65
C ARG B 259 -13.35 -9.85 6.70
N ASN B 260 -12.37 -10.76 6.64
CA ASN B 260 -10.98 -10.32 6.74
C ASN B 260 -10.48 -9.66 5.49
N SER B 261 -11.07 -9.95 4.33
N SER B 261 -11.08 -9.93 4.33
CA SER B 261 -10.78 -9.17 3.15
CA SER B 261 -10.74 -9.16 3.15
C SER B 261 -11.15 -7.72 3.37
C SER B 261 -11.20 -7.71 3.30
N ILE B 262 -12.30 -7.48 4.00
CA ILE B 262 -12.76 -6.11 4.21
C ILE B 262 -11.86 -5.39 5.19
N THR B 263 -11.56 -6.02 6.33
CA THR B 263 -10.74 -5.36 7.34
C THR B 263 -9.35 -5.02 6.81
N GLN B 264 -8.67 -6.01 6.25
CA GLN B 264 -7.31 -5.78 5.80
C GLN B 264 -7.26 -5.02 4.48
N GLY B 265 -8.33 -5.05 3.69
CA GLY B 265 -8.39 -4.12 2.59
C GLY B 265 -8.43 -2.68 3.07
N MET B 266 -9.21 -2.43 4.12
CA MET B 266 -9.25 -1.08 4.66
C MET B 266 -7.97 -0.72 5.37
N MET B 267 -7.36 -1.68 6.07
CA MET B 267 -6.03 -1.43 6.60
C MET B 267 -5.08 -1.00 5.49
N ALA B 268 -5.16 -1.66 4.33
CA ALA B 268 -4.30 -1.30 3.20
C ALA B 268 -4.57 0.12 2.74
N PHE B 269 -5.86 0.49 2.62
CA PHE B 269 -6.20 1.85 2.21
C PHE B 269 -5.70 2.87 3.23
N ALA B 270 -5.77 2.53 4.51
CA ALA B 270 -5.29 3.46 5.54
C ALA B 270 -3.78 3.67 5.41
N GLU B 271 -3.05 2.62 5.06
CA GLU B 271 -1.60 2.73 4.92
C GLU B 271 -1.21 3.37 3.59
N HIS B 272 -2.10 3.39 2.60
CA HIS B 272 -1.80 3.91 1.27
C HIS B 272 -2.87 4.90 0.87
N PRO B 273 -2.87 6.10 1.48
CA PRO B 273 -3.95 7.07 1.19
C PRO B 273 -4.09 7.40 -0.28
N ASP B 274 -3.00 7.36 -1.04
CA ASP B 274 -3.09 7.67 -2.46
C ASP B 274 -4.01 6.68 -3.16
N GLN B 275 -3.99 5.41 -2.73
CA GLN B 275 -4.87 4.42 -3.33
C GLN B 275 -6.30 4.63 -2.87
N TRP B 276 -6.50 5.03 -1.63
CA TRP B 276 -7.85 5.33 -1.15
C TRP B 276 -8.44 6.52 -1.90
N GLU B 277 -7.63 7.54 -2.16
CA GLU B 277 -8.12 8.68 -2.93
C GLU B 277 -8.48 8.25 -4.35
N LEU B 278 -7.63 7.42 -4.98
CA LEU B 278 -7.94 6.89 -6.30
C LEU B 278 -9.21 6.05 -6.28
N TYR B 279 -9.37 5.20 -5.26
CA TYR B 279 -10.57 4.36 -5.18
C TYR B 279 -11.83 5.21 -5.08
N LYS B 280 -11.84 6.19 -4.19
CA LYS B 280 -13.08 6.96 -4.00
C LYS B 280 -13.50 7.64 -5.31
N LYS B 281 -12.54 8.01 -6.15
CA LYS B 281 -12.86 8.66 -7.41
CA LYS B 281 -12.87 8.66 -7.41
C LYS B 281 -13.35 7.67 -8.46
N VAL B 282 -12.57 6.62 -8.69
CA VAL B 282 -12.77 5.73 -9.82
C VAL B 282 -13.59 4.49 -9.50
N ARG B 283 -13.56 4.04 -8.26
CA ARG B 283 -14.22 2.80 -7.87
C ARG B 283 -13.90 1.66 -8.83
N PRO B 284 -12.64 1.36 -9.07
CA PRO B 284 -12.30 0.38 -10.12
C PRO B 284 -12.73 -1.01 -9.71
N GLU B 285 -13.19 -1.79 -10.70
CA GLU B 285 -13.60 -3.16 -10.44
C GLU B 285 -12.43 -4.10 -10.23
N THR B 286 -11.20 -3.66 -10.48
CA THR B 286 -10.02 -4.45 -10.12
C THR B 286 -9.66 -4.33 -8.65
N ALA B 287 -10.30 -3.42 -7.91
CA ALA B 287 -9.95 -3.24 -6.50
C ALA B 287 -10.14 -4.52 -5.69
N ALA B 288 -11.23 -5.22 -5.90
CA ALA B 288 -11.56 -6.38 -5.07
C ALA B 288 -10.45 -7.42 -5.11
N ASP B 289 -9.95 -7.71 -6.31
CA ASP B 289 -8.94 -8.75 -6.42
C ASP B 289 -7.62 -8.32 -5.79
N GLU B 290 -7.28 -7.03 -5.89
CA GLU B 290 -6.07 -6.59 -5.19
C GLU B 290 -6.28 -6.62 -3.67
N ILE B 291 -7.49 -6.34 -3.22
CA ILE B 291 -7.79 -6.45 -1.78
C ILE B 291 -7.69 -7.91 -1.34
N VAL B 292 -8.13 -8.85 -2.18
CA VAL B 292 -8.03 -10.25 -1.78
C VAL B 292 -6.56 -10.70 -1.76
N ARG B 293 -5.79 -10.27 -2.75
CA ARG B 293 -4.38 -10.60 -2.76
C ARG B 293 -3.70 -10.06 -1.51
N TRP B 294 -3.95 -8.78 -1.21
CA TRP B 294 -3.31 -8.15 -0.06
C TRP B 294 -3.76 -8.78 1.25
N ALA B 295 -5.04 -9.08 1.38
CA ALA B 295 -5.59 -9.59 2.62
C ALA B 295 -5.31 -11.07 2.82
N THR B 296 -5.21 -11.84 1.71
CA THR B 296 -5.08 -13.29 1.75
C THR B 296 -5.69 -13.88 3.01
N PRO B 297 -7.01 -13.83 3.15
CA PRO B 297 -7.65 -14.27 4.41
C PRO B 297 -7.30 -15.68 4.82
N VAL B 298 -7.12 -16.59 3.86
CA VAL B 298 -6.66 -17.94 4.15
C VAL B 298 -5.16 -17.96 3.90
N THR B 299 -4.37 -18.08 4.98
CA THR B 299 -2.92 -18.08 4.85
C THR B 299 -2.42 -19.35 4.15
N ALA B 300 -3.05 -20.49 4.42
CA ALA B 300 -2.53 -21.74 3.89
C ALA B 300 -3.59 -22.84 3.99
N PHE B 301 -3.66 -23.65 2.95
CA PHE B 301 -4.34 -24.94 2.95
C PHE B 301 -3.30 -25.99 2.57
N GLN B 302 -3.58 -27.24 2.92
CA GLN B 302 -2.64 -28.32 2.67
C GLN B 302 -3.25 -29.37 1.75
N ARG B 303 -2.38 -30.24 1.24
CA ARG B 303 -2.77 -31.44 0.51
C ARG B 303 -1.86 -32.57 0.97
N THR B 304 -2.21 -33.79 0.58
CA THR B 304 -1.41 -34.97 0.90
C THR B 304 -1.15 -35.75 -0.39
N ALA B 305 0.11 -36.09 -0.61
CA ALA B 305 0.50 -36.77 -1.85
C ALA B 305 0.04 -38.23 -1.81
N LEU B 306 -0.73 -38.62 -2.82
CA LEU B 306 -1.18 -40.00 -2.95
C LEU B 306 -0.19 -40.88 -3.71
N ARG B 307 0.91 -40.30 -4.19
CA ARG B 307 2.00 -41.07 -4.76
C ARG B 307 3.24 -40.17 -4.78
N ASP B 308 4.40 -40.78 -5.04
CA ASP B 308 5.62 -40.00 -5.22
C ASP B 308 5.44 -39.01 -6.36
N TYR B 309 5.90 -37.78 -6.14
CA TYR B 309 5.72 -36.70 -7.11
C TYR B 309 6.89 -35.73 -6.99
N GLU B 310 7.50 -35.42 -8.13
CA GLU B 310 8.59 -34.46 -8.20
C GLU B 310 8.03 -33.09 -8.51
N LEU B 311 8.31 -32.12 -7.65
CA LEU B 311 7.77 -30.78 -7.77
C LEU B 311 8.93 -29.79 -7.73
N SER B 312 9.17 -29.13 -8.85
CA SER B 312 10.27 -28.16 -8.97
C SER B 312 11.56 -28.72 -8.37
N GLY B 313 11.89 -29.94 -8.78
CA GLY B 313 13.15 -30.56 -8.37
C GLY B 313 13.17 -31.16 -6.99
N VAL B 314 12.07 -31.11 -6.25
CA VAL B 314 12.00 -31.69 -4.91
C VAL B 314 11.13 -32.94 -4.98
N GLN B 315 11.62 -34.03 -4.40
CA GLN B 315 10.91 -35.30 -4.44
C GLN B 315 9.92 -35.36 -3.28
N ILE B 316 8.64 -35.18 -3.59
CA ILE B 316 7.58 -35.39 -2.60
C ILE B 316 7.26 -36.89 -2.59
N LYS B 317 7.19 -37.46 -1.40
CA LYS B 317 6.94 -38.89 -1.22
C LYS B 317 5.52 -39.16 -0.75
N LYS B 318 4.96 -40.26 -1.24
CA LYS B 318 3.61 -40.68 -0.89
C LYS B 318 3.38 -40.60 0.61
N GLY B 319 2.27 -39.96 1.00
CA GLY B 319 1.88 -39.82 2.38
C GLY B 319 2.30 -38.52 3.03
N GLN B 320 3.23 -37.79 2.43
CA GLN B 320 3.68 -36.52 3.00
C GLN B 320 2.72 -35.40 2.70
N ARG B 321 2.68 -34.42 3.59
CA ARG B 321 1.82 -33.25 3.45
C ARG B 321 2.58 -32.13 2.77
N VAL B 322 1.89 -31.39 1.91
CA VAL B 322 2.36 -30.13 1.38
C VAL B 322 1.40 -29.05 1.86
N VAL B 323 1.96 -27.93 2.34
CA VAL B 323 1.16 -26.81 2.82
C VAL B 323 1.36 -25.65 1.85
N MET B 324 0.28 -25.29 1.17
CA MET B 324 0.29 -24.20 0.20
C MET B 324 0.14 -22.89 0.94
N PHE B 325 1.20 -22.09 0.98
CA PHE B 325 1.17 -20.80 1.69
C PHE B 325 0.75 -19.70 0.73
N TYR B 326 -0.57 -19.50 0.63
CA TYR B 326 -1.09 -18.46 -0.23
C TYR B 326 -0.50 -17.10 0.12
N ARG B 327 -0.28 -16.85 1.42
CA ARG B 327 0.28 -15.56 1.84
C ARG B 327 1.65 -15.33 1.23
N SER B 328 2.42 -16.39 1.02
CA SER B 328 3.71 -16.24 0.36
C SER B 328 3.52 -16.12 -1.15
N ALA B 329 2.70 -17.01 -1.72
CA ALA B 329 2.51 -17.04 -3.17
C ALA B 329 1.99 -15.71 -3.70
N ASN B 330 1.13 -15.04 -2.93
CA ASN B 330 0.51 -13.81 -3.38
C ASN B 330 1.47 -12.64 -3.36
N PHE B 331 2.70 -12.82 -2.91
CA PHE B 331 3.72 -11.77 -2.99
C PHE B 331 4.96 -12.31 -3.70
N ASP B 332 4.76 -13.30 -4.58
CA ASP B 332 5.85 -13.93 -5.31
C ASP B 332 6.46 -12.93 -6.29
N GLU B 333 7.75 -12.65 -6.10
CA GLU B 333 8.41 -11.58 -6.84
C GLU B 333 8.52 -11.88 -8.34
N GLU B 334 8.42 -13.14 -8.75
CA GLU B 334 8.52 -13.49 -10.16
C GLU B 334 7.18 -13.47 -10.88
N VAL B 335 6.07 -13.41 -10.13
CA VAL B 335 4.74 -13.34 -10.71
C VAL B 335 4.22 -11.91 -10.75
N PHE B 336 4.33 -11.22 -9.62
CA PHE B 336 3.95 -9.81 -9.52
C PHE B 336 5.20 -8.95 -9.53
N GLN B 337 5.25 -7.98 -10.44
N GLN B 337 5.21 -7.94 -10.39
CA GLN B 337 6.50 -7.23 -10.61
CA GLN B 337 6.21 -6.88 -10.29
C GLN B 337 6.85 -6.41 -9.37
C GLN B 337 5.72 -5.88 -9.24
N ASP B 338 5.82 -5.91 -8.68
N ASP B 338 6.61 -5.56 -8.29
CA ASP B 338 5.98 -5.01 -7.53
CA ASP B 338 6.25 -4.77 -7.12
C ASP B 338 5.07 -5.49 -6.40
C ASP B 338 5.13 -5.45 -6.33
N PRO B 339 5.38 -6.66 -5.83
CA PRO B 339 4.35 -7.33 -5.01
C PRO B 339 3.99 -6.58 -3.75
N PHE B 340 4.93 -5.81 -3.19
CA PHE B 340 4.69 -5.07 -1.97
C PHE B 340 4.05 -3.72 -2.22
N THR B 341 3.64 -3.44 -3.44
CA THR B 341 2.88 -2.24 -3.76
C THR B 341 1.40 -2.61 -3.76
N PHE B 342 0.59 -1.85 -3.01
CA PHE B 342 -0.85 -2.02 -3.03
C PHE B 342 -1.39 -1.20 -4.19
N ASN B 343 -1.84 -1.86 -5.26
CA ASN B 343 -2.24 -1.17 -6.49
C ASN B 343 -3.62 -1.67 -6.90
N ILE B 344 -4.66 -0.89 -6.60
CA ILE B 344 -6.01 -1.33 -6.90
C ILE B 344 -6.32 -1.41 -8.39
N LEU B 345 -5.43 -0.90 -9.24
CA LEU B 345 -5.57 -1.04 -10.68
C LEU B 345 -4.84 -2.24 -11.24
N ARG B 346 -4.20 -3.05 -10.40
CA ARG B 346 -3.44 -4.20 -10.87
C ARG B 346 -4.27 -5.07 -11.78
N ASN B 347 -3.72 -5.36 -12.97
CA ASN B 347 -4.42 -6.16 -13.96
C ASN B 347 -3.47 -6.63 -15.06
N PRO B 348 -3.41 -7.94 -15.36
CA PRO B 348 -4.14 -9.00 -14.66
C PRO B 348 -3.64 -9.17 -13.20
N ASN B 349 -4.36 -9.95 -12.41
CA ASN B 349 -4.04 -10.15 -11.00
C ASN B 349 -4.16 -11.64 -10.73
N PRO B 350 -3.08 -12.42 -10.99
CA PRO B 350 -3.19 -13.88 -10.91
C PRO B 350 -2.99 -14.41 -9.49
N HIS B 351 -3.57 -13.72 -8.51
CA HIS B 351 -3.38 -14.13 -7.11
C HIS B 351 -4.09 -15.46 -6.84
N VAL B 352 -3.69 -16.09 -5.75
CA VAL B 352 -4.29 -17.35 -5.33
C VAL B 352 -5.01 -17.18 -4.00
N GLY B 353 -5.45 -15.95 -3.71
CA GLY B 353 -6.26 -15.73 -2.52
C GLY B 353 -7.48 -16.62 -2.47
N PHE B 354 -8.07 -16.94 -3.63
CA PHE B 354 -9.14 -17.91 -3.73
C PHE B 354 -8.60 -19.31 -4.05
N GLY B 355 -7.31 -19.53 -3.83
CA GLY B 355 -6.69 -20.81 -4.13
C GLY B 355 -6.20 -20.86 -5.56
N GLY B 356 -5.42 -21.91 -5.85
CA GLY B 356 -4.95 -22.13 -7.22
C GLY B 356 -6.05 -22.70 -8.10
N THR B 357 -5.94 -22.44 -9.40
CA THR B 357 -6.89 -23.01 -10.34
C THR B 357 -6.94 -24.53 -10.19
N GLY B 358 -8.14 -25.07 -10.02
CA GLY B 358 -8.28 -26.50 -9.85
C GLY B 358 -9.67 -26.87 -9.40
N ALA B 359 -9.81 -28.12 -8.96
CA ALA B 359 -11.12 -28.67 -8.67
C ALA B 359 -11.77 -27.96 -7.49
N HIS B 360 -10.97 -27.48 -6.55
CA HIS B 360 -11.48 -26.92 -5.29
C HIS B 360 -11.50 -25.39 -5.29
N TYR B 361 -11.20 -24.75 -6.40
CA TYR B 361 -11.19 -23.28 -6.46
C TYR B 361 -12.47 -22.73 -5.85
N CYS B 362 -12.34 -21.62 -5.14
CA CYS B 362 -13.41 -21.18 -4.25
C CYS B 362 -14.66 -20.88 -5.09
N ILE B 363 -15.74 -21.61 -4.80
CA ILE B 363 -16.97 -21.45 -5.56
C ILE B 363 -17.69 -20.15 -5.25
N GLY B 364 -17.32 -19.47 -4.16
CA GLY B 364 -17.95 -18.21 -3.81
C GLY B 364 -17.12 -16.99 -4.15
N ALA B 365 -16.14 -17.16 -5.01
CA ALA B 365 -15.22 -16.06 -5.30
C ALA B 365 -15.95 -14.82 -5.80
N ASN B 366 -16.94 -14.99 -6.67
CA ASN B 366 -17.59 -13.82 -7.24
C ASN B 366 -18.63 -13.24 -6.28
N LEU B 367 -19.29 -14.09 -5.51
CA LEU B 367 -20.06 -13.57 -4.38
C LEU B 367 -19.16 -12.75 -3.45
N ALA B 368 -17.95 -13.25 -3.21
CA ALA B 368 -17.00 -12.53 -2.38
C ALA B 368 -16.64 -11.17 -3.00
N ARG B 369 -16.28 -11.16 -4.29
CA ARG B 369 -15.94 -9.90 -4.93
C ARG B 369 -17.09 -8.91 -4.86
N MET B 370 -18.31 -9.41 -5.11
CA MET B 370 -19.47 -8.51 -5.08
C MET B 370 -19.69 -7.97 -3.67
N THR B 371 -19.51 -8.82 -2.65
CA THR B 371 -19.60 -8.33 -1.29
C THR B 371 -18.55 -7.25 -1.02
N ILE B 372 -17.30 -7.53 -1.40
CA ILE B 372 -16.21 -6.58 -1.19
C ILE B 372 -16.53 -5.26 -1.89
N ASN B 373 -16.96 -5.33 -3.15
CA ASN B 373 -17.21 -4.11 -3.90
C ASN B 373 -18.33 -3.29 -3.27
N LEU B 374 -19.41 -3.95 -2.85
CA LEU B 374 -20.55 -3.22 -2.30
C LEU B 374 -20.19 -2.52 -0.98
N ILE B 375 -19.40 -3.17 -0.12
CA ILE B 375 -19.11 -2.58 1.18
C ILE B 375 -18.11 -1.42 1.04
N PHE B 376 -17.11 -1.57 0.17
CA PHE B 376 -16.16 -0.47 0.00
C PHE B 376 -16.77 0.72 -0.74
N ASN B 377 -17.71 0.46 -1.65
CA ASN B 377 -18.45 1.59 -2.23
C ASN B 377 -19.26 2.29 -1.16
N ALA B 378 -19.85 1.52 -0.24
CA ALA B 378 -20.59 2.11 0.86
C ALA B 378 -19.67 2.91 1.78
N VAL B 379 -18.48 2.37 2.07
CA VAL B 379 -17.55 3.10 2.93
C VAL B 379 -17.10 4.39 2.27
N ALA B 380 -16.76 4.33 0.99
CA ALA B 380 -16.40 5.55 0.27
C ALA B 380 -17.56 6.54 0.24
N ASP B 381 -18.79 6.04 0.13
CA ASP B 381 -19.94 6.94 0.08
C ASP B 381 -20.18 7.63 1.43
N HIS B 382 -20.00 6.90 2.54
CA HIS B 382 -20.48 7.39 3.83
C HIS B 382 -19.37 7.83 4.79
N MET B 383 -18.16 7.28 4.67
CA MET B 383 -17.06 7.64 5.56
C MET B 383 -15.78 7.84 4.75
N PRO B 384 -15.78 8.78 3.80
CA PRO B 384 -14.59 8.94 2.95
C PRO B 384 -13.34 9.36 3.70
N ASP B 385 -13.47 9.91 4.92
CA ASP B 385 -12.33 10.45 5.65
C ASP B 385 -11.93 9.58 6.84
N LEU B 386 -12.41 8.34 6.91
CA LEU B 386 -12.12 7.49 8.06
C LEU B 386 -10.62 7.25 8.23
N LYS B 387 -10.19 7.16 9.47
CA LYS B 387 -8.79 6.96 9.81
C LYS B 387 -8.72 6.01 10.99
N PRO B 388 -7.69 5.16 11.04
CA PRO B 388 -7.54 4.25 12.19
C PRO B 388 -7.21 5.02 13.46
N ILE B 389 -7.66 4.49 14.58
CA ILE B 389 -7.30 4.99 15.90
C ILE B 389 -6.10 4.24 16.48
N SER B 390 -6.14 2.90 16.47
CA SER B 390 -5.13 2.11 17.15
C SER B 390 -4.83 0.86 16.34
N ALA B 391 -3.83 0.11 16.78
CA ALA B 391 -3.37 -1.04 16.04
C ALA B 391 -4.44 -2.14 16.00
N PRO B 392 -4.50 -2.90 14.92
CA PRO B 392 -5.40 -4.07 14.90
C PRO B 392 -4.90 -5.18 15.82
N GLU B 393 -5.86 -5.96 16.31
N GLU B 393 -5.85 -5.94 16.37
CA GLU B 393 -5.60 -7.14 17.13
CA GLU B 393 -5.53 -7.13 17.14
C GLU B 393 -5.77 -8.38 16.24
C GLU B 393 -5.74 -8.33 16.24
N ARG B 394 -4.69 -9.13 16.08
CA ARG B 394 -4.70 -10.28 15.20
C ARG B 394 -5.22 -11.53 15.91
N LEU B 395 -5.63 -12.50 15.10
CA LEU B 395 -6.22 -13.74 15.58
C LEU B 395 -5.14 -14.81 15.70
N ARG B 396 -5.14 -15.53 16.81
CA ARG B 396 -4.25 -16.66 16.98
C ARG B 396 -4.80 -17.81 16.16
N SER B 397 -4.17 -18.09 15.01
CA SER B 397 -4.60 -19.20 14.16
C SER B 397 -3.41 -19.61 13.32
N GLY B 398 -3.32 -20.91 13.01
CA GLY B 398 -2.24 -21.41 12.19
C GLY B 398 -2.49 -21.38 10.70
N TRP B 399 -3.70 -21.05 10.28
CA TRP B 399 -4.06 -21.08 8.87
C TRP B 399 -4.97 -19.95 8.43
N LEU B 400 -5.77 -19.37 9.32
CA LEU B 400 -6.63 -18.24 9.00
C LEU B 400 -5.93 -16.95 9.43
N ASN B 401 -5.96 -15.96 8.55
CA ASN B 401 -5.34 -14.66 8.80
C ASN B 401 -6.45 -13.69 9.21
N GLY B 402 -6.66 -13.58 10.52
CA GLY B 402 -7.82 -12.88 11.06
C GLY B 402 -7.42 -11.61 11.79
N ILE B 403 -8.28 -10.60 11.68
CA ILE B 403 -8.22 -9.41 12.51
C ILE B 403 -9.45 -9.44 13.42
N LYS B 404 -9.24 -9.57 14.74
CA LYS B 404 -10.36 -9.64 15.65
C LYS B 404 -11.00 -8.27 15.87
N HIS B 405 -10.16 -7.23 16.02
CA HIS B 405 -10.66 -5.90 16.38
C HIS B 405 -9.73 -4.86 15.78
N TRP B 406 -10.32 -3.70 15.46
CA TRP B 406 -9.57 -2.60 14.86
C TRP B 406 -10.38 -1.33 15.08
N GLN B 407 -9.89 -0.43 15.93
CA GLN B 407 -10.61 0.78 16.29
C GLN B 407 -10.37 1.84 15.23
N VAL B 408 -11.45 2.44 14.73
CA VAL B 408 -11.39 3.37 13.62
C VAL B 408 -12.24 4.58 13.94
N ASP B 409 -11.76 5.76 13.53
CA ASP B 409 -12.54 6.99 13.58
C ASP B 409 -13.18 7.19 12.20
N TYR B 410 -14.50 7.01 12.12
CA TYR B 410 -15.17 7.04 10.82
C TYR B 410 -15.29 8.44 10.27
N THR B 411 -15.30 9.46 11.13
CA THR B 411 -15.49 10.84 10.68
C THR B 411 -14.18 11.56 10.38
N GLY B 412 -13.06 11.07 10.90
CA GLY B 412 -11.76 11.69 10.65
C GLY B 412 -11.51 12.95 11.46
N SER C 4 20.33 -4.15 -1.95
CA SER C 4 20.76 -5.54 -2.05
C SER C 4 20.05 -6.50 -1.08
N PRO C 5 19.85 -6.11 0.19
CA PRO C 5 19.16 -7.02 1.12
C PRO C 5 17.70 -7.20 0.71
N ASN C 6 17.18 -8.39 1.00
CA ASN C 6 15.86 -8.79 0.54
C ASN C 6 14.81 -8.22 1.50
N LEU C 7 14.54 -6.92 1.33
CA LEU C 7 13.60 -6.18 2.15
C LEU C 7 12.56 -5.54 1.27
N PRO C 8 11.35 -5.29 1.78
CA PRO C 8 10.37 -4.54 0.99
C PRO C 8 10.89 -3.14 0.69
N PRO C 9 10.54 -2.58 -0.46
CA PRO C 9 11.02 -1.22 -0.77
C PRO C 9 10.58 -0.21 0.27
N GLY C 10 11.50 0.67 0.64
CA GLY C 10 11.18 1.72 1.58
C GLY C 10 11.18 1.32 3.04
N PHE C 11 11.62 0.11 3.37
CA PHE C 11 11.61 -0.36 4.76
C PHE C 11 12.42 0.58 5.63
N ASP C 12 11.87 0.96 6.79
CA ASP C 12 12.54 1.85 7.74
C ASP C 12 12.57 1.16 9.10
N PHE C 13 13.76 0.80 9.56
CA PHE C 13 13.92 0.09 10.83
C PHE C 13 13.62 0.96 12.04
N THR C 14 13.36 2.25 11.86
CA THR C 14 12.94 3.11 12.98
C THR C 14 11.44 3.41 12.93
N ASP C 15 10.70 2.74 12.06
CA ASP C 15 9.27 2.99 11.89
C ASP C 15 8.52 2.51 13.12
N PRO C 16 7.95 3.40 13.93
CA PRO C 16 7.20 2.93 15.10
C PRO C 16 6.07 1.99 14.77
N ALA C 17 5.51 2.05 13.55
CA ALA C 17 4.42 1.16 13.20
C ALA C 17 4.88 -0.30 13.20
N ILE C 18 6.16 -0.54 12.93
CA ILE C 18 6.67 -1.89 12.98
C ILE C 18 6.64 -2.39 14.42
N TYR C 19 7.13 -1.56 15.34
CA TYR C 19 7.31 -2.01 16.73
C TYR C 19 6.02 -2.04 17.50
N ALA C 20 4.99 -1.30 17.06
CA ALA C 20 3.66 -1.52 17.60
C ALA C 20 3.16 -2.91 17.30
N GLU C 21 3.70 -3.57 16.28
N GLU C 21 3.69 -3.54 16.25
CA GLU C 21 3.26 -4.90 15.88
CA GLU C 21 3.30 -4.87 15.81
C GLU C 21 4.23 -6.00 16.30
C GLU C 21 4.23 -5.94 16.36
N ARG C 22 5.52 -5.81 16.06
CA ARG C 22 6.47 -6.89 16.28
C ARG C 22 7.87 -6.29 16.39
N LEU C 23 8.80 -7.12 16.85
CA LEU C 23 10.20 -6.81 16.64
C LEU C 23 10.62 -7.39 15.29
N PRO C 24 11.28 -6.59 14.42
CA PRO C 24 11.62 -7.10 13.07
C PRO C 24 12.84 -8.00 13.07
N VAL C 25 12.69 -9.17 13.73
CA VAL C 25 13.83 -10.07 13.91
C VAL C 25 14.34 -10.57 12.57
N ALA C 26 13.44 -11.05 11.71
CA ALA C 26 13.86 -11.62 10.43
C ALA C 26 14.52 -10.56 9.56
N GLU C 27 13.96 -9.34 9.54
CA GLU C 27 14.55 -8.28 8.75
C GLU C 27 15.95 -7.92 9.25
N PHE C 28 16.11 -7.86 10.57
CA PHE C 28 17.45 -7.65 11.15
C PHE C 28 18.40 -8.76 10.71
N ALA C 29 17.93 -10.02 10.77
CA ALA C 29 18.82 -11.12 10.37
C ALA C 29 19.19 -11.03 8.89
N GLU C 30 18.27 -10.57 8.05
CA GLU C 30 18.61 -10.40 6.63
C GLU C 30 19.72 -9.36 6.45
N LEU C 31 19.68 -8.27 7.23
CA LEU C 31 20.73 -7.26 7.13
C LEU C 31 22.06 -7.83 7.61
N ARG C 32 22.06 -8.54 8.74
CA ARG C 32 23.31 -9.12 9.21
C ARG C 32 23.89 -10.07 8.17
N SER C 33 23.04 -10.77 7.42
CA SER C 33 23.53 -11.75 6.48
C SER C 33 23.93 -11.13 5.15
N ALA C 34 23.20 -10.12 4.67
CA ALA C 34 23.37 -9.59 3.33
C ALA C 34 23.96 -8.18 3.28
N ALA C 35 23.75 -7.34 4.30
CA ALA C 35 24.28 -5.97 4.32
C ALA C 35 24.36 -5.51 5.77
N PRO C 36 25.43 -5.90 6.46
CA PRO C 36 25.50 -5.59 7.90
C PRO C 36 25.49 -4.09 8.20
N ILE C 37 26.00 -3.26 7.28
CA ILE C 37 25.88 -1.81 7.39
C ILE C 37 25.11 -1.35 6.16
N TRP C 38 23.88 -0.88 6.38
CA TRP C 38 22.94 -0.62 5.29
C TRP C 38 22.40 0.79 5.42
N TRP C 39 22.44 1.53 4.32
CA TRP C 39 21.85 2.87 4.30
C TRP C 39 20.33 2.74 4.32
N ASN C 40 19.71 3.26 5.38
CA ASN C 40 18.26 3.20 5.59
C ASN C 40 17.70 4.55 5.13
N GLY C 41 17.32 4.64 3.87
CA GLY C 41 16.80 5.88 3.34
C GLY C 41 15.44 6.23 3.94
N GLN C 42 15.23 7.53 4.16
CA GLN C 42 13.98 8.04 4.72
C GLN C 42 13.43 9.14 3.83
N ASP C 43 12.16 9.03 3.48
CA ASP C 43 11.51 10.03 2.62
C ASP C 43 11.41 11.37 3.35
N PRO C 44 11.26 12.46 2.59
CA PRO C 44 11.11 13.77 3.23
C PRO C 44 9.90 13.81 4.15
N GLY C 45 10.10 14.37 5.34
CA GLY C 45 9.04 14.44 6.32
C GLY C 45 8.75 13.15 7.06
N LYS C 46 9.53 12.09 6.82
CA LYS C 46 9.30 10.81 7.48
C LYS C 46 10.57 10.32 8.18
N GLY C 47 11.38 11.25 8.68
CA GLY C 47 12.63 10.90 9.31
C GLY C 47 12.59 10.99 10.82
N GLY C 48 11.40 10.93 11.39
CA GLY C 48 11.27 10.94 12.84
C GLY C 48 11.85 12.18 13.50
N GLY C 49 11.76 13.33 12.83
CA GLY C 49 12.31 14.56 13.36
C GLY C 49 13.63 14.98 12.76
N PHE C 50 14.27 14.10 12.01
CA PHE C 50 15.52 14.39 11.33
C PHE C 50 15.27 14.46 9.83
N HIS C 51 15.98 15.35 9.15
CA HIS C 51 15.72 15.69 7.76
C HIS C 51 16.98 15.58 6.93
N ASP C 52 17.69 14.46 7.10
CA ASP C 52 18.98 14.24 6.43
C ASP C 52 18.93 13.10 5.43
N GLY C 53 17.76 12.57 5.10
CA GLY C 53 17.62 11.55 4.10
C GLY C 53 17.71 10.13 4.59
N GLY C 54 18.22 9.90 5.80
CA GLY C 54 18.29 8.56 6.35
C GLY C 54 19.47 8.43 7.30
N PHE C 55 19.88 7.17 7.50
CA PHE C 55 20.89 6.85 8.50
C PHE C 55 21.48 5.50 8.14
N TRP C 56 22.64 5.23 8.71
CA TRP C 56 23.31 3.94 8.57
C TRP C 56 22.78 2.96 9.63
N ALA C 57 22.15 1.89 9.18
CA ALA C 57 21.70 0.82 10.08
C ALA C 57 22.90 -0.04 10.48
N ILE C 58 23.16 -0.11 11.80
CA ILE C 58 24.27 -0.87 12.36
C ILE C 58 23.68 -2.11 13.03
N THR C 59 24.01 -3.29 12.51
CA THR C 59 23.34 -4.52 12.91
C THR C 59 24.26 -5.53 13.57
N LYS C 60 25.57 -5.39 13.43
CA LYS C 60 26.53 -6.34 13.99
C LYS C 60 27.06 -5.86 15.32
N LEU C 61 27.26 -6.80 16.25
CA LEU C 61 27.63 -6.41 17.60
C LEU C 61 29.00 -5.73 17.65
N ASN C 62 29.95 -6.22 16.84
CA ASN C 62 31.27 -5.61 16.85
C ASN C 62 31.20 -4.16 16.36
N ASP C 63 30.37 -3.90 15.35
CA ASP C 63 30.22 -2.53 14.86
C ASP C 63 29.57 -1.64 15.92
N VAL C 64 28.59 -2.16 16.65
CA VAL C 64 27.97 -1.39 17.72
C VAL C 64 29.00 -0.97 18.75
N LYS C 65 29.83 -1.93 19.20
CA LYS C 65 30.85 -1.62 20.20
C LYS C 65 31.90 -0.64 19.68
N GLU C 66 32.30 -0.78 18.42
CA GLU C 66 33.30 0.13 17.87
C GLU C 66 32.77 1.56 17.82
N ILE C 67 31.52 1.75 17.40
CA ILE C 67 30.92 3.08 17.43
C ILE C 67 30.85 3.60 18.88
N SER C 68 30.42 2.74 19.81
CA SER C 68 30.31 3.18 21.20
C SER C 68 31.68 3.53 21.77
N ARG C 69 32.71 2.80 21.37
CA ARG C 69 34.05 3.08 21.90
C ARG C 69 34.58 4.40 21.38
N HIS C 70 34.50 4.62 20.06
CA HIS C 70 35.02 5.84 19.42
C HIS C 70 33.99 6.96 19.57
N SER C 71 33.81 7.40 20.83
CA SER C 71 33.00 8.58 21.08
C SER C 71 33.67 9.85 20.57
N ASP C 72 34.98 9.80 20.31
CA ASP C 72 35.67 10.92 19.68
C ASP C 72 35.01 11.29 18.36
N VAL C 73 34.58 10.29 17.59
CA VAL C 73 34.04 10.50 16.25
C VAL C 73 32.53 10.46 16.23
N PHE C 74 31.93 9.55 17.01
CA PHE C 74 30.49 9.32 16.97
C PHE C 74 29.86 10.00 18.17
N SER C 75 29.28 11.18 17.92
CA SER C 75 28.81 12.07 18.96
C SER C 75 27.39 11.72 19.40
N SER C 76 27.13 11.94 20.69
CA SER C 76 25.77 11.92 21.20
C SER C 76 25.10 13.28 21.17
N TYR C 77 25.90 14.36 21.18
CA TYR C 77 25.39 15.72 21.36
C TYR C 77 24.83 16.31 20.07
N GLU C 78 25.38 15.93 18.91
N GLU C 78 25.40 15.94 18.91
CA GLU C 78 25.06 16.63 17.67
CA GLU C 78 25.06 16.62 17.66
C GLU C 78 23.58 16.50 17.31
C GLU C 78 23.57 16.52 17.37
N ASN C 79 23.01 15.31 17.46
CA ASN C 79 21.61 15.09 17.15
C ASN C 79 20.87 14.30 18.22
N GLY C 80 21.44 14.17 19.41
CA GLY C 80 20.86 13.34 20.44
C GLY C 80 21.01 11.87 20.09
N VAL C 81 20.62 10.99 21.02
CA VAL C 81 20.75 9.55 20.78
C VAL C 81 19.44 8.87 20.48
N ILE C 82 18.31 9.57 20.62
N ILE C 82 18.31 9.56 20.64
CA ILE C 82 17.01 9.00 20.29
CA ILE C 82 17.02 8.98 20.30
C ILE C 82 16.85 9.01 18.78
C ILE C 82 16.89 9.00 18.78
N PRO C 83 16.67 7.86 18.12
CA PRO C 83 16.62 7.84 16.66
C PRO C 83 15.27 8.16 16.05
N ARG C 84 14.24 8.45 16.84
CA ARG C 84 12.91 8.62 16.26
C ARG C 84 12.01 9.36 17.22
N PHE C 85 11.50 10.50 16.77
CA PHE C 85 10.43 11.24 17.44
C PHE C 85 9.23 11.30 16.49
N LYS C 86 8.23 12.09 16.88
CA LYS C 86 7.17 12.43 15.93
C LYS C 86 7.76 13.19 14.75
N ASN C 87 7.25 12.90 13.55
CA ASN C 87 7.86 13.47 12.35
C ASN C 87 7.84 15.01 12.36
N ASP C 88 6.88 15.61 13.07
CA ASP C 88 6.72 17.06 13.06
C ASP C 88 7.32 17.74 14.28
N ILE C 89 8.24 17.08 14.99
CA ILE C 89 8.85 17.69 16.16
C ILE C 89 9.76 18.84 15.72
N ALA C 90 9.68 19.96 16.43
CA ALA C 90 10.56 21.08 16.14
C ALA C 90 11.98 20.74 16.52
N ARG C 91 12.93 21.33 15.78
CA ARG C 91 14.34 21.08 16.05
C ARG C 91 14.71 21.48 17.48
N GLU C 92 14.10 22.55 17.99
CA GLU C 92 14.43 22.97 19.35
C GLU C 92 14.10 21.87 20.35
N ASP C 93 12.97 21.18 20.17
CA ASP C 93 12.62 20.12 21.11
C ASP C 93 13.59 18.94 21.07
N ILE C 94 14.30 18.75 19.97
CA ILE C 94 15.38 17.76 19.94
C ILE C 94 16.60 18.29 20.68
N GLU C 95 16.95 19.57 20.44
CA GLU C 95 18.18 20.12 21.00
C GLU C 95 18.08 20.36 22.51
N VAL C 96 16.88 20.62 23.03
CA VAL C 96 16.73 20.80 24.47
C VAL C 96 17.13 19.54 25.23
N GLN C 97 17.11 18.38 24.56
CA GLN C 97 17.53 17.14 25.20
C GLN C 97 19.04 17.09 25.46
N ARG C 98 19.80 18.08 24.98
CA ARG C 98 21.22 18.15 25.26
C ARG C 98 21.49 18.51 26.72
N PHE C 99 20.47 18.88 27.48
CA PHE C 99 20.67 19.23 28.88
C PHE C 99 20.81 18.01 29.78
N VAL C 100 20.39 16.84 29.34
CA VAL C 100 20.62 15.60 30.10
C VAL C 100 21.97 15.03 29.69
N MET C 101 22.61 14.34 30.63
N MET C 101 22.62 14.33 30.61
CA MET C 101 23.96 13.82 30.41
CA MET C 101 23.98 13.86 30.37
C MET C 101 23.99 12.85 29.24
C MET C 101 24.03 12.77 29.31
N LEU C 102 22.90 12.13 29.00
CA LEU C 102 22.90 11.12 27.94
C LEU C 102 23.25 11.71 26.59
N ASN C 103 22.95 12.99 26.36
CA ASN C 103 23.10 13.63 25.07
C ASN C 103 24.20 14.68 25.08
N MET C 104 25.24 14.49 25.89
CA MET C 104 26.39 15.38 25.84
C MET C 104 27.64 14.60 25.45
N ASP C 105 28.62 15.34 24.94
CA ASP C 105 29.94 14.81 24.62
C ASP C 105 30.95 15.33 25.65
N ALA C 106 32.10 14.66 25.70
CA ALA C 106 33.21 15.18 26.48
C ALA C 106 33.57 16.58 25.98
N PRO C 107 34.05 17.47 26.87
CA PRO C 107 34.31 17.23 28.29
C PRO C 107 33.10 17.43 29.21
N HIS C 108 32.00 17.99 28.69
CA HIS C 108 30.83 18.20 29.52
C HIS C 108 30.35 16.88 30.13
N HIS C 109 30.20 15.85 29.29
CA HIS C 109 29.69 14.57 29.77
C HIS C 109 30.60 13.96 30.83
N THR C 110 31.92 14.02 30.59
CA THR C 110 32.85 13.35 31.50
C THR C 110 32.80 13.95 32.90
N ARG C 111 32.56 15.25 33.01
CA ARG C 111 32.42 15.87 34.33
C ARG C 111 31.19 15.33 35.05
N LEU C 112 30.02 15.43 34.41
CA LEU C 112 28.79 15.02 35.07
C LEU C 112 28.80 13.51 35.36
N ARG C 113 29.35 12.72 34.44
CA ARG C 113 29.40 11.28 34.65
C ARG C 113 30.20 10.93 35.89
N LYS C 114 31.31 11.65 36.11
CA LYS C 114 32.12 11.38 37.30
C LYS C 114 31.36 11.74 38.58
N ILE C 115 30.61 12.84 38.55
CA ILE C 115 29.84 13.24 39.73
C ILE C 115 28.69 12.29 39.96
N ILE C 116 27.93 11.98 38.90
CA ILE C 116 26.77 11.11 39.04
C ILE C 116 27.20 9.69 39.39
N SER C 117 28.42 9.30 39.01
N SER C 117 28.41 9.29 39.00
CA SER C 117 28.88 7.94 39.29
CA SER C 117 28.87 7.94 39.29
C SER C 117 28.90 7.66 40.78
C SER C 117 28.93 7.66 40.78
N ARG C 118 29.02 8.69 41.61
CA ARG C 118 29.08 8.48 43.06
C ARG C 118 27.76 7.95 43.61
N GLY C 119 26.68 8.06 42.85
CA GLY C 119 25.40 7.54 43.25
C GLY C 119 25.07 6.15 42.75
N PHE C 120 25.94 5.54 41.95
CA PHE C 120 25.68 4.22 41.38
C PHE C 120 26.81 3.24 41.70
N THR C 121 27.60 3.52 42.74
CA THR C 121 28.63 2.59 43.14
C THR C 121 28.01 1.25 43.53
N PRO C 122 28.78 0.17 43.46
CA PRO C 122 28.30 -1.12 43.99
C PRO C 122 27.71 -1.01 45.40
N ARG C 123 28.23 -0.11 46.23
CA ARG C 123 27.70 0.07 47.57
CA ARG C 123 27.70 0.06 47.57
C ARG C 123 26.38 0.83 47.56
N ALA C 124 26.36 2.00 46.92
CA ALA C 124 25.13 2.78 46.87
C ALA C 124 23.98 1.95 46.35
N VAL C 125 24.25 1.09 45.36
CA VAL C 125 23.23 0.17 44.86
C VAL C 125 22.88 -0.84 45.94
N GLY C 126 23.90 -1.44 46.54
CA GLY C 126 23.66 -2.46 47.56
C GLY C 126 22.82 -1.98 48.73
N ARG C 127 22.92 -0.71 49.09
CA ARG C 127 22.13 -0.18 50.20
C ARG C 127 20.63 -0.21 49.90
N LEU C 128 20.26 -0.24 48.63
CA LEU C 128 18.85 -0.33 48.25
C LEU C 128 18.35 -1.77 48.30
N HIS C 129 19.24 -2.75 48.46
CA HIS C 129 18.84 -4.15 48.30
C HIS C 129 17.67 -4.51 49.21
N ASP C 130 17.78 -4.20 50.50
CA ASP C 130 16.78 -4.67 51.45
C ASP C 130 15.39 -4.11 51.16
N GLU C 131 15.27 -2.79 51.02
CA GLU C 131 13.96 -2.20 50.78
C GLU C 131 13.35 -2.71 49.47
N LEU C 132 14.18 -2.90 48.43
CA LEU C 132 13.62 -3.37 47.16
C LEU C 132 13.25 -4.85 47.23
N GLN C 133 14.02 -5.65 47.97
CA GLN C 133 13.69 -7.06 48.15
C GLN C 133 12.34 -7.22 48.86
N GLU C 134 12.15 -6.47 49.95
CA GLU C 134 10.86 -6.51 50.65
C GLU C 134 9.72 -6.04 49.75
N ARG C 135 9.94 -4.94 49.02
CA ARG C 135 8.91 -4.47 48.11
CA ARG C 135 8.92 -4.46 48.10
C ARG C 135 8.62 -5.50 47.02
N ALA C 136 9.66 -6.15 46.51
CA ALA C 136 9.49 -7.17 45.47
C ALA C 136 8.63 -8.33 45.96
N GLN C 137 8.89 -8.82 47.17
CA GLN C 137 8.09 -9.94 47.68
C GLN C 137 6.64 -9.51 47.91
N LYS C 138 6.43 -8.28 48.36
CA LYS C 138 5.05 -7.82 48.57
C LYS C 138 4.34 -7.64 47.23
N ILE C 139 5.03 -7.08 46.23
CA ILE C 139 4.45 -6.95 44.90
C ILE C 139 4.02 -8.32 44.38
N ALA C 140 4.94 -9.29 44.43
CA ALA C 140 4.62 -10.64 43.96
C ALA C 140 3.47 -11.26 44.76
N ALA C 141 3.46 -11.05 46.07
CA ALA C 141 2.39 -11.61 46.91
C ALA C 141 1.04 -11.02 46.53
N GLU C 142 0.96 -9.69 46.40
CA GLU C 142 -0.30 -9.05 46.04
C GLU C 142 -0.76 -9.48 44.66
N ALA C 143 0.16 -9.63 43.71
CA ALA C 143 -0.22 -10.11 42.39
C ALA C 143 -0.77 -11.53 42.47
N ALA C 144 -0.07 -12.41 43.19
CA ALA C 144 -0.56 -13.78 43.33
C ALA C 144 -1.96 -13.80 43.93
N ALA C 145 -2.21 -12.94 44.93
CA ALA C 145 -3.50 -12.93 45.60
C ALA C 145 -4.59 -12.41 44.67
N ALA C 146 -4.24 -11.61 43.67
CA ALA C 146 -5.23 -11.16 42.71
C ALA C 146 -5.66 -12.28 41.76
N GLY C 147 -4.92 -13.37 41.71
CA GLY C 147 -5.26 -14.48 40.82
C GLY C 147 -4.83 -14.28 39.40
N SER C 148 -5.26 -13.18 38.77
CA SER C 148 -4.93 -12.87 37.39
C SER C 148 -4.96 -11.36 37.21
N GLY C 149 -4.40 -10.90 36.10
CA GLY C 149 -4.41 -9.49 35.79
C GLY C 149 -3.31 -9.10 34.83
N ASP C 150 -3.09 -7.78 34.75
CA ASP C 150 -2.09 -7.22 33.83
C ASP C 150 -0.71 -7.33 34.45
N PHE C 151 0.11 -8.25 33.95
CA PHE C 151 1.45 -8.46 34.51
C PHE C 151 2.27 -7.18 34.46
N VAL C 152 2.10 -6.38 33.42
CA VAL C 152 2.91 -5.16 33.30
C VAL C 152 2.64 -4.23 34.46
N GLU C 153 1.36 -4.01 34.77
CA GLU C 153 0.99 -3.10 35.85
C GLU C 153 1.26 -3.72 37.22
N GLN C 154 0.96 -5.01 37.37
CA GLN C 154 0.95 -5.63 38.69
C GLN C 154 2.30 -6.17 39.13
N VAL C 155 3.25 -6.36 38.21
CA VAL C 155 4.53 -6.95 38.58
C VAL C 155 5.69 -6.13 38.03
N SER C 156 5.59 -5.67 36.79
CA SER C 156 6.75 -5.05 36.16
C SER C 156 6.89 -3.57 36.52
N CYS C 157 5.77 -2.87 36.75
CA CYS C 157 5.80 -1.42 36.75
C CYS C 157 6.48 -0.84 37.99
N GLU C 158 6.12 -1.33 39.18
CA GLU C 158 6.40 -0.55 40.38
C GLU C 158 7.85 -0.63 40.83
N LEU C 159 8.48 -1.80 40.76
CA LEU C 159 9.80 -1.93 41.38
C LEU C 159 10.85 -1.04 40.74
N PRO C 160 10.94 -0.91 39.40
CA PRO C 160 11.88 0.09 38.85
C PRO C 160 11.61 1.49 39.36
N LEU C 161 10.34 1.87 39.52
CA LEU C 161 10.03 3.19 40.04
C LEU C 161 10.43 3.31 41.53
N GLN C 162 10.22 2.24 42.30
CA GLN C 162 10.66 2.30 43.70
C GLN C 162 12.18 2.31 43.80
N ALA C 163 12.86 1.70 42.83
CA ALA C 163 14.33 1.77 42.84
C ALA C 163 14.79 3.21 42.66
N ILE C 164 14.13 3.94 41.75
CA ILE C 164 14.45 5.35 41.53
C ILE C 164 14.12 6.17 42.76
N ALA C 165 12.93 5.96 43.33
CA ALA C 165 12.56 6.73 44.52
C ALA C 165 13.50 6.45 45.68
N GLY C 166 13.92 5.19 45.83
CA GLY C 166 14.84 4.86 46.92
C GLY C 166 16.21 5.50 46.74
N LEU C 167 16.71 5.50 45.49
CA LEU C 167 17.99 6.15 45.22
C LEU C 167 17.92 7.63 45.54
N LEU C 168 16.80 8.28 45.24
CA LEU C 168 16.66 9.71 45.48
C LEU C 168 16.19 10.05 46.87
N GLY C 169 15.74 9.06 47.65
CA GLY C 169 15.24 9.34 48.98
C GLY C 169 13.95 10.12 48.99
N VAL C 170 13.05 9.81 48.06
CA VAL C 170 11.79 10.55 47.94
C VAL C 170 10.86 10.14 49.08
N PRO C 171 10.27 11.09 49.81
CA PRO C 171 9.30 10.69 50.84
C PRO C 171 8.16 9.88 50.25
N GLN C 172 7.59 9.02 51.09
CA GLN C 172 6.58 8.08 50.59
C GLN C 172 5.35 8.82 50.07
N GLU C 173 4.96 9.91 50.74
CA GLU C 173 3.78 10.66 50.32
C GLU C 173 4.00 11.35 48.98
N ASP C 174 5.25 11.48 48.53
CA ASP C 174 5.55 12.13 47.26
C ASP C 174 5.75 11.16 46.09
N ARG C 175 5.77 9.85 46.35
CA ARG C 175 6.13 8.92 45.29
C ARG C 175 5.01 8.76 44.26
N GLY C 176 3.76 8.89 44.69
CA GLY C 176 2.67 8.82 43.73
C GLY C 176 2.80 9.90 42.66
N LYS C 177 3.05 11.13 43.08
CA LYS C 177 3.24 12.22 42.11
C LYS C 177 4.50 11.98 41.26
N LEU C 178 5.59 11.53 41.89
CA LEU C 178 6.82 11.25 41.15
C LEU C 178 6.58 10.17 40.10
N PHE C 179 5.89 9.09 40.47
CA PHE C 179 5.66 8.01 39.52
C PHE C 179 4.79 8.49 38.36
N HIS C 180 3.84 9.39 38.62
CA HIS C 180 2.96 9.85 37.54
C HIS C 180 3.75 10.58 36.47
N TRP C 181 4.54 11.58 36.86
CA TRP C 181 5.30 12.35 35.87
C TRP C 181 6.40 11.49 35.22
N SER C 182 6.98 10.55 35.96
CA SER C 182 7.98 9.67 35.36
C SER C 182 7.38 8.80 34.26
N ASN C 183 6.13 8.40 34.41
CA ASN C 183 5.50 7.52 33.42
C ASN C 183 4.99 8.26 32.19
N GLU C 184 4.93 9.59 32.22
CA GLU C 184 4.43 10.36 31.11
C GLU C 184 5.53 11.03 30.31
N MET C 185 6.73 10.45 30.28
CA MET C 185 7.84 11.02 29.53
C MET C 185 8.34 10.10 28.43
N THR C 186 7.82 8.89 28.30
CA THR C 186 7.99 8.08 27.10
C THR C 186 6.66 7.37 26.83
N GLY C 187 6.39 7.12 25.55
CA GLY C 187 5.13 6.56 25.12
C GLY C 187 4.24 7.53 24.36
N ASN C 188 4.69 8.77 24.17
CA ASN C 188 3.87 9.78 23.52
C ASN C 188 3.41 9.38 22.12
N GLU C 189 4.11 8.47 21.47
CA GLU C 189 3.82 8.13 20.08
C GLU C 189 2.81 7.00 19.94
N ASP C 190 2.34 6.42 21.04
CA ASP C 190 1.36 5.35 21.02
C ASP C 190 -0.04 5.92 21.27
N PRO C 191 -1.06 5.48 20.52
CA PRO C 191 -2.40 6.08 20.68
C PRO C 191 -2.94 6.00 22.09
N GLU C 192 -2.56 4.98 22.86
CA GLU C 192 -3.05 4.87 24.24
C GLU C 192 -2.56 6.02 25.13
N TYR C 193 -1.45 6.65 24.77
CA TYR C 193 -0.85 7.73 25.57
C TYR C 193 -0.76 9.04 24.80
N ALA C 194 -1.65 9.23 23.82
CA ALA C 194 -1.64 10.45 23.03
C ALA C 194 -1.94 11.69 23.85
N HIS C 195 -2.51 11.51 25.05
CA HIS C 195 -2.90 12.65 25.89
C HIS C 195 -1.74 13.22 26.69
N ILE C 196 -0.70 12.44 26.96
CA ILE C 196 0.35 12.87 27.87
C ILE C 196 1.15 14.00 27.23
N ASP C 197 1.72 14.85 28.08
CA ASP C 197 2.53 15.99 27.65
C ASP C 197 3.93 15.85 28.22
N PRO C 198 4.91 15.35 27.45
CA PRO C 198 6.24 15.14 28.02
C PRO C 198 6.93 16.42 28.46
N LYS C 199 6.55 17.58 27.92
CA LYS C 199 7.11 18.83 28.40
C LYS C 199 6.56 19.20 29.77
N ALA C 200 5.25 19.00 29.97
CA ALA C 200 4.65 19.29 31.27
C ALA C 200 5.23 18.39 32.34
N SER C 201 5.50 17.12 32.00
CA SER C 201 6.04 16.19 32.98
C SER C 201 7.49 16.55 33.32
N SER C 202 8.29 16.92 32.32
CA SER C 202 9.67 17.29 32.58
C SER C 202 9.75 18.53 33.46
N ALA C 203 8.86 19.50 33.21
CA ALA C 203 8.85 20.70 34.05
C ALA C 203 8.49 20.37 35.49
N GLU C 204 7.57 19.43 35.69
CA GLU C 204 7.20 19.05 37.06
C GLU C 204 8.34 18.33 37.75
N LEU C 205 8.97 17.37 37.07
CA LEU C 205 10.13 16.69 37.67
C LEU C 205 11.22 17.67 38.02
N ILE C 206 11.48 18.64 37.13
CA ILE C 206 12.52 19.64 37.41
C ILE C 206 12.14 20.46 38.63
N GLY C 207 10.90 20.93 38.68
CA GLY C 207 10.46 21.73 39.81
C GLY C 207 10.54 20.98 41.12
N TYR C 208 10.18 19.70 41.12
CA TYR C 208 10.28 18.91 42.34
C TYR C 208 11.74 18.64 42.71
N ALA C 209 12.58 18.35 41.70
CA ALA C 209 13.98 18.04 41.98
C ALA C 209 14.70 19.22 42.61
N MET C 210 14.44 20.44 42.13
CA MET C 210 15.10 21.60 42.71
C MET C 210 14.55 21.92 44.10
N LYS C 211 13.28 21.63 44.35
CA LYS C 211 12.77 21.68 45.71
C LYS C 211 13.58 20.74 46.62
N MET C 212 13.85 19.53 46.14
N MET C 212 13.89 19.55 46.13
CA MET C 212 14.65 18.58 46.91
CA MET C 212 14.63 18.60 46.95
C MET C 212 16.06 19.10 47.14
C MET C 212 16.09 19.02 47.11
N ALA C 213 16.69 19.60 46.08
CA ALA C 213 18.05 20.10 46.20
C ALA C 213 18.11 21.32 47.11
N GLU C 214 17.09 22.18 47.03
CA GLU C 214 17.02 23.32 47.93
C GLU C 214 16.81 22.88 49.37
N GLU C 215 16.13 21.76 49.59
CA GLU C 215 15.82 21.33 50.96
C GLU C 215 16.93 20.50 51.59
N LYS C 216 17.73 19.77 50.81
CA LYS C 216 18.88 19.07 51.37
C LYS C 216 20.13 19.93 51.44
N ALA C 217 20.11 21.13 50.86
CA ALA C 217 21.20 22.08 51.10
C ALA C 217 21.12 22.72 52.47
N LYS C 218 19.93 22.73 53.09
CA LYS C 218 19.74 23.29 54.42
C LYS C 218 19.60 22.23 55.50
N ASN C 219 19.25 20.99 55.14
CA ASN C 219 19.36 19.84 56.04
C ASN C 219 20.04 18.70 55.29
N PRO C 220 21.37 18.73 55.21
CA PRO C 220 22.07 17.61 54.58
C PRO C 220 21.93 16.33 55.40
N ALA C 221 21.94 15.20 54.70
CA ALA C 221 21.88 13.88 55.30
C ALA C 221 22.86 12.98 54.56
N ASP C 222 23.03 11.75 55.05
CA ASP C 222 23.86 10.76 54.36
C ASP C 222 22.99 10.00 53.35
N ASP C 223 22.63 10.70 52.29
CA ASP C 223 21.82 10.14 51.22
C ASP C 223 22.60 10.17 49.92
N ILE C 224 21.90 10.19 48.79
CA ILE C 224 22.52 10.34 47.48
C ILE C 224 22.37 11.77 46.98
N VAL C 225 21.25 12.42 47.33
CA VAL C 225 21.01 13.79 46.87
C VAL C 225 22.00 14.76 47.50
N THR C 226 22.21 14.65 48.81
CA THR C 226 23.18 15.50 49.47
C THR C 226 24.56 15.36 48.82
N GLN C 227 25.01 14.12 48.63
CA GLN C 227 26.33 13.90 48.06
C GLN C 227 26.47 14.54 46.69
N LEU C 228 25.41 14.58 45.90
CA LEU C 228 25.49 15.21 44.58
C LEU C 228 25.44 16.73 44.63
N ILE C 229 24.85 17.31 45.68
CA ILE C 229 24.67 18.75 45.77
C ILE C 229 25.73 19.44 46.63
N GLN C 230 26.45 18.71 47.48
CA GLN C 230 27.53 19.28 48.27
C GLN C 230 28.88 18.95 47.63
N ALA C 231 29.79 19.91 47.69
CA ALA C 231 31.08 19.76 47.00
C ALA C 231 31.89 18.64 47.61
N ASP C 232 32.59 17.88 46.75
CA ASP C 232 33.44 16.78 47.19
C ASP C 232 34.81 17.32 47.58
N ILE C 233 35.82 16.45 47.66
CA ILE C 233 37.16 16.89 47.99
C ILE C 233 37.85 17.63 46.86
N ASP C 234 37.30 17.61 45.65
CA ASP C 234 37.80 18.43 44.55
C ASP C 234 36.90 19.62 44.26
N GLY C 235 35.88 19.86 45.08
CA GLY C 235 34.98 20.97 44.85
C GLY C 235 34.02 20.78 43.68
N GLU C 236 33.73 19.54 43.30
CA GLU C 236 32.78 19.27 42.24
C GLU C 236 31.39 19.01 42.84
N LYS C 237 30.37 19.51 42.16
CA LYS C 237 28.99 19.34 42.61
C LYS C 237 28.05 19.73 41.47
N LEU C 238 26.87 19.12 41.48
CA LEU C 238 25.83 19.52 40.55
C LEU C 238 25.23 20.85 40.93
N SER C 239 25.00 21.70 39.94
CA SER C 239 24.18 22.88 40.13
C SER C 239 22.74 22.45 40.40
N ASP C 240 21.92 23.41 40.88
CA ASP C 240 20.52 23.11 41.10
C ASP C 240 19.85 22.67 39.80
N ASP C 241 20.17 23.35 38.69
CA ASP C 241 19.62 22.95 37.40
C ASP C 241 20.14 21.57 37.00
N GLU C 242 21.43 21.32 37.20
CA GLU C 242 22.00 20.02 36.81
C GLU C 242 21.32 18.89 37.55
N PHE C 243 21.04 19.08 38.85
CA PHE C 243 20.32 18.06 39.60
C PHE C 243 18.95 17.83 39.00
N GLY C 244 18.27 18.91 38.58
CA GLY C 244 16.98 18.76 37.95
C GLY C 244 17.05 17.89 36.71
N PHE C 245 18.02 18.18 35.83
CA PHE C 245 18.16 17.38 34.62
C PHE C 245 18.65 15.96 34.91
N PHE C 246 19.35 15.76 36.03
CA PHE C 246 19.69 14.40 36.46
C PHE C 246 18.43 13.62 36.81
N VAL C 247 17.52 14.22 37.59
CA VAL C 247 16.30 13.54 37.98
C VAL C 247 15.43 13.23 36.76
N VAL C 248 15.29 14.22 35.86
CA VAL C 248 14.52 13.98 34.65
C VAL C 248 15.11 12.84 33.86
N MET C 249 16.44 12.80 33.76
CA MET C 249 17.09 11.73 33.00
C MET C 249 16.83 10.38 33.69
N LEU C 250 17.02 10.34 35.00
CA LEU C 250 16.75 9.10 35.73
C LEU C 250 15.30 8.67 35.57
N ALA C 251 14.37 9.62 35.75
CA ALA C 251 12.95 9.30 35.66
C ALA C 251 12.62 8.54 34.39
N VAL C 252 13.30 8.83 33.29
CA VAL C 252 13.15 8.04 32.07
C VAL C 252 14.12 6.87 32.05
N ALA C 253 15.39 7.11 32.42
CA ALA C 253 16.45 6.15 32.16
C ALA C 253 16.19 4.82 32.86
N GLY C 254 15.71 4.87 34.11
CA GLY C 254 15.58 3.70 34.93
C GLY C 254 14.19 3.14 35.05
N ASN C 255 13.24 3.65 34.29
CA ASN C 255 11.84 3.30 34.46
C ASN C 255 11.41 2.25 33.43
N GLU C 256 10.98 2.69 32.25
CA GLU C 256 10.44 1.75 31.27
C GLU C 256 11.49 0.74 30.81
N THR C 257 12.77 1.07 30.92
CA THR C 257 13.81 0.12 30.53
C THR C 257 13.74 -1.13 31.40
N THR C 258 13.89 -0.98 32.71
CA THR C 258 13.85 -2.15 33.58
C THR C 258 12.47 -2.81 33.54
N ARG C 259 11.41 -2.01 33.53
CA ARG C 259 10.06 -2.56 33.41
C ARG C 259 9.98 -3.59 32.28
N ASN C 260 10.52 -3.23 31.11
CA ASN C 260 10.36 -4.10 29.95
C ASN C 260 11.27 -5.33 30.02
N SER C 261 12.41 -5.21 30.71
N SER C 261 12.41 -5.22 30.71
CA SER C 261 13.22 -6.39 30.97
CA SER C 261 13.22 -6.40 30.95
C SER C 261 12.43 -7.41 31.77
C SER C 261 12.48 -7.41 31.82
N ILE C 262 11.63 -6.94 32.74
CA ILE C 262 10.85 -7.84 33.57
C ILE C 262 9.73 -8.48 32.77
N THR C 263 8.94 -7.67 32.05
CA THR C 263 7.85 -8.24 31.25
C THR C 263 8.38 -9.22 30.22
N GLN C 264 9.37 -8.81 29.43
CA GLN C 264 9.86 -9.67 28.36
C GLN C 264 10.77 -10.79 28.86
N GLY C 265 11.36 -10.62 30.04
CA GLY C 265 12.00 -11.74 30.69
C GLY C 265 11.01 -12.83 31.07
N MET C 266 9.83 -12.43 31.59
N MET C 266 9.83 -12.44 31.58
CA MET C 266 8.81 -13.42 31.92
CA MET C 266 8.81 -13.43 31.93
C MET C 266 8.20 -14.03 30.66
C MET C 266 8.16 -14.02 30.68
N MET C 267 7.99 -13.22 29.63
CA MET C 267 7.54 -13.76 28.35
C MET C 267 8.50 -14.84 27.85
N ALA C 268 9.81 -14.59 27.98
CA ALA C 268 10.78 -15.60 27.58
C ALA C 268 10.67 -16.85 28.44
N PHE C 269 10.49 -16.67 29.76
CA PHE C 269 10.33 -17.82 30.64
C PHE C 269 9.10 -18.62 30.25
N ALA C 270 7.99 -17.92 29.94
CA ALA C 270 6.76 -18.63 29.57
C ALA C 270 6.92 -19.40 28.26
N GLU C 271 7.74 -18.91 27.34
CA GLU C 271 7.98 -19.62 26.09
C GLU C 271 9.09 -20.68 26.20
N HIS C 272 9.89 -20.64 27.26
CA HIS C 272 10.95 -21.62 27.52
C HIS C 272 10.76 -22.21 28.91
N PRO C 273 9.81 -23.12 29.06
CA PRO C 273 9.50 -23.63 30.42
C PRO C 273 10.68 -24.32 31.10
N ASP C 274 11.57 -24.98 30.35
CA ASP C 274 12.72 -25.60 30.99
C ASP C 274 13.64 -24.57 31.62
N GLN C 275 13.74 -23.38 31.04
CA GLN C 275 14.54 -22.32 31.65
C GLN C 275 13.84 -21.72 32.87
N TRP C 276 12.51 -21.72 32.88
CA TRP C 276 11.79 -21.23 34.05
C TRP C 276 11.91 -22.22 35.21
N GLU C 277 11.83 -23.52 34.92
CA GLU C 277 12.04 -24.50 35.96
C GLU C 277 13.46 -24.45 36.49
N LEU C 278 14.43 -24.22 35.61
CA LEU C 278 15.82 -24.11 36.06
C LEU C 278 15.99 -22.88 36.95
N TYR C 279 15.37 -21.75 36.58
CA TYR C 279 15.52 -20.54 37.38
C TYR C 279 14.96 -20.74 38.79
N LYS C 280 13.75 -21.30 38.89
CA LYS C 280 13.15 -21.46 40.22
C LYS C 280 13.99 -22.36 41.12
N LYS C 281 14.77 -23.28 40.53
CA LYS C 281 15.55 -24.20 41.34
C LYS C 281 16.88 -23.62 41.77
N VAL C 282 17.59 -22.93 40.87
CA VAL C 282 18.95 -22.50 41.17
C VAL C 282 19.09 -20.99 41.29
N ARG C 283 18.16 -20.20 40.74
CA ARG C 283 18.19 -18.75 40.83
C ARG C 283 19.58 -18.23 40.43
N PRO C 284 20.02 -18.49 39.21
CA PRO C 284 21.40 -18.14 38.83
C PRO C 284 21.54 -16.66 38.54
N GLU C 285 22.66 -16.09 38.98
CA GLU C 285 22.90 -14.67 38.82
C GLU C 285 23.39 -14.31 37.41
N THR C 286 23.54 -15.30 36.53
CA THR C 286 23.69 -15.03 35.09
C THR C 286 22.35 -14.79 34.40
N ALA C 287 21.24 -15.02 35.10
CA ALA C 287 19.93 -14.90 34.45
C ALA C 287 19.60 -13.45 34.10
N ALA C 288 19.97 -12.52 34.99
CA ALA C 288 19.69 -11.12 34.72
C ALA C 288 20.24 -10.70 33.36
N ASP C 289 21.48 -11.09 33.05
CA ASP C 289 22.07 -10.63 31.80
C ASP C 289 21.39 -11.25 30.60
N GLU C 290 21.05 -12.54 30.67
CA GLU C 290 20.36 -13.16 29.54
C GLU C 290 18.99 -12.54 29.34
N ILE C 291 18.30 -12.23 30.44
CA ILE C 291 17.00 -11.57 30.38
C ILE C 291 17.13 -10.24 29.66
N VAL C 292 18.17 -9.47 29.98
CA VAL C 292 18.38 -8.19 29.30
C VAL C 292 18.73 -8.41 27.82
N ARG C 293 19.55 -9.41 27.51
CA ARG C 293 19.87 -9.69 26.11
C ARG C 293 18.61 -10.07 25.35
N TRP C 294 17.76 -10.90 25.95
CA TRP C 294 16.54 -11.32 25.28
C TRP C 294 15.55 -10.17 25.17
N ALA C 295 15.49 -9.32 26.19
CA ALA C 295 14.49 -8.26 26.24
C ALA C 295 14.92 -7.03 25.45
N THR C 296 16.27 -6.76 25.39
CA THR C 296 16.82 -5.55 24.78
C THR C 296 15.82 -4.39 24.83
N PRO C 297 15.59 -3.82 26.03
CA PRO C 297 14.52 -2.82 26.17
C PRO C 297 14.73 -1.58 25.33
N VAL C 298 15.98 -1.19 25.09
CA VAL C 298 16.29 -0.10 24.15
C VAL C 298 16.67 -0.74 22.83
N THR C 299 15.76 -0.66 21.86
CA THR C 299 16.00 -1.24 20.55
C THR C 299 17.22 -0.62 19.89
N ALA C 300 17.34 0.71 19.98
CA ALA C 300 18.40 1.40 19.25
C ALA C 300 18.63 2.79 19.82
N PHE C 301 19.90 3.19 19.83
CA PHE C 301 20.32 4.56 20.07
C PHE C 301 21.20 4.95 18.89
N GLN C 302 21.23 6.25 18.57
CA GLN C 302 22.01 6.73 17.43
C GLN C 302 23.21 7.56 17.89
N ARG C 303 24.14 7.76 16.96
CA ARG C 303 25.23 8.70 17.09
C ARG C 303 25.35 9.48 15.77
N THR C 304 26.21 10.50 15.75
CA THR C 304 26.47 11.28 14.56
C THR C 304 27.98 11.39 14.39
N ALA C 305 28.45 11.18 13.15
CA ALA C 305 29.89 11.20 12.88
C ALA C 305 30.37 12.65 12.80
N LEU C 306 31.34 13.00 13.63
CA LEU C 306 31.95 14.33 13.58
C LEU C 306 33.06 14.42 12.54
N ARG C 307 33.41 13.33 11.88
CA ARG C 307 34.37 13.34 10.78
C ARG C 307 34.17 12.06 9.98
N ASP C 308 34.78 12.04 8.80
CA ASP C 308 34.75 10.84 7.97
C ASP C 308 35.35 9.66 8.74
N TYR C 309 34.74 8.49 8.60
CA TYR C 309 35.19 7.33 9.34
C TYR C 309 34.81 6.07 8.56
N GLU C 310 35.78 5.18 8.38
CA GLU C 310 35.56 3.92 7.68
C GLU C 310 35.26 2.84 8.72
N LEU C 311 34.04 2.29 8.66
CA LEU C 311 33.57 1.32 9.64
C LEU C 311 33.33 -0.01 8.92
N SER C 312 34.21 -0.97 9.17
CA SER C 312 34.11 -2.30 8.55
C SER C 312 33.89 -2.19 7.04
N GLY C 313 34.74 -1.39 6.39
CA GLY C 313 34.71 -1.26 4.95
C GLY C 313 33.66 -0.34 4.39
N VAL C 314 32.89 0.33 5.25
CA VAL C 314 31.86 1.26 4.82
C VAL C 314 32.29 2.67 5.20
N GLN C 315 32.16 3.61 4.27
CA GLN C 315 32.62 4.98 4.47
C GLN C 315 31.50 5.78 5.10
N ILE C 316 31.60 6.02 6.40
CA ILE C 316 30.68 6.91 7.10
C ILE C 316 31.15 8.34 6.91
N LYS C 317 30.29 9.18 6.34
CA LYS C 317 30.66 10.55 6.04
C LYS C 317 30.27 11.48 7.20
N LYS C 318 30.96 12.61 7.28
CA LYS C 318 30.72 13.56 8.35
C LYS C 318 29.27 14.04 8.33
N GLY C 319 28.69 14.16 9.53
CA GLY C 319 27.33 14.62 9.69
C GLY C 319 26.27 13.56 9.55
N GLN C 320 26.62 12.37 9.12
CA GLN C 320 25.64 11.31 8.96
C GLN C 320 25.35 10.63 10.29
N ARG C 321 24.17 10.03 10.39
CA ARG C 321 23.75 9.33 11.59
C ARG C 321 23.97 7.84 11.43
N VAL C 322 24.51 7.21 12.48
CA VAL C 322 24.54 5.75 12.60
C VAL C 322 23.57 5.38 13.71
N VAL C 323 22.72 4.39 13.47
CA VAL C 323 21.78 3.91 14.46
C VAL C 323 22.21 2.51 14.88
N MET C 324 22.58 2.36 16.15
CA MET C 324 23.05 1.08 16.67
C MET C 324 21.83 0.26 17.09
N PHE C 325 21.56 -0.82 16.35
CA PHE C 325 20.40 -1.66 16.68
C PHE C 325 20.85 -2.75 17.65
N TYR C 326 20.77 -2.41 18.95
CA TYR C 326 21.08 -3.40 19.97
C TYR C 326 20.25 -4.67 19.77
N ARG C 327 19.00 -4.53 19.31
CA ARG C 327 18.14 -5.69 19.10
C ARG C 327 18.75 -6.65 18.08
N SER C 328 19.45 -6.13 17.08
CA SER C 328 20.14 -6.99 16.13
C SER C 328 21.46 -7.51 16.71
N ALA C 329 22.26 -6.61 17.29
CA ALA C 329 23.56 -6.99 17.82
C ALA C 329 23.44 -8.09 18.86
N ASN C 330 22.35 -8.11 19.62
CA ASN C 330 22.19 -9.07 20.70
C ASN C 330 21.80 -10.45 20.19
N PHE C 331 21.58 -10.60 18.89
CA PHE C 331 21.34 -11.90 18.26
C PHE C 331 22.33 -12.13 17.12
N ASP C 332 23.49 -11.49 17.19
CA ASP C 332 24.57 -11.68 16.23
C ASP C 332 25.03 -13.13 16.21
N GLU C 333 24.80 -13.80 15.07
CA GLU C 333 25.15 -15.21 14.96
C GLU C 333 26.66 -15.47 15.05
N GLU C 334 27.49 -14.48 14.70
CA GLU C 334 28.93 -14.67 14.78
C GLU C 334 29.47 -14.53 16.21
N VAL C 335 28.74 -13.87 17.10
CA VAL C 335 29.21 -13.60 18.44
C VAL C 335 28.65 -14.61 19.43
N PHE C 336 27.40 -15.05 19.24
CA PHE C 336 26.71 -15.86 20.25
C PHE C 336 26.61 -17.33 19.88
N GLN C 337 26.79 -17.69 18.62
CA GLN C 337 26.74 -19.09 18.18
C GLN C 337 25.34 -19.70 18.27
N ASP C 338 24.65 -19.45 19.39
N ASP C 338 24.62 -19.44 19.37
CA ASP C 338 23.31 -19.98 19.64
CA ASP C 338 23.22 -19.85 19.51
C ASP C 338 22.40 -18.84 20.10
C ASP C 338 22.40 -18.68 20.01
N PRO C 339 22.24 -17.81 19.27
N PRO C 339 22.22 -17.65 19.18
CA PRO C 339 21.62 -16.57 19.77
CA PRO C 339 21.58 -16.41 19.66
C PRO C 339 20.13 -16.71 20.07
C PRO C 339 20.10 -16.57 19.96
N PHE C 340 19.40 -17.46 19.26
CA PHE C 340 17.97 -17.65 19.48
C PHE C 340 17.68 -18.65 20.59
N THR C 341 18.70 -19.14 21.28
CA THR C 341 18.51 -19.93 22.48
C THR C 341 18.43 -19.00 23.69
N PHE C 342 17.41 -19.20 24.53
CA PHE C 342 17.29 -18.48 25.80
C PHE C 342 17.97 -19.34 26.85
N ASN C 343 19.16 -18.91 27.31
CA ASN C 343 20.00 -19.69 28.20
C ASN C 343 20.39 -18.83 29.41
N ILE C 344 19.71 -19.03 30.53
CA ILE C 344 19.96 -18.19 31.71
C ILE C 344 21.29 -18.48 32.38
N LEU C 345 21.97 -19.55 31.98
CA LEU C 345 23.34 -19.81 32.41
C LEU C 345 24.38 -19.32 31.40
N ARG C 346 23.98 -18.52 30.42
CA ARG C 346 24.93 -18.04 29.40
C ARG C 346 26.07 -17.31 30.08
N ASN C 347 27.31 -17.75 29.79
CA ASN C 347 28.50 -17.19 30.43
C ASN C 347 29.72 -17.62 29.63
N PRO C 348 30.47 -16.67 29.04
CA PRO C 348 30.27 -15.22 29.06
C PRO C 348 29.05 -14.78 28.26
N ASN C 349 28.62 -13.54 28.47
CA ASN C 349 27.43 -13.01 27.79
C ASN C 349 27.76 -11.59 27.36
N PRO C 350 28.38 -11.42 26.20
CA PRO C 350 28.80 -10.06 25.79
C PRO C 350 27.69 -9.23 25.17
N HIS C 351 26.49 -9.30 25.74
CA HIS C 351 25.36 -8.59 25.17
C HIS C 351 25.54 -7.07 25.31
N VAL C 352 24.82 -6.33 24.47
CA VAL C 352 24.91 -4.87 24.46
C VAL C 352 23.54 -4.27 24.81
N GLY C 353 22.76 -4.99 25.63
CA GLY C 353 21.51 -4.43 26.09
C GLY C 353 21.69 -3.16 26.90
N PHE C 354 22.80 -3.05 27.61
CA PHE C 354 23.18 -1.83 28.32
C PHE C 354 24.02 -0.91 27.45
N GLY C 355 24.09 -1.17 26.15
CA GLY C 355 24.92 -0.43 25.24
C GLY C 355 26.23 -1.13 24.98
N GLY C 356 27.01 -0.54 24.09
CA GLY C 356 28.38 -0.97 23.92
C GLY C 356 29.30 -0.33 24.95
N THR C 357 30.35 -1.05 25.32
CA THR C 357 31.33 -0.51 26.24
C THR C 357 31.85 0.82 25.74
N GLY C 358 31.82 1.83 26.61
CA GLY C 358 32.28 3.15 26.22
C GLY C 358 31.89 4.18 27.26
N ALA C 359 31.96 5.45 26.85
CA ALA C 359 31.77 6.55 27.78
C ALA C 359 30.34 6.58 28.33
N HIS C 360 29.36 6.14 27.55
CA HIS C 360 27.95 6.29 27.90
C HIS C 360 27.32 4.99 28.38
N TYR C 361 28.13 3.96 28.64
CA TYR C 361 27.61 2.69 29.13
C TYR C 361 26.69 2.89 30.33
N CYS C 362 25.55 2.22 30.31
CA CYS C 362 24.50 2.43 31.29
C CYS C 362 25.07 2.44 32.70
N ILE C 363 24.99 3.59 33.38
CA ILE C 363 25.52 3.70 34.73
C ILE C 363 24.71 2.89 35.72
N GLY C 364 23.44 2.62 35.43
CA GLY C 364 22.59 1.93 36.39
C GLY C 364 22.42 0.45 36.10
N ALA C 365 23.37 -0.13 35.35
CA ALA C 365 23.23 -1.52 34.94
C ALA C 365 23.20 -2.46 36.15
N ASN C 366 23.98 -2.14 37.19
CA ASN C 366 24.00 -2.99 38.37
C ASN C 366 22.70 -2.84 39.16
N LEU C 367 22.12 -1.63 39.20
CA LEU C 367 20.81 -1.45 39.83
C LEU C 367 19.73 -2.19 39.03
N ALA C 368 19.81 -2.16 37.71
CA ALA C 368 18.85 -2.90 36.88
C ALA C 368 18.95 -4.40 37.16
N ARG C 369 20.18 -4.95 37.18
CA ARG C 369 20.35 -6.37 37.43
C ARG C 369 19.78 -6.76 38.78
N MET C 370 20.08 -5.97 39.82
CA MET C 370 19.50 -6.23 41.13
C MET C 370 17.98 -6.22 41.08
N THR C 371 17.41 -5.18 40.46
CA THR C 371 15.95 -5.08 40.36
C THR C 371 15.39 -6.33 39.68
N ILE C 372 16.00 -6.75 38.57
CA ILE C 372 15.55 -7.94 37.86
C ILE C 372 15.67 -9.16 38.77
N ASN C 373 16.82 -9.34 39.40
CA ASN C 373 17.00 -10.50 40.25
C ASN C 373 15.99 -10.54 41.40
N LEU C 374 15.74 -9.39 42.03
CA LEU C 374 14.83 -9.37 43.17
C LEU C 374 13.38 -9.66 42.75
N ILE C 375 12.93 -9.11 41.62
CA ILE C 375 11.52 -9.33 41.24
C ILE C 375 11.33 -10.75 40.74
N PHE C 376 12.32 -11.30 40.01
CA PHE C 376 12.14 -12.67 39.53
C PHE C 376 12.31 -13.71 40.66
N ASN C 377 13.11 -13.41 41.68
CA ASN C 377 13.10 -14.25 42.86
C ASN C 377 11.72 -14.20 43.54
N ALA C 378 11.11 -13.01 43.60
CA ALA C 378 9.81 -12.89 44.25
C ALA C 378 8.72 -13.57 43.44
N VAL C 379 8.78 -13.48 42.11
CA VAL C 379 7.82 -14.20 41.27
C VAL C 379 7.98 -15.71 41.45
N ALA C 380 9.23 -16.19 41.45
CA ALA C 380 9.46 -17.62 41.67
C ALA C 380 8.91 -18.06 43.02
N ASP C 381 9.03 -17.22 44.04
CA ASP C 381 8.58 -17.59 45.38
C ASP C 381 7.04 -17.64 45.45
N HIS C 382 6.37 -16.66 44.85
CA HIS C 382 4.95 -16.48 45.10
C HIS C 382 4.04 -16.94 43.97
N MET C 383 4.55 -17.09 42.75
CA MET C 383 3.74 -17.48 41.59
C MET C 383 4.52 -18.44 40.70
N PRO C 384 4.98 -19.57 41.25
CA PRO C 384 5.84 -20.46 40.45
C PRO C 384 5.15 -21.09 39.25
N ASP C 385 3.82 -21.08 39.19
CA ASP C 385 3.08 -21.76 38.13
C ASP C 385 2.30 -20.79 37.22
N LEU C 386 2.69 -19.52 37.22
CA LEU C 386 1.99 -18.55 36.40
C LEU C 386 2.11 -18.93 34.93
N LYS C 387 1.09 -18.53 34.15
CA LYS C 387 0.95 -18.88 32.75
C LYS C 387 0.29 -17.70 32.05
N PRO C 388 0.70 -17.37 30.83
CA PRO C 388 0.03 -16.26 30.13
C PRO C 388 -1.40 -16.64 29.76
N ILE C 389 -2.26 -15.62 29.76
CA ILE C 389 -3.63 -15.77 29.28
C ILE C 389 -3.77 -15.31 27.84
N SER C 390 -3.28 -14.10 27.54
CA SER C 390 -3.48 -13.47 26.25
C SER C 390 -2.15 -12.94 25.72
N ALA C 391 -2.13 -12.57 24.46
CA ALA C 391 -0.92 -12.07 23.85
C ALA C 391 -0.57 -10.69 24.41
N PRO C 392 0.71 -10.37 24.53
CA PRO C 392 1.07 -9.02 24.99
C PRO C 392 0.74 -7.95 23.96
N GLU C 393 0.49 -6.73 24.46
CA GLU C 393 0.23 -5.57 23.62
C GLU C 393 1.50 -4.73 23.53
N ARG C 394 2.04 -4.59 22.33
CA ARG C 394 3.32 -3.91 22.16
C ARG C 394 3.12 -2.39 22.07
N LEU C 395 4.21 -1.66 22.33
CA LEU C 395 4.20 -0.21 22.35
C LEU C 395 4.61 0.36 21.01
N ARG C 396 3.87 1.38 20.55
CA ARG C 396 4.24 2.06 19.32
C ARG C 396 5.35 3.05 19.63
N SER C 397 6.56 2.75 19.15
CA SER C 397 7.73 3.57 19.40
C SER C 397 8.82 3.12 18.44
N GLY C 398 9.67 4.06 18.05
CA GLY C 398 10.72 3.79 17.09
C GLY C 398 12.07 3.43 17.68
N TRP C 399 12.17 3.27 19.00
CA TRP C 399 13.45 3.00 19.64
C TRP C 399 13.27 2.26 20.97
N LEU C 400 12.13 2.44 21.62
CA LEU C 400 11.84 1.71 22.85
C LEU C 400 11.05 0.45 22.49
N ASN C 401 11.48 -0.67 23.04
CA ASN C 401 10.83 -1.98 22.86
C ASN C 401 9.97 -2.21 24.08
N GLY C 402 8.69 -1.86 23.98
CA GLY C 402 7.81 -1.80 25.14
C GLY C 402 6.63 -2.74 25.06
N ILE C 403 6.25 -3.29 26.22
CA ILE C 403 5.02 -4.05 26.36
C ILE C 403 4.09 -3.24 27.25
N LYS C 404 2.96 -2.82 26.70
CA LYS C 404 2.00 -2.02 27.45
C LYS C 404 1.17 -2.86 28.40
N HIS C 405 0.70 -4.02 27.94
CA HIS C 405 -0.16 -4.87 28.75
C HIS C 405 0.11 -6.33 28.40
N TRP C 406 -0.14 -7.22 29.37
CA TRP C 406 0.06 -8.65 29.17
C TRP C 406 -0.74 -9.37 30.24
N GLN C 407 -1.81 -10.05 29.85
CA GLN C 407 -2.69 -10.70 30.80
C GLN C 407 -2.13 -12.07 31.20
N VAL C 408 -2.08 -12.32 32.51
CA VAL C 408 -1.39 -13.50 33.04
C VAL C 408 -2.22 -14.10 34.17
N ASP C 409 -2.31 -15.44 34.17
CA ASP C 409 -2.89 -16.18 35.28
C ASP C 409 -1.78 -16.52 36.27
N TYR C 410 -1.76 -15.81 37.40
CA TYR C 410 -0.64 -15.95 38.33
C TYR C 410 -0.64 -17.30 39.04
N THR C 411 -1.81 -17.90 39.22
CA THR C 411 -1.92 -19.16 39.95
C THR C 411 -1.77 -20.39 39.05
N GLY C 412 -2.07 -20.26 37.76
CA GLY C 412 -1.96 -21.39 36.85
C GLY C 412 -3.13 -22.35 36.93
C01 JFC D . -9.56 7.66 -18.15
C02 JFC D . -8.58 7.59 -19.31
C04 JFC D . -9.10 8.47 -21.43
C06 JFC D . -8.86 9.51 -22.54
C07 JFC D . -8.02 10.63 -22.47
C08 JFC D . -8.10 11.29 -23.73
C09 JFC D . -7.51 12.46 -24.29
C10 JFC D . -7.81 12.84 -25.61
C11 JFC D . -7.27 13.98 -26.22
C12 JFC D . -7.11 14.02 -27.59
C13 JFC D . -6.57 15.16 -28.17
C15 JFC D . -6.32 16.17 -26.14
C16 JFC D . -6.86 15.06 -25.47
C17 JFC D . -8.70 12.08 -26.36
C18 JFC D . -9.28 10.94 -25.83
C19 JFC D . -8.97 10.54 -24.49
C21 JFC D . -10.36 8.50 -24.27
C22 JFC D . -9.75 7.21 -24.80
C24 JFC D . -10.09 5.55 -26.24
C25 JFC D . -11.03 4.43 -26.73
C27 JFC D . -12.04 4.63 -24.66
C28 JFC D . -11.69 6.12 -24.61
N14 JFC D . -6.20 16.22 -27.46
N20 JFC D . -9.40 9.48 -23.76
N23 JFC D . -10.65 6.52 -25.42
O03 JFC D . -8.75 8.73 -20.11
O05 JFC D . -9.61 7.42 -21.71
O26 JFC D . -12.18 4.22 -25.98
H013 JFC D . -9.18 7.24 -17.41
H012 JFC D . -10.36 7.23 -18.39
H011 JFC D . -9.74 8.57 -17.95
H022 JFC D . -8.76 6.82 -19.83
H021 JFC D . -7.70 7.55 -18.98
H071 JFC D . -7.50 10.89 -21.76
H091 JFC D . -6.92 12.97 -23.79
H121 JFC D . -7.37 13.30 -28.12
H131 JFC D . -6.46 15.17 -29.09
H151 JFC D . -6.04 16.89 -25.64
H161 JFC D . -6.95 15.06 -24.55
H171 JFC D . -8.90 12.33 -27.23
H181 JFC D . -9.86 10.43 -26.33
H211 JFC D . -10.84 8.93 -25.00
H212 JFC D . -10.97 8.28 -23.56
H221 JFC D . -9.41 6.69 -24.06
H222 JFC D . -9.03 7.41 -25.41
H241 JFC D . -9.37 5.13 -25.75
H242 JFC D . -9.74 5.99 -27.03
H252 JFC D . -11.29 4.63 -27.63
H251 JFC D . -10.52 3.59 -26.72
H271 JFC D . -12.88 4.48 -24.19
H272 JFC D . -11.34 4.12 -24.24
H281 JFC D . -11.47 6.34 -23.68
H282 JFC D . -12.48 6.62 -24.86
CHA HEM E . -6.29 20.40 -26.19
CHB HEM E . -5.18 19.93 -30.89
CHC HEM E . -0.62 18.90 -29.69
CHD HEM E . -1.85 18.92 -25.02
C1A HEM E . -6.37 20.37 -27.54
C2A HEM E . -7.58 20.66 -28.31
C3A HEM E . -7.26 20.52 -29.62
C4A HEM E . -5.88 20.16 -29.72
CMA HEM E . -8.22 20.70 -30.80
CAA HEM E . -8.95 21.07 -27.72
CBA HEM E . -9.01 22.59 -27.69
CGA HEM E . -10.40 23.09 -27.37
O1A HEM E . -10.58 24.34 -27.44
O2A HEM E . -11.29 22.27 -27.04
C1B HEM E . -3.86 19.62 -30.99
C2B HEM E . -3.11 19.43 -32.22
C3B HEM E . -1.83 19.16 -31.88
C4B HEM E . -1.75 19.15 -30.42
CMB HEM E . -3.69 19.52 -33.64
CAB HEM E . -0.63 18.90 -32.79
CBB HEM E . -0.57 19.41 -34.01
C1C HEM E . -0.53 18.80 -28.33
C2C HEM E . 0.66 18.47 -27.58
C3C HEM E . 0.33 18.49 -26.27
C4C HEM E . -1.10 18.82 -26.19
CMC HEM E . 2.05 18.21 -28.21
CAC HEM E . 1.20 18.20 -25.03
CBC HEM E . 2.35 17.55 -25.15
C1D HEM E . -3.14 19.31 -24.92
C2D HEM E . -3.92 19.39 -23.67
C3D HEM E . -5.16 19.81 -23.99
C4D HEM E . -5.20 19.99 -25.44
CMD HEM E . -3.35 19.06 -22.27
CAD HEM E . -6.34 20.08 -23.01
CBD HEM E . -6.38 21.54 -22.64
CGD HEM E . -7.61 21.81 -21.77
O1D HEM E . -8.58 21.02 -21.85
O2D HEM E . -7.61 22.83 -21.06
NA HEM E . -5.36 20.07 -28.44
NB HEM E . -2.98 19.44 -29.95
NC HEM E . -1.58 19.01 -27.43
ND HEM E . -3.98 19.67 -25.95
FE HEM E . -3.44 19.69 -27.94
HHB HEM E . -5.68 19.98 -31.72
HHC HEM E . 0.21 18.79 -30.19
HHD HEM E . -1.39 18.69 -24.19
HMA HEM E . -7.74 20.55 -31.64
HMAA HEM E . -8.59 21.61 -30.79
HMAB HEM E . -8.96 20.06 -30.72
HAA HEM E . -9.03 20.72 -26.82
HAAA HEM E . -9.66 20.72 -28.27
HBA HEM E . -8.75 22.93 -28.57
HBAA HEM E . -8.38 22.92 -27.02
HMB HEM E . -4.56 19.10 -33.67
HMBA HEM E . -3.10 19.09 -34.26
HMBB HEM E . -3.78 20.46 -33.88
HAB HEM E . 0.09 18.35 -32.47
HBB HEM E . 0.19 19.23 -34.58
HBBA HEM E . -1.31 19.96 -34.34
HMC HEM E . 2.74 18.40 -27.56
HMCA HEM E . 2.16 18.80 -28.97
HMCB HEM E . 2.11 17.29 -28.49
HAC HEM E . 0.91 18.49 -24.17
HBC HEM E . 2.89 17.39 -24.36
HBCA HEM E . 2.66 17.26 -26.02
HMD HEM E . -4.00 19.32 -21.58
HMDA HEM E . -2.51 19.55 -22.13
HMDB HEM E . -3.17 18.09 -22.21
HAD HEM E . -6.21 19.54 -22.21
HADA HEM E . -7.17 19.83 -23.44
HBD HEM E . -6.44 22.07 -23.45
HBDA HEM E . -5.58 21.77 -22.14
HHA HEM E . -7.06 20.74 -25.70
S SO4 F . -19.76 36.87 -28.55
O1 SO4 F . -19.05 36.88 -27.26
O2 SO4 F . -21.03 37.57 -28.42
O3 SO4 F . -18.94 37.52 -29.56
O4 SO4 F . -20.01 35.50 -28.96
S SO4 G . -18.07 -0.16 -42.97
O1 SO4 G . -19.10 0.72 -42.41
O2 SO4 G . -16.93 -0.19 -42.03
O3 SO4 G . -17.63 0.34 -44.29
O4 SO4 G . -18.63 -1.50 -43.13
S SO4 H . -24.20 12.96 -14.93
O1 SO4 H . -23.24 11.93 -14.55
O2 SO4 H . -23.80 14.24 -14.32
O3 SO4 H . -25.53 12.58 -14.45
O4 SO4 H . -24.22 13.10 -16.40
S SO4 I . 2.51 24.13 -55.97
O1 SO4 I . 1.24 23.37 -55.88
O2 SO4 I . 3.08 24.38 -54.66
O3 SO4 I . 2.25 25.43 -56.60
O4 SO4 I . 3.48 23.38 -56.77
S SO4 J . -32.48 20.51 -43.21
O1 SO4 J . -33.93 20.73 -43.08
O2 SO4 J . -31.95 20.06 -41.93
O3 SO4 J . -32.27 19.48 -44.23
O4 SO4 J . -31.83 21.76 -43.61
C01 JFC K . -18.03 -31.38 10.57
C02 JFC K . -18.55 -29.95 10.40
C04 JFC K . -16.78 -28.43 10.06
C06 JFC K . -15.95 -27.47 9.19
C07 JFC K . -16.36 -26.84 8.01
C08 JFC K . -15.26 -26.06 7.56
C09 JFC K . -15.03 -25.19 6.45
C10 JFC K . -13.79 -24.55 6.29
C11 JFC K . -13.54 -23.70 5.23
C12 JFC K . -14.12 -23.91 3.99
C13 JFC K . -13.82 -23.03 2.97
C15 JFC K . -12.44 -21.80 4.33
C16 JFC K . -12.68 -22.63 5.40
C17 JFC K . -12.78 -24.76 7.24
C18 JFC K . -13.01 -25.59 8.33
C19 JFC K . -14.26 -26.24 8.48
C21 JFC K . -13.90 -27.54 10.56
C22 JFC K . -13.98 -26.64 11.80
C24 JFC K . -13.89 -28.10 13.46
C25 JFC K . -12.96 -28.74 14.50
C27 JFC K . -11.66 -26.84 14.50
C28 JFC K . -12.58 -26.19 13.47
N14 JFC K . -13.00 -22.00 3.14
N20 JFC K . -14.71 -27.09 9.44
N23 JFC K . -13.23 -27.15 12.70
O03 JFC K . -17.74 -29.28 9.48
O05 JFC K . -16.58 -28.45 11.23
O26 JFC K . -12.31 -27.80 15.27
H013 JFC K . -17.60 -31.65 9.77
H012 JFC K . -18.74 -31.96 10.74
H011 JFC K . -17.42 -31.40 11.28
H022 JFC K . -19.44 -29.98 10.07
H021 JFC K . -18.54 -29.51 11.23
H071 JFC K . -17.19 -26.92 7.60
H091 JFC K . -15.71 -25.04 5.83
H121 JFC K . -14.70 -24.63 3.85
H131 JFC K . -14.21 -23.15 2.14
H151 JFC K . -11.87 -21.07 4.43
H161 JFC K . -12.27 -22.47 6.21
H171 JFC K . -11.96 -24.32 7.14
H181 JFC K . -12.34 -25.73 8.96
H211 JFC K . -14.19 -28.42 10.82
H212 JFC K . -12.98 -27.57 10.28
H221 JFC K . -14.90 -26.60 12.12
H222 JFC K . -13.67 -25.75 11.58
H241 JFC K . -14.63 -27.67 13.92
H242 JFC K . -14.24 -28.79 12.87
H252 JFC K . -12.30 -29.28 14.03
H251 JFC K . -13.49 -29.32 15.07
H271 JFC K . -10.92 -27.26 14.04
H272 JFC K . -11.32 -26.14 15.09
H281 JFC K . -12.06 -25.62 12.88
H282 JFC K . -13.25 -25.66 13.93
CHA HEM L . -13.04 -22.85 -1.07
CHB HEM L . -10.90 -18.63 -0.05
CHC HEM L . -15.18 -16.37 -0.01
CHD HEM L . -17.33 -20.73 -0.30
C1A HEM L . -12.08 -21.91 -0.85
C2A HEM L . -10.65 -22.10 -0.95
C3A HEM L . -10.06 -20.91 -0.65
C4A HEM L . -11.10 -19.95 -0.38
CMA HEM L . -8.53 -20.64 -0.60
CAA HEM L . -9.94 -23.41 -1.29
CBA HEM L . -9.42 -23.31 -2.72
CGA HEM L . -8.64 -24.55 -3.10
O1A HEM L . -8.32 -24.70 -4.30
O2A HEM L . -8.38 -25.41 -2.20
C1B HEM L . -11.86 -17.66 0.00
C2B HEM L . -11.59 -16.25 0.16
C3B HEM L . -12.75 -15.60 0.20
C4B HEM L . -13.82 -16.58 0.06
CMB HEM L . -10.20 -15.58 0.29
CAB HEM L . -12.76 -14.05 0.32
CBB HEM L . -13.89 -13.37 0.40
C1C HEM L . -16.16 -17.36 -0.07
C2C HEM L . -17.60 -17.17 -0.02
C3C HEM L . -18.19 -18.38 -0.09
C4C HEM L . -17.14 -19.37 -0.18
CMC HEM L . -18.28 -15.79 0.12
CAC HEM L . -19.69 -18.78 -0.05
CBC HEM L . -20.63 -17.97 0.44
C1D HEM L . -16.37 -21.68 -0.54
C2D HEM L . -16.59 -23.11 -0.68
C3D HEM L . -15.39 -23.69 -0.89
C4D HEM L . -14.38 -22.66 -0.89
CMD HEM L . -17.96 -23.84 -0.59
CAD HEM L . -15.11 -25.21 -1.11
CBD HEM L . -14.93 -25.45 -2.62
CGD HEM L . -14.48 -26.86 -2.89
O1D HEM L . -14.74 -27.38 -3.99
O2D HEM L . -13.87 -27.48 -1.99
NA HEM L . -12.31 -20.57 -0.51
NB HEM L . -13.25 -17.84 -0.06
NC HEM L . -15.93 -18.71 -0.18
ND HEM L . -15.01 -21.43 -0.69
FE HEM L . -14.15 -19.60 -0.42
HHB HEM L . -9.98 -18.36 0.18
HHC HEM L . -15.49 -15.44 -0.01
HHD HEM L . -18.25 -21.05 -0.19
HMA HEM L . -8.11 -21.22 0.07
HMAA HEM L . -8.38 -19.70 -0.36
HMAB HEM L . -8.13 -20.82 -1.48
HAA HEM L . -10.55 -24.15 -1.22
HAAA HEM L . -9.18 -23.56 -0.69
HBA HEM L . -8.84 -22.53 -2.80
HBAA HEM L . -10.18 -23.21 -3.33
HMB HEM L . -9.56 -16.25 0.59
HMBA HEM L . -10.25 -14.87 0.95
HMBB HEM L . -9.93 -15.23 -0.56
HAB HEM L . -11.93 -13.57 0.35
HBB HEM L . -13.86 -12.41 0.48
HBBA HEM L . -14.74 -13.83 0.38
HMC HEM L . -19.20 -15.86 -0.19
HMCA HEM L . -17.80 -15.14 -0.43
HMCB HEM L . -18.26 -15.52 1.04
HAC HEM L . -19.94 -19.64 -0.39
HBC HEM L . -21.55 -18.26 0.46
HBCA HEM L . -20.39 -17.09 0.79
HMD HEM L . -17.83 -24.79 -0.79
HMDA HEM L . -18.58 -23.46 -1.25
HMDB HEM L . -18.33 -23.74 0.30
HAD HEM L . -15.85 -25.73 -0.79
HADA HEM L . -14.30 -25.46 -0.64
HBD HEM L . -14.26 -24.82 -2.96
HBDA HEM L . -15.77 -25.28 -3.07
HHA HEM L . -12.74 -23.74 -1.39
S SO4 M . -1.75 -25.85 21.58
O1 SO4 M . -2.98 -25.45 22.27
O2 SO4 M . -0.95 -26.71 22.47
O3 SO4 M . -0.99 -24.66 21.21
O4 SO4 M . -2.10 -26.62 20.39
S SO4 N . 4.22 -37.62 17.74
O1 SO4 N . 4.36 -37.60 19.20
O2 SO4 N . 3.72 -36.32 17.27
O3 SO4 N . 5.52 -37.90 17.12
O4 SO4 N . 3.27 -38.67 17.37
S SO4 O . 0.73 -19.50 22.34
O1 SO4 O . -0.06 -19.86 23.53
O2 SO4 O . 1.99 -18.85 22.77
O3 SO4 O . 1.07 -20.72 21.60
O4 SO4 O . -0.03 -18.59 21.49
C01 JFC P . 14.32 18.30 28.56
C02 JFC P . 14.31 17.07 29.48
C04 JFC P . 14.02 15.06 28.27
C06 JFC P . 14.47 13.62 28.09
C07 JFC P . 15.25 12.88 28.98
C08 JFC P . 15.42 11.59 28.40
C09 JFC P . 16.10 10.40 28.79
C10 JFC P . 16.07 9.28 27.97
C11 JFC P . 16.72 8.09 28.30
C12 JFC P . 17.91 8.13 29.03
C13 JFC P . 18.54 6.93 29.33
C15 JFC P . 16.91 5.71 28.22
C16 JFC P . 16.22 6.87 27.89
C17 JFC P . 15.37 9.31 26.76
C18 JFC P . 14.70 10.46 26.38
C19 JFC P . 14.74 11.62 27.21
C21 JFC P . 13.38 13.23 25.90
C22 JFC P . 11.89 12.90 26.02
C24 JFC P . 11.07 14.33 24.56
C25 JFC P . 10.36 14.47 23.21
C27 JFC P . 9.49 12.36 23.45
C28 JFC P . 10.21 12.21 24.80
N14 JFC P . 18.04 5.76 28.92
N20 JFC P . 14.17 12.84 27.06
N23 JFC P . 11.34 13.01 24.87
O03 JFC P . 14.91 16.01 28.79
O05 JFC P . 12.92 15.39 27.93
O26 JFC P . 9.23 13.68 23.13
H013 JFC P . 14.43 19.08 29.09
H012 JFC P . 15.05 18.24 27.96
H011 JFC P . 13.52 18.35 28.08
H022 JFC P . 14.80 17.26 30.27
H021 JFC P . 13.43 16.85 29.69
H071 JFC P . 15.59 13.17 29.79
H091 JFC P . 16.56 10.38 29.59
H121 JFC P . 18.27 8.93 29.31
H131 JFC P . 19.33 6.93 29.81
H151 JFC P . 16.58 4.90 27.96
H161 JFC P . 15.44 6.83 27.39
H171 JFC P . 15.35 8.56 26.21
H181 JFC P . 14.23 10.48 25.58
H211 JFC P . 13.48 14.19 25.78
H212 JFC P . 13.73 12.77 25.12
H221 JFC P . 11.79 11.99 26.35
H222 JFC P . 11.47 13.52 26.65
H241 JFC P . 11.91 14.82 24.53
H242 JFC P . 10.51 14.71 25.25
H252 JFC P . 10.11 15.39 23.08
H251 JFC P . 10.97 14.20 22.50
H271 JFC P . 10.04 11.98 22.76
H272 JFC P . 8.64 11.88 23.50
H281 JFC P . 10.47 11.29 24.91
H282 JFC P . 9.59 12.47 25.51
CHA HEM Q . 22.35 4.79 29.69
CHB HEM Q . 19.97 0.64 28.84
CHC HEM Q . 18.47 0.61 33.46
CHD HEM Q . 20.31 5.05 34.10
C1A HEM Q . 21.86 3.67 29.05
C2A HEM Q . 22.12 3.26 27.68
C3A HEM Q . 21.46 2.12 27.44
C4A HEM Q . 20.76 1.75 28.67
CMA HEM Q . 21.43 1.33 26.12
CAA HEM Q . 23.00 4.01 26.65
CBA HEM Q . 24.35 3.29 26.63
CGA HEM Q . 25.25 3.92 25.57
O1A HEM Q . 26.39 3.43 25.42
O2A HEM Q . 24.83 4.90 24.92
C1B HEM Q . 19.37 0.25 30.02
C2B HEM Q . 18.61 -0.96 30.23
C3B HEM Q . 18.16 -0.95 31.51
C4B HEM Q . 18.67 0.26 32.14
CMB HEM Q . 18.33 -2.02 29.17
CAB HEM Q . 17.34 -2.02 32.27
CBB HEM Q . 17.33 -3.30 31.90
C1C HEM Q . 18.84 1.79 34.05
C2C HEM Q . 18.59 2.19 35.40
C3C HEM Q . 19.11 3.42 35.59
C4C HEM Q . 19.69 3.84 34.34
CMC HEM Q . 17.85 1.30 36.45
CAC HEM Q . 19.08 4.30 36.83
CBC HEM Q . 18.17 4.11 37.81
C1D HEM Q . 21.03 5.37 32.97
C2D HEM Q . 21.72 6.61 32.72
C3D HEM Q . 22.28 6.55 31.50
C4D HEM Q . 21.95 5.25 30.93
CMD HEM Q . 21.82 7.80 33.71
CAD HEM Q . 23.13 7.64 30.81
CBD HEM Q . 24.60 7.22 30.92
CGD HEM Q . 25.48 8.20 30.18
O1D HEM Q . 24.97 8.95 29.30
O2D HEM Q . 26.70 8.22 30.47
NA HEM Q . 21.05 2.72 29.61
NB HEM Q . 19.41 0.97 31.20
NC HEM Q . 19.52 2.82 33.42
ND HEM Q . 21.18 4.57 31.86
FE HEM Q . 20.44 2.69 31.52
HHB HEM Q . 19.82 0.06 28.06
HHC HEM Q . 18.02 -0.05 34.03
HHD HEM Q . 20.24 5.73 34.80
HMA HEM Q . 20.87 0.53 26.22
HMAA HEM Q . 22.35 1.05 25.89
HMAB HEM Q . 21.07 1.89 25.41
HAA HEM Q . 23.13 4.93 26.92
HAAA HEM Q . 22.59 3.98 25.77
HBA HEM Q . 24.21 2.34 26.41
HBAA HEM Q . 24.78 3.36 27.50
HMB HEM Q . 18.09 -1.59 28.34
HMBA HEM Q . 17.60 -2.59 29.46
HMBB HEM Q . 19.12 -2.56 29.04
HAB HEM Q . 16.82 -1.75 33.04
HBB HEM Q . 16.80 -3.94 32.40
HBBA HEM Q . 17.84 -3.59 31.14
HMC HEM Q . 18.08 1.61 37.35
HMCA HEM Q . 18.15 0.38 36.35
HMCB HEM Q . 16.90 1.36 36.33
HAC HEM Q . 19.72 5.01 36.92
HBC HEM Q . 18.18 4.69 38.59
HBCA HEM Q . 17.51 3.40 37.74
HMD HEM Q . 22.46 8.46 33.38
HMDA HEM Q . 22.13 7.47 34.59
HMDB HEM Q . 20.94 8.21 33.82
HAD HEM Q . 23.00 8.49 31.25
HADA HEM Q . 22.88 7.71 29.88
HBD HEM Q . 24.71 6.34 30.53
HBDA HEM Q . 24.86 7.20 31.85
HHA HEM Q . 23.03 5.31 29.22
S SO4 R . 1.15 4.30 11.91
O1 SO4 R . 1.25 3.74 13.26
O2 SO4 R . 0.16 5.39 11.89
O3 SO4 R . 0.73 3.27 10.96
O4 SO4 R . 2.45 4.84 11.52
S SO4 S . 12.85 -24.71 26.65
O1 SO4 S . 13.41 -23.96 27.77
O2 SO4 S . 11.68 -25.49 27.11
O3 SO4 S . 13.87 -25.63 26.13
O4 SO4 S . 12.42 -23.80 25.60
S SO4 T . 12.81 17.04 4.78
O1 SO4 T . 12.85 15.90 5.69
O2 SO4 T . 13.08 18.28 5.51
O3 SO4 T . 11.49 17.12 4.17
O4 SO4 T . 13.85 16.87 3.76
S SO4 U . 4.14 10.51 13.44
O1 SO4 U . 3.71 9.73 14.61
O2 SO4 U . 4.12 11.93 13.77
O3 SO4 U . 3.21 10.27 12.32
O4 SO4 U . 5.49 10.11 13.05
#